data_9B6U
#
_entry.id   9B6U
#
_cell.length_a   1.00
_cell.length_b   1.00
_cell.length_c   1.00
_cell.angle_alpha   90.00
_cell.angle_beta   90.00
_cell.angle_gamma   90.00
#
_symmetry.space_group_name_H-M   'P 1'
#
loop_
_entity.id
_entity.type
_entity.pdbx_description
1 polymer 'Envelope protein E'
2 polymer '2C9 Fab heavy chain'
3 polymer '2C9 Fab light chain'
4 non-polymer 2-acetamido-2-deoxy-beta-D-glucopyranose
#
loop_
_entity_poly.entity_id
_entity_poly.type
_entity_poly.pdbx_seq_one_letter_code
_entity_poly.pdbx_strand_id
1 'polypeptide(L)'
;AHCIGITDRDFIEGVHGGTWVSATLEQDKCVTVMAPDKPSLDISLETVAIDRPAEVRKVCYNAVLTHVKINDKCPSTGEA
HLAEENEGDNACKRTYSDRGWGNGCGLFGKGSIVACAKFTCAKSMSLFEVDQTKIQYVIRAQLHVGAKQENWTTDIKTLK
FDALSGSQEVEFIGYGKATLECQVQTAVDFGNSYIAEMETESWIVDRQWAQDLTLPWQSGSGGVWREMHHLVEFEPPHAA
TIRVLALGNQEGSLKTALTGAMRVTKDTNDNNLYKLHGGHVSCRVKLSALTLKGTSYKICTDKMFFVKNPTDTGHGTVVM
QVKVSKGAPCRIPVIVADDLTAAINKGILVTVNPIASTNDDEVLIEVNPPFGDSYIIVGRGDSRLTYQWHK
;
A,B,C
2 'polypeptide(L)'
;EVKLVESGGGLVKPGGSLKLSCAASGFTFTNYAMSWVRQTPEKRLEWVASISSGHTPYYPDSVKGRFTISRDNARNILFL
QMSSLRSEDTAMYYCARGDYYGSVYSAMDYWGQGTSLTVS
;
D,F,H
3 'polypeptide(L)'
;EIRMTQSPSSMYASLGERVTVTCKASQDINSYLSWLQQKPGKSPKTLIYRANRLFDGVPSRFSGSGSGQDYSLTISSLEY
EDMGIFYCLQYDEFPFTFGSGTKLELK
;
E,G,I
#
loop_
_chem_comp.id
_chem_comp.type
_chem_comp.name
_chem_comp.formula
NAG D-saccharide, beta linking 2-acetamido-2-deoxy-beta-D-glucopyranose 'C8 H15 N O6'
#
# COMPACT_ATOMS: atom_id res chain seq x y z
N ALA A 1 -29.84 1.76 28.71
CA ALA A 1 -29.27 0.65 27.98
C ALA A 1 -28.07 1.12 27.16
N HIS A 2 -28.23 1.09 25.84
CA HIS A 2 -27.11 1.42 24.97
C HIS A 2 -26.58 2.83 25.22
N CYS A 3 -27.41 3.73 25.73
CA CYS A 3 -26.92 5.04 26.07
C CYS A 3 -25.89 5.05 27.19
N ILE A 4 -25.60 3.92 27.82
CA ILE A 4 -24.41 3.85 28.66
C ILE A 4 -23.14 3.68 27.84
N GLY A 5 -23.22 3.03 26.69
CA GLY A 5 -22.03 2.80 25.89
C GLY A 5 -21.59 3.96 25.03
N ILE A 6 -22.54 4.77 24.56
CA ILE A 6 -22.21 5.92 23.73
C ILE A 6 -21.27 6.85 24.47
N THR A 7 -20.30 7.38 23.74
CA THR A 7 -19.17 8.07 24.33
C THR A 7 -19.57 9.37 25.03
N ASP A 8 -20.37 10.20 24.40
CA ASP A 8 -20.66 11.52 24.94
C ASP A 8 -22.15 11.73 25.14
N ARG A 9 -22.50 12.35 26.26
CA ARG A 9 -23.83 12.26 26.83
C ARG A 9 -24.14 13.50 27.65
N ASP A 10 -25.43 13.76 27.85
CA ASP A 10 -25.90 14.57 28.97
C ASP A 10 -27.23 14.04 29.50
N PHE A 11 -27.55 14.40 30.73
CA PHE A 11 -28.89 14.25 31.27
C PHE A 11 -29.76 15.42 30.84
N ILE A 12 -31.07 15.27 30.99
CA ILE A 12 -31.96 16.43 31.07
C ILE A 12 -33.08 16.16 32.07
N GLU A 13 -33.38 17.16 32.89
CA GLU A 13 -34.33 17.07 33.98
C GLU A 13 -35.59 17.87 33.70
N GLY A 14 -36.75 17.24 33.84
CA GLY A 14 -38.03 17.88 33.57
C GLY A 14 -38.60 18.71 34.72
N VAL A 15 -39.93 18.71 34.82
CA VAL A 15 -40.66 19.23 35.96
C VAL A 15 -41.93 18.40 36.10
N HIS A 16 -42.46 18.33 37.32
CA HIS A 16 -43.60 17.46 37.59
C HIS A 16 -44.80 17.79 36.70
N GLY A 17 -45.52 16.74 36.32
CA GLY A 17 -46.75 16.82 35.53
C GLY A 17 -46.57 16.46 34.06
N GLY A 18 -47.68 16.63 33.34
CA GLY A 18 -47.79 16.27 31.93
C GLY A 18 -47.15 17.23 30.96
N THR A 19 -46.26 18.09 31.44
CA THR A 19 -45.58 19.05 30.58
C THR A 19 -44.80 18.33 29.49
N TRP A 20 -44.75 18.94 28.31
CA TRP A 20 -43.81 18.53 27.29
C TRP A 20 -42.38 18.78 27.79
N VAL A 21 -41.45 17.93 27.37
CA VAL A 21 -40.02 18.14 27.60
C VAL A 21 -39.27 18.17 26.27
N SER A 22 -38.24 19.00 26.20
CA SER A 22 -37.60 19.39 24.94
C SER A 22 -36.15 18.94 24.88
N ALA A 23 -35.70 18.50 23.70
CA ALA A 23 -34.34 17.98 23.50
C ALA A 23 -33.79 18.39 22.15
N THR A 24 -32.45 18.29 22.02
CA THR A 24 -31.75 18.46 20.74
C THR A 24 -30.72 17.33 20.58
N LEU A 25 -30.58 16.82 19.36
CA LEU A 25 -29.77 15.62 19.11
C LEU A 25 -28.80 15.80 17.96
N GLU A 26 -27.56 15.35 18.15
CA GLU A 26 -26.52 15.34 17.14
C GLU A 26 -26.04 13.91 16.91
N GLN A 27 -25.69 13.60 15.66
CA GLN A 27 -25.79 12.24 15.15
C GLN A 27 -25.08 11.20 16.01
N ASP A 28 -23.99 11.56 16.66
CA ASP A 28 -23.28 10.56 17.44
C ASP A 28 -23.74 10.49 18.89
N LYS A 29 -24.22 11.60 19.43
CA LYS A 29 -24.52 11.70 20.84
C LYS A 29 -25.93 11.24 21.15
N CYS A 30 -26.23 11.09 22.44
CA CYS A 30 -27.56 10.73 22.89
C CYS A 30 -27.89 11.49 24.16
N VAL A 31 -29.16 11.40 24.57
CA VAL A 31 -29.62 12.05 25.79
C VAL A 31 -30.58 11.12 26.52
N THR A 32 -30.55 11.19 27.85
CA THR A 32 -31.46 10.45 28.73
C THR A 32 -32.26 11.44 29.55
N VAL A 33 -33.58 11.36 29.45
CA VAL A 33 -34.49 12.30 30.07
C VAL A 33 -35.00 11.75 31.39
N MET A 34 -35.06 12.62 32.39
CA MET A 34 -35.39 12.28 33.77
C MET A 34 -36.55 13.15 34.24
N ALA A 35 -37.45 12.55 35.01
CA ALA A 35 -38.58 13.28 35.56
C ALA A 35 -38.97 12.69 36.90
N PRO A 36 -39.45 13.51 37.83
CA PRO A 36 -39.28 13.17 39.25
C PRO A 36 -39.92 11.86 39.67
N ASP A 37 -41.07 11.49 39.14
CA ASP A 37 -41.70 10.27 39.59
C ASP A 37 -41.70 9.16 38.55
N LYS A 38 -41.32 9.44 37.35
CA LYS A 38 -41.44 8.46 36.29
C LYS A 38 -40.21 7.58 36.24
N PRO A 39 -40.33 6.36 35.69
CA PRO A 39 -39.13 5.66 35.21
C PRO A 39 -38.41 6.52 34.18
N SER A 40 -37.11 6.30 34.06
CA SER A 40 -36.26 7.09 33.16
C SER A 40 -36.25 6.56 31.74
N LEU A 41 -35.96 7.45 30.79
CA LEU A 41 -36.07 7.16 29.37
C LEU A 41 -34.85 7.61 28.60
N ASP A 42 -34.34 6.75 27.71
CA ASP A 42 -33.20 7.03 26.84
C ASP A 42 -33.62 7.08 25.38
N ILE A 43 -33.08 8.05 24.63
CA ILE A 43 -33.36 8.18 23.20
C ILE A 43 -32.08 8.47 22.43
N SER A 44 -32.05 8.05 21.17
CA SER A 44 -30.98 8.44 20.26
C SER A 44 -31.48 8.47 18.82
N LEU A 45 -30.79 9.26 17.99
CA LEU A 45 -30.81 9.08 16.56
C LEU A 45 -30.25 7.73 16.15
N GLU A 46 -30.55 7.32 14.92
CA GLU A 46 -29.67 6.35 14.26
C GLU A 46 -29.15 6.85 12.92
N THR A 47 -30.03 7.37 12.06
CA THR A 47 -29.54 8.06 10.86
C THR A 47 -30.61 8.96 10.28
N VAL A 48 -30.15 9.95 9.53
CA VAL A 48 -30.91 10.57 8.44
C VAL A 48 -30.74 9.73 7.18
N ALA A 49 -31.78 9.65 6.35
CA ALA A 49 -31.68 8.89 5.12
C ALA A 49 -32.45 9.55 3.97
N ILE A 50 -31.99 9.28 2.74
CA ILE A 50 -32.58 9.80 1.51
C ILE A 50 -32.90 8.62 0.59
N ASP A 51 -33.93 8.80 -0.23
CA ASP A 51 -34.35 7.79 -1.21
C ASP A 51 -34.82 8.46 -2.49
N ARG A 52 -34.76 7.69 -3.57
CA ARG A 52 -35.16 8.11 -4.92
C ARG A 52 -34.63 9.49 -5.35
N PRO A 53 -33.32 9.71 -5.29
CA PRO A 53 -32.75 10.95 -5.82
C PRO A 53 -32.89 11.05 -7.33
N ALA A 54 -32.78 12.29 -7.84
CA ALA A 54 -32.96 12.59 -9.26
C ALA A 54 -31.69 13.11 -9.92
N GLU A 55 -31.37 12.56 -11.09
CA GLU A 55 -30.19 12.98 -11.87
C GLU A 55 -30.39 14.33 -12.57
N VAL A 56 -29.36 15.18 -12.50
CA VAL A 56 -29.40 16.50 -13.12
C VAL A 56 -28.24 16.75 -14.07
N ARG A 57 -27.04 16.29 -13.76
CA ARG A 57 -25.89 16.55 -14.61
C ARG A 57 -24.88 15.40 -14.52
N LYS A 58 -24.12 15.20 -15.59
CA LYS A 58 -22.83 14.52 -15.49
C LYS A 58 -21.70 15.50 -15.77
N VAL A 59 -20.69 15.51 -14.90
CA VAL A 59 -19.47 16.28 -15.12
C VAL A 59 -18.32 15.32 -15.38
N CYS A 60 -17.54 15.60 -16.42
CA CYS A 60 -16.45 14.73 -16.88
C CYS A 60 -15.12 15.17 -16.30
N TYR A 61 -14.35 14.22 -15.77
CA TYR A 61 -13.10 14.54 -15.11
C TYR A 61 -11.91 13.69 -15.57
N ASN A 62 -12.11 12.72 -16.46
CA ASN A 62 -11.01 12.14 -17.21
C ASN A 62 -11.46 11.81 -18.62
N ALA A 63 -10.59 12.05 -19.60
CA ALA A 63 -10.96 11.89 -21.00
C ALA A 63 -9.79 11.36 -21.82
N VAL A 64 -10.11 10.75 -22.96
CA VAL A 64 -9.10 10.23 -23.88
C VAL A 64 -9.33 10.79 -25.27
N LEU A 65 -8.25 10.97 -26.02
CA LEU A 65 -8.27 11.56 -27.37
C LEU A 65 -7.78 10.55 -28.40
N THR A 66 -8.67 9.66 -28.83
CA THR A 66 -8.26 8.42 -29.49
C THR A 66 -7.87 8.58 -30.96
N HIS A 67 -8.48 9.50 -31.71
CA HIS A 67 -8.14 9.67 -33.12
C HIS A 67 -8.04 11.14 -33.48
N VAL A 68 -7.10 11.47 -34.37
CA VAL A 68 -6.90 12.85 -34.82
C VAL A 68 -6.87 12.91 -36.34
N LYS A 69 -7.31 14.05 -36.88
CA LYS A 69 -7.21 14.34 -38.31
C LYS A 69 -6.91 15.83 -38.48
N ILE A 70 -6.11 16.20 -39.48
CA ILE A 70 -5.78 17.60 -39.74
C ILE A 70 -5.58 17.84 -41.22
N ASN A 71 -5.81 19.08 -41.67
CA ASN A 71 -5.39 19.49 -43.01
C ASN A 71 -5.34 21.02 -43.10
N ASP A 72 -4.76 21.49 -44.21
CA ASP A 72 -4.23 22.85 -44.36
C ASP A 72 -4.73 23.53 -45.63
N LYS A 73 -4.65 24.85 -45.67
CA LYS A 73 -4.92 25.54 -46.92
C LYS A 73 -4.04 26.77 -47.12
N CYS A 74 -3.75 27.08 -48.39
CA CYS A 74 -2.79 28.09 -48.79
C CYS A 74 -3.24 29.51 -48.45
N PRO A 75 -2.31 30.38 -48.07
CA PRO A 75 -2.68 31.65 -47.43
C PRO A 75 -3.45 32.59 -48.33
N SER A 76 -3.47 32.38 -49.63
CA SER A 76 -4.30 33.24 -50.47
C SER A 76 -5.78 32.94 -50.37
N THR A 77 -6.16 31.68 -50.20
CA THR A 77 -7.51 31.23 -50.50
C THR A 77 -8.39 30.99 -49.28
N GLY A 78 -8.08 31.61 -48.16
CA GLY A 78 -9.01 31.70 -47.05
C GLY A 78 -9.13 30.50 -46.13
N GLU A 79 -10.27 30.43 -45.46
CA GLU A 79 -10.51 29.46 -44.40
C GLU A 79 -10.65 28.05 -44.94
N ALA A 80 -10.80 27.09 -44.03
CA ALA A 80 -10.93 25.68 -44.37
C ALA A 80 -11.91 24.99 -43.44
N HIS A 81 -12.38 23.82 -43.88
CA HIS A 81 -13.31 23.01 -43.13
C HIS A 81 -12.98 21.55 -43.36
N LEU A 82 -13.41 20.70 -42.43
CA LEU A 82 -13.14 19.27 -42.51
C LEU A 82 -14.37 18.46 -42.13
N ALA A 83 -14.55 17.34 -42.82
CA ALA A 83 -15.74 16.51 -42.67
C ALA A 83 -16.06 16.14 -41.22
N GLU A 84 -15.05 15.95 -40.38
CA GLU A 84 -15.34 15.61 -38.99
C GLU A 84 -16.02 16.73 -38.21
N GLU A 85 -15.73 17.99 -38.51
CA GLU A 85 -16.24 19.07 -37.67
C GLU A 85 -17.77 19.12 -37.65
N ASN A 86 -18.42 18.54 -38.65
CA ASN A 86 -19.88 18.48 -38.67
C ASN A 86 -20.50 17.66 -37.56
N GLU A 87 -19.76 16.75 -36.91
CA GLU A 87 -20.38 15.77 -36.02
C GLU A 87 -20.13 16.13 -34.56
N GLY A 88 -21.20 16.09 -33.76
CA GLY A 88 -21.27 16.82 -32.51
C GLY A 88 -20.34 16.33 -31.42
N ASP A 89 -19.87 15.09 -31.48
CA ASP A 89 -19.11 14.53 -30.38
C ASP A 89 -17.60 14.67 -30.54
N ASN A 90 -17.12 15.74 -31.18
CA ASN A 90 -15.72 15.84 -31.55
C ASN A 90 -15.14 17.20 -31.19
N ALA A 91 -13.91 17.19 -30.70
CA ALA A 91 -13.15 18.40 -30.41
C ALA A 91 -12.74 19.09 -31.70
N CYS A 92 -12.61 20.41 -31.62
CA CYS A 92 -12.27 21.20 -32.80
C CYS A 92 -11.52 22.46 -32.40
N LYS A 93 -10.53 22.84 -33.20
CA LYS A 93 -9.91 24.15 -33.06
C LYS A 93 -9.37 24.60 -34.42
N ARG A 94 -9.31 25.91 -34.62
CA ARG A 94 -8.91 26.50 -35.89
C ARG A 94 -7.94 27.66 -35.67
N THR A 95 -6.88 27.73 -36.47
CA THR A 95 -5.82 28.71 -36.24
C THR A 95 -4.99 28.92 -37.51
N TYR A 96 -4.09 29.91 -37.45
CA TYR A 96 -3.19 30.27 -38.55
C TYR A 96 -1.74 29.84 -38.30
N SER A 97 -1.16 29.10 -39.26
CA SER A 97 0.25 28.71 -39.25
C SER A 97 1.08 29.53 -40.24
N ASP A 98 2.40 29.36 -40.15
CA ASP A 98 3.32 29.74 -41.21
C ASP A 98 3.20 28.83 -42.43
N ARG A 99 3.63 29.34 -43.58
CA ARG A 99 3.70 28.59 -44.82
C ARG A 99 4.58 29.37 -45.80
N GLY A 100 5.07 28.71 -46.84
CA GLY A 100 5.91 29.38 -47.81
C GLY A 100 6.48 28.45 -48.87
N TRP A 101 7.40 29.00 -49.68
CA TRP A 101 7.96 28.21 -50.78
C TRP A 101 8.70 26.98 -50.26
N GLY A 102 9.28 27.08 -49.08
CA GLY A 102 9.89 25.92 -48.48
C GLY A 102 8.91 24.81 -48.18
N ASN A 103 7.62 25.07 -48.36
CA ASN A 103 6.60 24.05 -48.16
C ASN A 103 5.65 23.98 -49.35
N GLY A 104 6.08 24.46 -50.52
CA GLY A 104 5.39 24.18 -51.75
C GLY A 104 4.21 25.04 -52.12
N CYS A 105 4.12 26.27 -51.61
CA CYS A 105 2.96 27.13 -51.82
C CYS A 105 3.37 28.49 -52.36
N GLY A 106 2.43 29.15 -53.02
CA GLY A 106 2.73 30.27 -53.89
C GLY A 106 3.16 31.57 -53.21
N LEU A 107 2.80 31.78 -51.95
CA LEU A 107 3.09 33.03 -51.27
C LEU A 107 3.51 32.77 -49.83
N PHE A 108 4.15 33.76 -49.21
CA PHE A 108 4.64 33.61 -47.85
C PHE A 108 3.70 34.16 -46.78
N GLY A 109 2.41 34.24 -47.06
CA GLY A 109 1.44 34.66 -46.07
C GLY A 109 1.14 33.59 -45.01
N LYS A 110 0.46 34.05 -43.96
CA LYS A 110 -0.06 33.16 -42.93
C LYS A 110 -1.19 32.30 -43.47
N GLY A 111 -1.11 30.99 -43.27
CA GLY A 111 -2.10 30.05 -43.75
C GLY A 111 -3.28 29.86 -42.81
N SER A 112 -4.06 28.81 -43.08
CA SER A 112 -5.12 28.36 -42.20
C SER A 112 -5.07 26.85 -41.96
N ILE A 113 -5.34 26.44 -40.71
CA ILE A 113 -5.29 25.04 -40.28
C ILE A 113 -6.55 24.73 -39.49
N VAL A 114 -7.09 23.52 -39.68
CA VAL A 114 -8.13 22.99 -38.81
C VAL A 114 -7.71 21.65 -38.25
N ALA A 115 -8.11 21.38 -37.02
CA ALA A 115 -7.84 20.12 -36.35
C ALA A 115 -9.10 19.60 -35.67
N CYS A 116 -9.27 18.28 -35.67
CA CYS A 116 -10.41 17.66 -35.04
C CYS A 116 -10.01 16.33 -34.42
N ALA A 117 -10.70 15.94 -33.33
CA ALA A 117 -10.37 14.72 -32.62
C ALA A 117 -11.61 14.07 -32.00
N LYS A 118 -11.59 12.73 -31.92
CA LYS A 118 -12.64 11.92 -31.31
C LYS A 118 -12.55 11.97 -29.79
N PHE A 119 -13.39 12.79 -29.17
CA PHE A 119 -13.46 12.93 -27.72
C PHE A 119 -14.29 11.79 -27.14
N THR A 120 -13.96 11.37 -25.91
CA THR A 120 -14.95 10.69 -25.07
C THR A 120 -14.58 10.79 -23.59
N CYS A 121 -15.61 10.86 -22.76
CA CYS A 121 -15.47 10.67 -21.32
C CYS A 121 -15.14 9.23 -20.95
N ALA A 122 -14.36 9.06 -19.87
CA ALA A 122 -14.00 7.76 -19.32
C ALA A 122 -14.41 7.55 -17.88
N LYS A 123 -14.33 8.57 -17.03
CA LYS A 123 -14.98 8.59 -15.71
C LYS A 123 -15.66 9.92 -15.52
N SER A 124 -16.87 9.89 -14.95
CA SER A 124 -17.65 11.09 -14.75
C SER A 124 -18.17 11.19 -13.33
N MET A 125 -18.10 12.39 -12.77
CA MET A 125 -18.85 12.71 -11.57
C MET A 125 -20.30 12.99 -11.93
N SER A 126 -21.23 12.34 -11.24
CA SER A 126 -22.66 12.49 -11.44
C SER A 126 -23.27 13.31 -10.31
N LEU A 127 -24.09 14.29 -10.64
CA LEU A 127 -24.77 15.15 -9.67
C LEU A 127 -26.26 14.85 -9.57
N PHE A 128 -26.77 14.80 -8.34
CA PHE A 128 -28.18 14.52 -8.07
C PHE A 128 -28.84 15.66 -7.30
N GLU A 129 -30.12 15.90 -7.60
CA GLU A 129 -30.99 16.77 -6.80
C GLU A 129 -31.71 16.00 -5.71
N VAL A 130 -31.84 16.64 -4.54
CA VAL A 130 -32.50 16.08 -3.36
C VAL A 130 -33.87 16.72 -3.16
N ASP A 131 -34.91 15.89 -3.14
CA ASP A 131 -36.29 16.34 -2.93
C ASP A 131 -36.56 16.52 -1.43
N GLN A 132 -36.61 17.78 -0.98
CA GLN A 132 -36.56 18.09 0.45
C GLN A 132 -37.72 17.49 1.23
N THR A 133 -38.85 17.28 0.58
CA THR A 133 -39.97 16.59 1.23
C THR A 133 -39.68 15.13 1.57
N LYS A 134 -38.69 14.52 0.94
CA LYS A 134 -38.53 13.08 1.04
C LYS A 134 -37.59 12.59 2.14
N ILE A 135 -36.88 13.47 2.84
CA ILE A 135 -35.91 13.00 3.85
C ILE A 135 -36.62 12.20 4.94
N GLN A 136 -35.91 11.20 5.46
CA GLN A 136 -36.39 10.34 6.53
C GLN A 136 -35.48 10.41 7.76
N TYR A 137 -36.07 10.31 8.95
CA TYR A 137 -35.34 10.11 10.19
C TYR A 137 -35.71 8.75 10.78
N VAL A 138 -34.75 8.10 11.43
CA VAL A 138 -35.04 6.95 12.29
C VAL A 138 -34.49 7.19 13.68
N ILE A 139 -35.26 6.83 14.69
CA ILE A 139 -34.94 7.12 16.08
C ILE A 139 -35.04 5.85 16.91
N ARG A 140 -34.10 5.70 17.86
CA ARG A 140 -34.09 4.62 18.83
C ARG A 140 -34.55 5.14 20.19
N ALA A 141 -35.32 4.31 20.91
CA ALA A 141 -35.69 4.63 22.27
C ALA A 141 -35.66 3.38 23.13
N GLN A 142 -35.28 3.57 24.40
CA GLN A 142 -35.40 2.51 25.39
C GLN A 142 -35.72 3.07 26.76
N LEU A 143 -36.72 2.48 27.40
CA LEU A 143 -37.04 2.77 28.79
C LEU A 143 -36.03 2.07 29.68
N HIS A 144 -35.39 2.84 30.57
CA HIS A 144 -34.17 2.38 31.23
C HIS A 144 -34.42 1.57 32.50
N VAL A 145 -35.47 0.74 32.54
CA VAL A 145 -35.65 -0.15 33.69
C VAL A 145 -34.56 -1.19 33.72
N GLY A 146 -34.03 -1.53 32.57
CA GLY A 146 -32.79 -2.26 32.47
C GLY A 146 -32.90 -3.76 32.62
N ALA A 147 -32.00 -4.43 31.92
CA ALA A 147 -31.83 -5.87 31.96
C ALA A 147 -30.42 -6.14 31.45
N LYS A 148 -29.95 -7.37 31.64
CA LYS A 148 -28.62 -7.71 31.15
C LYS A 148 -28.49 -7.35 29.68
N GLN A 149 -27.33 -6.80 29.33
CA GLN A 149 -27.20 -6.05 28.09
C GLN A 149 -27.44 -6.90 26.86
N GLU A 150 -27.25 -8.21 26.95
CA GLU A 150 -27.54 -9.07 25.80
C GLU A 150 -28.99 -8.97 25.35
N ASN A 151 -29.90 -8.67 26.26
CA ASN A 151 -31.28 -8.44 25.85
C ASN A 151 -31.47 -7.18 25.02
N TRP A 152 -30.51 -6.25 25.03
CA TRP A 152 -30.77 -4.96 24.41
C TRP A 152 -31.15 -5.09 22.94
N THR A 153 -30.45 -5.94 22.19
CA THR A 153 -30.74 -6.07 20.77
C THR A 153 -32.15 -6.52 20.47
N THR A 154 -32.83 -7.18 21.40
CA THR A 154 -34.21 -7.56 21.17
C THR A 154 -35.22 -6.65 21.83
N ASP A 155 -34.85 -6.00 22.93
CA ASP A 155 -35.78 -5.10 23.60
C ASP A 155 -35.84 -3.71 22.97
N ILE A 156 -34.77 -3.28 22.31
CA ILE A 156 -34.70 -1.92 21.78
C ILE A 156 -35.80 -1.66 20.75
N LYS A 157 -36.40 -0.48 20.83
CA LYS A 157 -37.47 -0.05 19.92
C LYS A 157 -36.97 1.00 18.93
N THR A 158 -37.38 0.86 17.67
CA THR A 158 -36.96 1.70 16.56
C THR A 158 -38.15 2.30 15.81
N LEU A 159 -38.02 3.57 15.42
CA LEU A 159 -39.13 4.39 14.92
C LEU A 159 -38.73 5.12 13.64
N LYS A 160 -39.74 5.40 12.78
CA LYS A 160 -39.57 6.12 11.52
C LYS A 160 -40.33 7.44 11.52
N PHE A 161 -39.78 8.44 10.82
CA PHE A 161 -40.41 9.74 10.68
C PHE A 161 -40.14 10.39 9.33
N ASP A 162 -41.04 11.29 8.94
CA ASP A 162 -40.90 12.11 7.75
C ASP A 162 -41.69 13.40 7.95
N ALA A 163 -41.53 14.34 7.01
CA ALA A 163 -42.16 15.65 7.11
C ALA A 163 -43.69 15.60 7.14
N LEU A 164 -44.29 14.50 6.73
CA LEU A 164 -45.74 14.37 6.83
C LEU A 164 -46.16 13.80 8.16
N SER A 165 -45.31 13.00 8.79
CA SER A 165 -45.61 12.44 10.09
C SER A 165 -45.62 13.50 11.18
N GLY A 166 -46.63 13.42 12.04
CA GLY A 166 -46.76 14.31 13.18
C GLY A 166 -46.12 13.75 14.43
N SER A 167 -46.78 13.94 15.57
CA SER A 167 -46.42 13.21 16.79
C SER A 167 -46.66 11.71 16.61
N GLN A 168 -45.87 10.92 17.33
CA GLN A 168 -45.86 9.47 17.18
C GLN A 168 -46.05 8.75 18.50
N GLU A 169 -46.94 7.77 18.50
CA GLU A 169 -47.26 6.93 19.65
C GLU A 169 -46.30 5.75 19.80
N VAL A 170 -45.94 5.41 21.04
CA VAL A 170 -45.08 4.26 21.34
C VAL A 170 -45.53 3.53 22.60
N GLU A 171 -45.18 2.24 22.68
CA GLU A 171 -45.48 1.40 23.84
C GLU A 171 -44.21 0.83 24.47
N PHE A 172 -44.27 0.63 25.79
CA PHE A 172 -43.35 -0.24 26.53
C PHE A 172 -44.16 -1.25 27.35
N ILE A 173 -44.03 -2.53 27.02
CA ILE A 173 -44.93 -3.55 27.54
C ILE A 173 -44.73 -3.71 29.04
N GLY A 174 -45.81 -3.52 29.80
CA GLY A 174 -45.78 -3.54 31.24
C GLY A 174 -45.43 -2.24 31.92
N TYR A 175 -45.12 -1.19 31.17
CA TYR A 175 -44.74 0.07 31.77
C TYR A 175 -45.62 1.24 31.35
N GLY A 176 -46.44 1.08 30.32
CA GLY A 176 -47.32 2.13 29.87
C GLY A 176 -46.97 2.63 28.48
N LYS A 177 -47.18 3.91 28.21
CA LYS A 177 -47.10 4.43 26.86
C LYS A 177 -46.40 5.78 26.86
N ALA A 178 -45.94 6.20 25.68
CA ALA A 178 -45.30 7.51 25.55
C ALA A 178 -45.55 8.08 24.16
N THR A 179 -45.20 9.36 23.98
CA THR A 179 -45.33 10.02 22.68
C THR A 179 -44.20 11.00 22.39
N LEU A 180 -43.77 11.01 21.13
CA LEU A 180 -42.70 11.85 20.61
C LEU A 180 -43.24 12.81 19.56
N GLU A 181 -42.58 13.98 19.42
CA GLU A 181 -42.89 14.93 18.35
C GLU A 181 -41.59 15.58 17.86
N CYS A 182 -40.91 14.92 16.93
CA CYS A 182 -39.76 15.51 16.27
C CYS A 182 -40.17 16.53 15.22
N GLN A 183 -39.76 17.78 15.40
CA GLN A 183 -40.16 18.84 14.47
C GLN A 183 -39.32 18.75 13.21
N VAL A 184 -39.89 18.18 12.15
CA VAL A 184 -39.21 18.15 10.86
C VAL A 184 -39.06 19.54 10.26
N GLN A 185 -39.72 20.55 10.83
CA GLN A 185 -39.37 21.95 10.58
C GLN A 185 -37.94 22.30 10.95
N THR A 186 -37.23 21.46 11.68
CA THR A 186 -35.82 21.67 12.01
C THR A 186 -34.91 20.73 11.23
N ALA A 187 -33.99 21.31 10.47
CA ALA A 187 -32.95 20.61 9.76
C ALA A 187 -31.95 21.65 9.25
N VAL A 188 -30.76 21.17 8.87
CA VAL A 188 -29.92 21.94 7.94
C VAL A 188 -30.57 22.02 6.57
N ASP A 189 -30.20 23.05 5.83
CA ASP A 189 -30.80 23.32 4.53
C ASP A 189 -30.33 22.34 3.46
N PHE A 190 -31.28 21.81 2.70
CA PHE A 190 -31.01 20.98 1.53
C PHE A 190 -31.44 21.64 0.23
N GLY A 191 -32.04 22.82 0.27
CA GLY A 191 -32.06 23.68 -0.89
C GLY A 191 -30.67 24.10 -1.32
N ASN A 192 -30.61 24.78 -2.48
CA ASN A 192 -29.39 25.39 -3.00
C ASN A 192 -28.23 24.41 -3.07
N SER A 193 -28.52 23.13 -3.13
CA SER A 193 -27.49 22.12 -2.96
C SER A 193 -27.66 21.02 -3.98
N TYR A 194 -26.61 20.21 -4.13
CA TYR A 194 -26.71 18.94 -4.83
C TYR A 194 -26.01 17.87 -4.00
N ILE A 195 -26.31 16.61 -4.31
CA ILE A 195 -25.53 15.47 -3.85
C ILE A 195 -24.60 15.06 -4.97
N ALA A 196 -23.31 14.96 -4.66
CA ALA A 196 -22.29 14.57 -5.63
C ALA A 196 -21.76 13.17 -5.37
N GLU A 197 -21.65 12.40 -6.43
CA GLU A 197 -21.11 11.04 -6.40
C GLU A 197 -20.09 10.88 -7.51
N MET A 198 -19.00 10.15 -7.23
CA MET A 198 -17.94 9.94 -8.20
C MET A 198 -17.56 8.48 -8.32
N GLU A 199 -17.24 7.83 -7.20
CA GLU A 199 -17.17 6.39 -7.20
C GLU A 199 -17.33 5.88 -5.77
N THR A 200 -18.57 5.85 -5.31
CA THR A 200 -18.98 5.45 -3.96
C THR A 200 -18.21 6.17 -2.86
N GLU A 201 -17.84 7.43 -3.12
CA GLU A 201 -17.52 8.38 -2.07
C GLU A 201 -18.22 9.68 -2.46
N SER A 202 -18.92 10.29 -1.52
CA SER A 202 -19.94 11.24 -1.94
C SER A 202 -20.11 12.36 -0.93
N TRP A 203 -20.64 13.47 -1.42
CA TRP A 203 -20.48 14.76 -0.76
C TRP A 203 -21.76 15.57 -0.95
N ILE A 204 -22.11 16.38 0.06
CA ILE A 204 -23.02 17.50 -0.16
C ILE A 204 -22.23 18.65 -0.75
N VAL A 205 -22.83 19.39 -1.68
CA VAL A 205 -22.14 20.50 -2.30
C VAL A 205 -23.12 21.60 -2.69
N ASP A 206 -22.66 22.84 -2.59
CA ASP A 206 -23.44 24.01 -2.99
C ASP A 206 -23.59 24.06 -4.51
N ARG A 207 -24.79 24.44 -4.98
CA ARG A 207 -25.01 24.50 -6.42
C ARG A 207 -24.03 25.42 -7.15
N GLN A 208 -23.61 26.50 -6.52
CA GLN A 208 -22.72 27.44 -7.19
C GLN A 208 -21.38 26.79 -7.54
N TRP A 209 -20.82 26.05 -6.59
CA TRP A 209 -19.56 25.36 -6.85
C TRP A 209 -19.71 24.41 -8.03
N ALA A 210 -20.80 23.66 -8.07
CA ALA A 210 -21.05 22.76 -9.18
C ALA A 210 -21.14 23.50 -10.50
N GLN A 211 -21.81 24.64 -10.52
CA GLN A 211 -21.89 25.41 -11.75
C GLN A 211 -20.54 26.01 -12.15
N ASP A 212 -19.67 26.29 -11.18
CA ASP A 212 -18.42 26.98 -11.46
C ASP A 212 -17.29 26.11 -12.00
N LEU A 213 -17.37 24.80 -11.87
CA LEU A 213 -16.31 23.94 -12.42
C LEU A 213 -16.20 24.14 -13.93
N THR A 214 -14.97 24.36 -14.41
CA THR A 214 -14.74 24.50 -15.84
C THR A 214 -14.63 23.18 -16.57
N LEU A 215 -14.83 22.07 -15.89
CA LEU A 215 -14.80 20.78 -16.56
C LEU A 215 -15.93 20.66 -17.58
N PRO A 216 -15.79 19.78 -18.56
CA PRO A 216 -16.89 19.51 -19.48
C PRO A 216 -18.07 18.87 -18.77
N TRP A 217 -19.26 19.17 -19.26
CA TRP A 217 -20.48 18.67 -18.60
C TRP A 217 -21.56 18.32 -19.62
N GLN A 218 -22.54 17.53 -19.15
CA GLN A 218 -23.65 17.01 -19.93
C GLN A 218 -25.00 17.20 -19.25
N SER A 219 -26.01 17.48 -20.07
CA SER A 219 -27.36 17.89 -19.64
C SER A 219 -28.25 16.75 -19.17
N GLY A 220 -27.93 15.50 -19.43
CA GLY A 220 -28.88 14.43 -19.13
C GLY A 220 -28.46 13.13 -19.76
N SER A 221 -29.45 12.28 -20.03
CA SER A 221 -29.15 11.08 -20.81
C SER A 221 -28.69 11.45 -22.21
N GLY A 222 -27.75 10.66 -22.74
CA GLY A 222 -27.23 10.89 -24.08
C GLY A 222 -26.58 12.25 -24.24
N GLY A 223 -26.94 12.92 -25.32
CA GLY A 223 -26.48 14.26 -25.63
C GLY A 223 -25.02 14.32 -26.04
N VAL A 224 -24.55 15.55 -26.26
CA VAL A 224 -23.14 15.80 -26.58
C VAL A 224 -22.57 16.86 -25.66
N TRP A 225 -21.31 16.67 -25.32
CA TRP A 225 -20.63 17.42 -24.27
C TRP A 225 -20.41 18.87 -24.69
N ARG A 226 -20.37 19.77 -23.71
CA ARG A 226 -20.63 21.18 -23.96
C ARG A 226 -19.41 22.06 -24.15
N GLU A 227 -18.27 21.79 -23.52
CA GLU A 227 -17.22 22.81 -23.47
C GLU A 227 -15.83 22.19 -23.46
N MET A 228 -15.60 21.20 -24.32
CA MET A 228 -14.33 20.49 -24.33
C MET A 228 -13.14 21.43 -24.43
N HIS A 229 -13.35 22.63 -24.94
CA HIS A 229 -12.32 23.65 -25.01
C HIS A 229 -11.65 23.98 -23.67
N HIS A 230 -12.23 23.61 -22.54
CA HIS A 230 -11.48 23.78 -21.30
C HIS A 230 -10.52 22.66 -20.98
N LEU A 231 -10.71 21.46 -21.53
CA LEU A 231 -9.94 20.30 -21.08
C LEU A 231 -8.89 19.82 -22.06
N VAL A 232 -9.11 19.97 -23.35
CA VAL A 232 -8.18 19.53 -24.38
C VAL A 232 -7.31 20.71 -24.78
N GLU A 233 -6.01 20.46 -24.99
CA GLU A 233 -5.09 21.52 -25.37
C GLU A 233 -4.24 21.15 -26.59
N PHE A 234 -4.08 22.13 -27.49
CA PHE A 234 -3.32 22.00 -28.72
C PHE A 234 -2.00 22.77 -28.61
N GLU A 235 -0.90 22.14 -28.98
CA GLU A 235 0.36 22.86 -28.99
C GLU A 235 0.53 23.70 -30.26
N PRO A 236 1.28 24.80 -30.18
CA PRO A 236 1.44 25.67 -31.34
C PRO A 236 1.99 24.95 -32.56
N PRO A 237 1.55 25.35 -33.74
CA PRO A 237 1.70 24.51 -34.94
C PRO A 237 3.12 24.46 -35.51
N HIS A 238 3.46 23.30 -36.07
CA HIS A 238 4.52 23.18 -37.07
C HIS A 238 3.93 23.09 -38.47
N ALA A 239 4.83 23.15 -39.46
CA ALA A 239 4.49 23.60 -40.81
C ALA A 239 3.26 22.94 -41.41
N ALA A 240 3.03 21.66 -41.14
CA ALA A 240 1.78 21.06 -41.58
C ALA A 240 1.22 20.11 -40.53
N THR A 241 1.61 20.26 -39.28
CA THR A 241 1.38 19.25 -38.26
C THR A 241 1.10 19.91 -36.92
N ILE A 242 0.25 19.26 -36.14
CA ILE A 242 -0.16 19.73 -34.83
C ILE A 242 -0.19 18.51 -33.92
N ARG A 243 0.06 18.71 -32.63
CA ARG A 243 -0.23 17.68 -31.64
C ARG A 243 -1.20 18.22 -30.60
N VAL A 244 -2.02 17.31 -30.08
CA VAL A 244 -3.07 17.62 -29.10
C VAL A 244 -3.01 16.67 -27.91
N LEU A 245 -3.21 17.21 -26.71
CA LEU A 245 -2.88 16.51 -25.47
C LEU A 245 -4.00 16.63 -24.44
N ALA A 246 -4.22 15.56 -23.68
CA ALA A 246 -5.13 15.59 -22.55
C ALA A 246 -4.47 16.21 -21.32
N LEU A 247 -5.29 16.75 -20.43
CA LEU A 247 -4.81 17.10 -19.10
C LEU A 247 -4.97 15.96 -18.08
N GLY A 248 -5.09 14.72 -18.53
CA GLY A 248 -5.14 13.58 -17.63
C GLY A 248 -6.38 13.60 -16.75
N ASN A 249 -6.39 12.69 -15.78
CA ASN A 249 -7.40 12.79 -14.74
C ASN A 249 -7.19 14.07 -13.94
N GLN A 250 -8.23 14.89 -13.86
CA GLN A 250 -8.19 16.03 -12.96
C GLN A 250 -8.43 15.62 -11.51
N GLU A 251 -8.75 14.36 -11.28
CA GLU A 251 -9.41 13.90 -10.06
C GLU A 251 -8.89 14.52 -8.77
N GLY A 252 -7.59 14.46 -8.54
CA GLY A 252 -7.05 14.92 -7.27
C GLY A 252 -7.39 16.35 -6.91
N SER A 253 -7.49 17.23 -7.90
CA SER A 253 -7.83 18.60 -7.59
C SER A 253 -9.25 18.68 -7.03
N LEU A 254 -10.18 18.08 -7.74
CA LEU A 254 -11.58 18.05 -7.31
C LEU A 254 -11.70 17.40 -5.94
N LYS A 255 -11.07 16.23 -5.77
CA LYS A 255 -11.07 15.54 -4.50
C LYS A 255 -10.56 16.42 -3.37
N THR A 256 -9.55 17.25 -3.64
CA THR A 256 -9.09 18.18 -2.61
C THR A 256 -10.15 19.19 -2.22
N ALA A 257 -10.78 19.80 -3.20
CA ALA A 257 -11.69 20.90 -2.90
C ALA A 257 -12.90 20.46 -2.09
N LEU A 258 -13.43 19.27 -2.34
CA LEU A 258 -14.63 18.84 -1.63
C LEU A 258 -14.44 18.63 -0.12
N THR A 259 -13.23 18.68 0.40
CA THR A 259 -13.04 18.54 1.85
C THR A 259 -13.75 19.60 2.67
N GLY A 260 -14.20 20.68 2.05
CA GLY A 260 -14.95 21.70 2.76
C GLY A 260 -16.40 21.41 3.09
N ALA A 261 -16.82 20.15 3.13
CA ALA A 261 -18.25 19.86 3.27
C ALA A 261 -18.49 18.52 3.95
N MET A 262 -19.73 18.30 4.35
CA MET A 262 -20.17 17.05 4.98
C MET A 262 -20.04 15.87 4.03
N ARG A 263 -19.70 14.72 4.59
CA ARG A 263 -19.58 13.46 3.88
C ARG A 263 -20.91 12.71 3.79
N VAL A 264 -21.04 11.90 2.73
CA VAL A 264 -22.27 11.23 2.35
C VAL A 264 -21.92 9.81 1.91
N THR A 265 -22.87 8.88 2.00
CA THR A 265 -22.57 7.54 1.52
C THR A 265 -23.80 6.81 0.99
N LYS A 266 -23.53 5.72 0.29
CA LYS A 266 -24.52 4.79 -0.25
C LYS A 266 -24.44 3.45 0.47
N ASP A 267 -25.60 2.89 0.81
CA ASP A 267 -25.67 1.62 1.54
C ASP A 267 -25.63 0.40 0.61
N THR A 268 -25.05 -0.68 1.13
CA THR A 268 -24.96 -1.95 0.43
C THR A 268 -26.27 -2.73 0.36
N ASN A 269 -27.20 -2.49 1.26
CA ASN A 269 -28.42 -3.27 1.38
C ASN A 269 -29.62 -2.34 1.34
N ASP A 270 -30.67 -2.75 0.61
CA ASP A 270 -31.73 -1.85 0.19
C ASP A 270 -31.14 -0.62 -0.49
N ASN A 271 -30.33 -0.91 -1.53
CA ASN A 271 -29.37 0.02 -2.10
C ASN A 271 -29.97 1.32 -2.58
N ASN A 272 -31.29 1.39 -2.67
CA ASN A 272 -31.96 2.66 -2.88
C ASN A 272 -31.65 3.67 -1.78
N LEU A 273 -31.31 3.22 -0.58
CA LEU A 273 -30.96 4.15 0.48
C LEU A 273 -29.69 4.93 0.16
N TYR A 274 -29.78 6.26 0.26
CA TYR A 274 -28.63 7.12 0.50
C TYR A 274 -28.64 7.57 1.97
N LYS A 275 -27.48 7.50 2.61
CA LYS A 275 -27.36 7.75 4.05
C LYS A 275 -26.43 8.93 4.32
N LEU A 276 -26.89 9.85 5.17
CA LEU A 276 -26.35 11.21 5.25
C LEU A 276 -25.96 11.59 6.67
N HIS A 277 -24.83 12.29 6.82
CA HIS A 277 -24.29 12.64 8.11
C HIS A 277 -24.26 14.15 8.30
N GLY A 278 -24.29 14.58 9.57
CA GLY A 278 -23.96 15.95 9.95
C GLY A 278 -25.10 16.88 10.31
N GLY A 279 -26.35 16.51 10.05
CA GLY A 279 -27.49 17.31 10.47
C GLY A 279 -27.83 17.15 11.94
N HIS A 280 -28.73 18.01 12.44
CA HIS A 280 -29.24 17.89 13.80
C HIS A 280 -30.73 18.20 13.84
N VAL A 281 -31.39 17.75 14.92
CA VAL A 281 -32.84 17.85 15.06
C VAL A 281 -33.25 18.22 16.47
N SER A 282 -34.49 18.72 16.60
CA SER A 282 -35.13 18.95 17.89
C SER A 282 -36.50 18.29 17.98
N CYS A 283 -36.86 17.88 19.19
CA CYS A 283 -38.05 17.10 19.46
C CYS A 283 -38.60 17.43 20.84
N ARG A 284 -39.90 17.23 21.02
CA ARG A 284 -40.51 17.20 22.35
C ARG A 284 -41.17 15.87 22.63
N VAL A 285 -41.23 15.50 23.92
CA VAL A 285 -41.66 14.19 24.38
C VAL A 285 -42.73 14.33 25.46
N LYS A 286 -43.70 13.41 25.45
CA LYS A 286 -44.76 13.34 26.45
C LYS A 286 -44.58 12.09 27.32
N LEU A 287 -44.41 12.28 28.63
CA LEU A 287 -44.09 11.22 29.59
C LEU A 287 -45.26 10.75 30.45
N SER A 288 -46.41 11.41 30.37
CA SER A 288 -47.45 11.21 31.39
C SER A 288 -47.93 9.76 31.49
N ALA A 289 -48.05 9.05 30.38
CA ALA A 289 -48.53 7.67 30.40
C ALA A 289 -47.48 6.63 30.76
N LEU A 290 -46.28 7.02 31.17
CA LEU A 290 -45.35 6.09 31.76
C LEU A 290 -45.67 5.83 33.23
N THR A 291 -45.30 4.63 33.72
CA THR A 291 -45.61 4.23 35.09
C THR A 291 -44.47 3.39 35.67
N LEU A 292 -44.30 3.50 36.99
CA LEU A 292 -43.36 2.66 37.75
C LEU A 292 -43.97 1.28 38.02
N LYS A 293 -43.29 0.23 37.55
CA LYS A 293 -43.71 -1.14 37.79
C LYS A 293 -43.34 -1.61 39.19
N GLY A 294 -44.02 -2.66 39.64
CA GLY A 294 -43.61 -3.45 40.79
C GLY A 294 -43.71 -2.81 42.14
N THR A 295 -44.31 -1.64 42.24
CA THR A 295 -44.38 -0.92 43.51
C THR A 295 -45.05 -1.74 44.62
N SER A 296 -45.95 -2.65 44.26
CA SER A 296 -46.63 -3.49 45.24
C SER A 296 -45.79 -4.62 45.81
N TYR A 297 -44.61 -4.90 45.29
CA TYR A 297 -43.85 -6.06 45.75
C TYR A 297 -43.17 -5.81 47.11
N LYS A 298 -42.96 -6.92 47.84
CA LYS A 298 -42.20 -6.94 49.09
C LYS A 298 -40.75 -6.54 48.90
N ILE A 299 -40.11 -6.09 49.98
CA ILE A 299 -38.67 -5.90 50.01
C ILE A 299 -37.94 -7.22 50.17
N CYS A 300 -36.89 -7.43 49.36
CA CYS A 300 -36.09 -8.65 49.39
C CYS A 300 -35.37 -8.85 50.73
N THR A 301 -35.17 -10.11 51.09
CA THR A 301 -34.58 -10.46 52.37
C THR A 301 -33.30 -11.30 52.30
N ASP A 302 -33.15 -12.15 51.28
CA ASP A 302 -32.08 -13.13 51.23
C ASP A 302 -30.72 -12.53 50.88
N LYS A 303 -29.68 -13.35 51.06
CA LYS A 303 -28.33 -13.04 50.63
C LYS A 303 -28.20 -12.94 49.11
N MET A 304 -27.25 -12.12 48.67
CA MET A 304 -27.06 -11.77 47.26
C MET A 304 -25.64 -11.27 47.07
N PHE A 305 -25.18 -11.24 45.82
CA PHE A 305 -23.79 -10.86 45.56
C PHE A 305 -23.59 -10.39 44.12
N PHE A 306 -22.49 -9.67 43.91
CA PHE A 306 -22.13 -9.19 42.58
C PHE A 306 -21.67 -10.30 41.64
N VAL A 307 -22.12 -10.23 40.39
CA VAL A 307 -21.47 -10.99 39.31
C VAL A 307 -20.40 -10.17 38.59
N LYS A 308 -20.51 -8.85 38.59
CA LYS A 308 -19.43 -7.99 38.14
C LYS A 308 -19.29 -6.83 39.09
N ASN A 309 -18.07 -6.49 39.47
CA ASN A 309 -17.87 -5.40 40.40
C ASN A 309 -18.36 -4.09 39.81
N PRO A 310 -18.79 -3.16 40.66
CA PRO A 310 -19.04 -1.79 40.19
C PRO A 310 -17.81 -1.19 39.53
N THR A 311 -18.02 -0.42 38.46
CA THR A 311 -16.89 0.18 37.76
C THR A 311 -17.22 1.58 37.26
N ASP A 312 -16.17 2.33 37.03
CA ASP A 312 -16.24 3.70 36.54
C ASP A 312 -16.67 3.75 35.09
N THR A 313 -17.25 4.89 34.68
CA THR A 313 -17.31 5.23 33.27
C THR A 313 -17.38 6.74 33.10
N GLY A 314 -16.96 7.20 31.92
CA GLY A 314 -16.64 8.60 31.69
C GLY A 314 -17.76 9.60 31.92
N HIS A 315 -19.02 9.17 31.89
CA HIS A 315 -20.11 10.09 32.20
C HIS A 315 -20.13 10.50 33.67
N GLY A 316 -19.52 9.70 34.54
CA GLY A 316 -19.47 9.96 35.96
C GLY A 316 -20.33 9.04 36.80
N THR A 317 -21.32 8.36 36.20
CA THR A 317 -22.04 7.32 36.91
C THR A 317 -21.24 6.03 36.98
N VAL A 318 -21.46 5.26 38.05
CA VAL A 318 -21.02 3.86 38.10
C VAL A 318 -22.12 2.94 37.58
N VAL A 319 -21.73 1.73 37.17
CA VAL A 319 -22.64 0.66 36.83
C VAL A 319 -22.26 -0.61 37.57
N MET A 320 -23.26 -1.43 37.92
CA MET A 320 -23.00 -2.71 38.55
C MET A 320 -24.11 -3.69 38.22
N GLN A 321 -23.80 -4.98 38.31
CA GLN A 321 -24.70 -6.06 37.89
C GLN A 321 -24.78 -7.17 38.94
N VAL A 322 -26.00 -7.65 39.22
CA VAL A 322 -26.31 -8.40 40.43
C VAL A 322 -27.27 -9.54 40.12
N LYS A 323 -27.23 -10.62 40.93
CA LYS A 323 -28.19 -11.72 40.84
C LYS A 323 -28.74 -12.05 42.22
N VAL A 324 -29.85 -12.79 42.26
CA VAL A 324 -30.51 -13.18 43.51
C VAL A 324 -30.72 -14.68 43.56
N SER A 325 -30.38 -15.31 44.68
CA SER A 325 -30.34 -16.76 44.77
C SER A 325 -31.74 -17.39 44.82
N LYS A 326 -32.57 -16.95 45.77
CA LYS A 326 -33.85 -17.62 46.01
C LYS A 326 -34.99 -16.63 46.30
N GLY A 327 -34.79 -15.35 46.06
CA GLY A 327 -35.78 -14.36 46.39
C GLY A 327 -37.05 -14.49 45.57
N ALA A 328 -38.12 -13.95 46.13
CA ALA A 328 -39.41 -13.85 45.48
C ALA A 328 -39.33 -12.91 44.28
N PRO A 329 -40.42 -12.80 43.49
CA PRO A 329 -40.56 -11.62 42.64
C PRO A 329 -40.65 -10.36 43.47
N CYS A 330 -39.53 -9.64 43.60
CA CYS A 330 -39.41 -8.64 44.64
C CYS A 330 -38.42 -7.56 44.23
N ARG A 331 -38.46 -6.44 44.94
CA ARG A 331 -37.60 -5.30 44.69
C ARG A 331 -36.37 -5.32 45.58
N ILE A 332 -35.29 -4.73 45.07
CA ILE A 332 -34.00 -4.63 45.75
C ILE A 332 -33.76 -3.18 46.12
N PRO A 333 -33.57 -2.86 47.39
CA PRO A 333 -33.25 -1.49 47.80
C PRO A 333 -31.78 -1.18 47.56
N VAL A 334 -31.51 -0.02 46.98
CA VAL A 334 -30.14 0.41 46.73
C VAL A 334 -29.96 1.90 47.01
N ILE A 335 -28.85 2.26 47.64
CA ILE A 335 -28.65 3.63 48.12
C ILE A 335 -27.17 3.91 48.37
N VAL A 336 -26.81 5.19 48.51
CA VAL A 336 -25.43 5.58 48.78
C VAL A 336 -25.39 6.48 50.00
N ALA A 337 -24.34 6.34 50.81
CA ALA A 337 -24.18 7.13 52.02
C ALA A 337 -22.75 7.61 52.16
N ASP A 338 -22.60 8.79 52.76
CA ASP A 338 -21.26 9.34 53.00
C ASP A 338 -20.55 8.61 54.13
N ASP A 339 -21.27 8.05 55.08
CA ASP A 339 -20.67 7.15 56.06
C ASP A 339 -21.54 5.92 56.24
N LEU A 340 -20.91 4.75 56.30
CA LEU A 340 -21.65 3.51 56.43
C LEU A 340 -22.46 3.42 57.71
N THR A 341 -22.26 4.36 58.64
CA THR A 341 -23.01 4.38 59.87
C THR A 341 -24.38 5.04 59.76
N ALA A 342 -24.64 5.81 58.70
CA ALA A 342 -25.80 6.68 58.65
C ALA A 342 -26.61 6.47 57.39
N ALA A 343 -27.93 6.54 57.52
CA ALA A 343 -28.88 6.24 56.45
C ALA A 343 -29.24 7.43 55.57
N ILE A 344 -28.87 8.65 55.94
CA ILE A 344 -29.29 9.82 55.19
C ILE A 344 -28.62 9.88 53.82
N ASN A 345 -29.37 9.53 52.78
CA ASN A 345 -28.85 9.49 51.42
C ASN A 345 -28.42 10.87 50.92
N LYS A 346 -27.46 10.87 49.99
CA LYS A 346 -27.09 12.04 49.23
C LYS A 346 -27.04 11.83 47.73
N GLY A 347 -27.12 10.59 47.22
CA GLY A 347 -26.97 10.33 45.81
C GLY A 347 -28.28 10.14 45.07
N ILE A 348 -28.15 10.01 43.75
CA ILE A 348 -29.29 9.93 42.85
C ILE A 348 -29.22 8.63 42.06
N LEU A 349 -30.32 7.89 42.05
CA LEU A 349 -30.49 6.77 41.14
C LEU A 349 -30.89 7.25 39.75
N VAL A 350 -30.33 6.63 38.73
CA VAL A 350 -30.77 6.88 37.36
C VAL A 350 -31.59 5.74 36.78
N THR A 351 -31.58 4.55 37.37
CA THR A 351 -32.63 3.56 37.17
C THR A 351 -33.42 3.43 38.47
N VAL A 352 -34.74 3.60 38.38
CA VAL A 352 -35.47 4.12 39.52
C VAL A 352 -35.96 3.02 40.46
N ASN A 353 -36.44 1.87 39.99
CA ASN A 353 -37.01 0.90 40.91
C ASN A 353 -36.74 -0.52 40.47
N PRO A 354 -35.65 -1.10 40.94
CA PRO A 354 -35.22 -2.42 40.48
C PRO A 354 -36.23 -3.52 40.79
N ILE A 355 -36.33 -4.47 39.87
CA ILE A 355 -37.16 -5.65 40.04
C ILE A 355 -36.35 -6.87 39.65
N ALA A 356 -36.43 -7.91 40.45
CA ALA A 356 -36.03 -9.25 40.04
C ALA A 356 -37.25 -10.15 39.99
N SER A 357 -37.40 -10.90 38.90
CA SER A 357 -38.58 -11.73 38.73
C SER A 357 -38.46 -13.12 39.33
N THR A 358 -37.29 -13.74 39.27
CA THR A 358 -37.17 -15.17 39.59
C THR A 358 -35.72 -15.50 39.89
N ASN A 359 -35.51 -16.70 40.42
CA ASN A 359 -34.19 -17.11 40.88
C ASN A 359 -33.12 -17.02 39.78
N ASP A 360 -33.51 -17.23 38.53
CA ASP A 360 -32.58 -17.13 37.42
C ASP A 360 -32.24 -15.68 37.03
N ASP A 361 -32.99 -14.71 37.53
CA ASP A 361 -32.96 -13.35 37.00
C ASP A 361 -31.70 -12.58 37.43
N GLU A 362 -31.44 -11.48 36.73
CA GLU A 362 -30.33 -10.58 37.02
C GLU A 362 -30.81 -9.14 36.88
N VAL A 363 -30.03 -8.20 37.40
CA VAL A 363 -30.34 -6.78 37.24
C VAL A 363 -29.07 -5.95 37.01
N LEU A 364 -29.22 -4.86 36.27
CA LEU A 364 -28.17 -3.87 36.04
C LEU A 364 -28.59 -2.54 36.64
N ILE A 365 -27.69 -1.92 37.41
CA ILE A 365 -27.99 -0.72 38.18
C ILE A 365 -26.93 0.34 37.90
N GLU A 366 -27.35 1.61 37.81
CA GLU A 366 -26.40 2.72 37.84
C GLU A 366 -26.83 3.81 38.82
N VAL A 367 -25.85 4.48 39.42
CA VAL A 367 -26.10 5.61 40.30
C VAL A 367 -25.08 6.70 40.01
N ASN A 368 -25.43 7.94 40.37
CA ASN A 368 -24.49 9.05 40.45
C ASN A 368 -24.18 9.37 41.90
N PRO A 369 -23.06 8.90 42.45
CA PRO A 369 -22.73 9.24 43.83
C PRO A 369 -22.25 10.68 43.95
N PRO A 370 -22.39 11.28 45.13
CA PRO A 370 -21.96 12.67 45.32
C PRO A 370 -20.46 12.79 45.16
N PHE A 371 -20.02 13.94 44.65
CA PHE A 371 -18.60 14.24 44.66
C PHE A 371 -18.07 14.16 46.08
N GLY A 372 -16.85 13.63 46.23
CA GLY A 372 -16.28 13.27 47.50
C GLY A 372 -15.98 11.77 47.58
N ASP A 373 -16.28 11.18 48.74
CA ASP A 373 -16.13 9.73 48.93
C ASP A 373 -17.28 9.18 49.77
N SER A 374 -17.58 7.89 49.57
CA SER A 374 -18.83 7.36 50.09
C SER A 374 -18.82 5.84 50.07
N TYR A 375 -19.87 5.27 50.66
CA TYR A 375 -20.19 3.84 50.54
C TYR A 375 -21.45 3.64 49.70
N ILE A 376 -21.36 2.79 48.68
CA ILE A 376 -22.54 2.21 48.06
C ILE A 376 -23.03 1.05 48.93
N ILE A 377 -24.35 0.90 49.06
CA ILE A 377 -24.96 -0.09 49.93
C ILE A 377 -26.14 -0.75 49.24
N VAL A 378 -26.24 -2.06 49.34
CA VAL A 378 -27.35 -2.81 48.76
C VAL A 378 -27.86 -3.84 49.75
N GLY A 379 -29.19 -4.00 49.81
CA GLY A 379 -29.85 -4.89 50.75
C GLY A 379 -29.95 -4.36 52.17
N ARG A 380 -30.63 -5.14 53.02
CA ARG A 380 -30.79 -4.81 54.43
C ARG A 380 -30.69 -6.07 55.27
N GLY A 381 -30.36 -5.87 56.55
CA GLY A 381 -30.03 -6.93 57.47
C GLY A 381 -28.62 -7.49 57.31
N ASP A 382 -28.44 -8.74 57.74
CA ASP A 382 -27.15 -9.40 57.64
C ASP A 382 -26.67 -9.57 56.21
N SER A 383 -27.60 -9.67 55.26
CA SER A 383 -27.26 -9.76 53.84
C SER A 383 -26.51 -8.53 53.32
N ARG A 384 -26.64 -7.40 54.00
CA ARG A 384 -26.10 -6.10 53.62
C ARG A 384 -24.73 -6.22 52.96
N LEU A 385 -24.62 -5.67 51.76
CA LEU A 385 -23.43 -5.75 50.92
C LEU A 385 -23.01 -4.35 50.49
N THR A 386 -21.70 -4.10 50.38
CA THR A 386 -21.22 -2.72 50.27
C THR A 386 -19.91 -2.60 49.50
N TYR A 387 -19.62 -1.38 49.05
CA TYR A 387 -18.38 -1.07 48.34
C TYR A 387 -17.95 0.37 48.60
N GLN A 388 -16.64 0.60 48.66
CA GLN A 388 -16.08 1.94 48.84
C GLN A 388 -15.78 2.64 47.51
N TRP A 389 -15.97 3.96 47.49
CA TRP A 389 -15.94 4.71 46.25
C TRP A 389 -15.55 6.16 46.43
N HIS A 390 -15.19 6.80 45.32
CA HIS A 390 -14.57 8.12 45.29
C HIS A 390 -15.09 8.92 44.11
N LYS A 391 -14.83 10.22 44.12
CA LYS A 391 -15.31 11.15 43.09
C LYS A 391 -15.01 10.71 41.68
N ALA B 1 18.47 28.88 -50.11
CA ALA B 1 17.69 27.65 -50.03
C ALA B 1 17.03 27.49 -48.67
N HIS B 2 17.65 26.69 -47.82
CA HIS B 2 17.05 26.28 -46.56
C HIS B 2 16.43 27.43 -45.76
N CYS B 3 17.17 28.52 -45.56
CA CYS B 3 16.69 29.54 -44.65
C CYS B 3 15.41 30.24 -45.09
N ILE B 4 15.10 30.22 -46.38
CA ILE B 4 14.18 31.24 -46.89
C ILE B 4 12.79 31.12 -46.27
N GLY B 5 12.36 29.91 -45.93
CA GLY B 5 11.03 29.74 -45.38
C GLY B 5 10.84 29.83 -43.90
N ILE B 6 11.89 29.99 -43.13
CA ILE B 6 11.79 29.99 -41.67
C ILE B 6 11.21 31.30 -41.16
N THR B 7 10.60 31.22 -39.98
CA THR B 7 9.87 32.34 -39.40
C THR B 7 10.76 33.54 -39.16
N ASP B 8 12.03 33.34 -38.86
CA ASP B 8 12.91 34.45 -38.52
C ASP B 8 14.33 34.17 -38.98
N ARG B 9 15.06 35.24 -39.28
CA ARG B 9 16.36 35.12 -39.94
C ARG B 9 17.25 36.27 -39.49
N ASP B 10 18.53 36.00 -39.35
CA ASP B 10 19.56 37.03 -39.25
C ASP B 10 20.44 37.12 -40.49
N PHE B 11 20.74 38.34 -40.90
CA PHE B 11 21.86 38.64 -41.77
C PHE B 11 23.07 38.96 -40.91
N ILE B 12 24.23 38.38 -41.22
CA ILE B 12 25.50 38.83 -40.63
C ILE B 12 26.54 38.98 -41.74
N GLU B 13 27.22 40.12 -41.75
CA GLU B 13 28.23 40.45 -42.76
C GLU B 13 29.63 40.49 -42.16
N GLY B 14 30.55 39.73 -42.76
CA GLY B 14 31.95 39.81 -42.40
C GLY B 14 32.73 40.76 -43.30
N VAL B 15 33.31 41.82 -42.72
CA VAL B 15 34.21 42.69 -43.47
C VAL B 15 35.52 41.94 -43.77
N HIS B 16 36.04 42.14 -44.99
CA HIS B 16 37.22 41.38 -45.42
C HIS B 16 38.43 41.68 -44.54
N GLY B 17 39.01 40.61 -44.01
CA GLY B 17 39.98 40.68 -42.92
C GLY B 17 39.55 39.98 -41.65
N GLY B 18 38.25 39.82 -41.42
CA GLY B 18 37.74 39.04 -40.30
C GLY B 18 37.65 37.55 -40.62
N THR B 19 38.79 36.88 -40.70
CA THR B 19 38.82 35.49 -41.15
C THR B 19 38.06 34.54 -40.21
N TRP B 20 37.90 34.89 -38.94
CA TRP B 20 36.92 34.23 -38.09
C TRP B 20 35.67 35.09 -37.95
N VAL B 21 34.50 34.46 -38.04
CA VAL B 21 33.24 35.09 -37.70
C VAL B 21 32.52 34.20 -36.70
N SER B 22 31.71 34.82 -35.83
CA SER B 22 30.90 34.08 -34.86
C SER B 22 29.44 34.47 -34.94
N ALA B 23 28.57 33.52 -34.58
CA ALA B 23 27.12 33.69 -34.62
C ALA B 23 26.47 32.80 -33.57
N THR B 24 25.23 33.14 -33.23
CA THR B 24 24.43 32.43 -32.22
C THR B 24 23.22 31.73 -32.83
N LEU B 25 22.91 30.54 -32.36
CA LEU B 25 21.88 29.68 -32.95
C LEU B 25 20.81 29.33 -31.92
N GLU B 26 19.55 29.34 -32.35
CA GLU B 26 18.42 28.88 -31.55
C GLU B 26 17.60 27.88 -32.36
N GLN B 27 16.79 27.08 -31.67
CA GLN B 27 16.17 25.93 -32.32
C GLN B 27 15.22 26.34 -33.45
N ASP B 28 14.47 27.40 -33.27
CA ASP B 28 13.47 27.76 -34.27
C ASP B 28 13.98 28.69 -35.34
N LYS B 29 15.28 28.97 -35.41
CA LYS B 29 15.77 30.08 -36.21
C LYS B 29 16.93 29.64 -37.09
N CYS B 30 17.49 30.59 -37.83
CA CYS B 30 18.66 30.32 -38.66
C CYS B 30 19.39 31.63 -38.93
N VAL B 31 20.61 31.52 -39.41
CA VAL B 31 21.41 32.67 -39.81
C VAL B 31 22.07 32.44 -41.16
N THR B 32 22.08 33.49 -41.99
CA THR B 32 22.86 33.55 -43.22
C THR B 32 24.08 34.44 -43.01
N VAL B 33 25.27 33.90 -43.26
CA VAL B 33 26.52 34.66 -43.19
C VAL B 33 27.03 34.96 -44.59
N MET B 34 27.55 36.16 -44.76
CA MET B 34 27.86 36.73 -46.06
C MET B 34 29.22 37.39 -46.01
N ALA B 35 30.03 37.21 -47.04
CA ALA B 35 31.35 37.80 -47.13
C ALA B 35 31.65 38.29 -48.54
N PRO B 36 32.43 39.35 -48.67
CA PRO B 36 32.30 40.22 -49.85
C PRO B 36 32.53 39.55 -51.19
N ASP B 37 33.27 38.45 -51.27
CA ASP B 37 33.41 37.80 -52.57
C ASP B 37 33.20 36.30 -52.48
N LYS B 38 32.55 35.83 -51.44
CA LYS B 38 32.44 34.42 -51.19
C LYS B 38 30.97 34.02 -51.26
N PRO B 39 30.64 32.85 -51.77
CA PRO B 39 29.25 32.42 -51.77
C PRO B 39 28.74 32.28 -50.34
N SER B 40 27.49 32.66 -50.12
CA SER B 40 26.91 32.70 -48.79
C SER B 40 26.53 31.34 -48.23
N LEU B 41 26.59 31.22 -46.89
CA LEU B 41 26.23 30.02 -46.15
C LEU B 41 24.99 30.22 -45.31
N ASP B 42 24.16 29.18 -45.21
CA ASP B 42 23.16 29.06 -44.16
C ASP B 42 23.61 28.09 -43.08
N ILE B 43 23.57 28.53 -41.83
CA ILE B 43 23.75 27.69 -40.66
C ILE B 43 22.41 27.53 -39.99
N SER B 44 22.05 26.31 -39.65
CA SER B 44 20.78 26.07 -38.98
C SER B 44 20.88 24.92 -38.01
N LEU B 45 20.10 25.01 -36.93
CA LEU B 45 20.17 24.10 -35.79
C LEU B 45 18.93 23.22 -35.71
N GLU B 46 19.08 21.91 -35.90
CA GLU B 46 17.91 21.05 -35.84
C GLU B 46 17.50 20.72 -34.40
N THR B 47 18.37 20.03 -33.66
CA THR B 47 17.97 19.46 -32.39
C THR B 47 19.16 19.29 -31.46
N VAL B 48 18.86 19.24 -30.17
CA VAL B 48 19.76 18.69 -29.16
C VAL B 48 19.26 17.30 -28.80
N ALA B 49 20.15 16.31 -28.86
CA ALA B 49 19.77 14.91 -28.71
C ALA B 49 20.53 14.23 -27.57
N ILE B 50 19.86 13.27 -26.92
CA ILE B 50 20.40 12.52 -25.79
C ILE B 50 20.18 11.04 -26.03
N ASP B 51 21.16 10.22 -25.67
CA ASP B 51 21.15 8.79 -25.92
C ASP B 51 21.23 7.95 -24.63
N ARG B 52 20.27 7.05 -24.47
CA ARG B 52 20.20 5.99 -23.45
C ARG B 52 20.54 6.47 -22.03
N PRO B 53 19.64 7.21 -21.41
CA PRO B 53 19.88 7.76 -20.07
C PRO B 53 19.99 6.74 -18.96
N ALA B 54 20.27 7.22 -17.74
CA ALA B 54 20.37 6.41 -16.54
C ALA B 54 19.09 6.42 -15.70
N GLU B 55 18.51 5.25 -15.45
CA GLU B 55 17.29 5.08 -14.65
C GLU B 55 17.55 5.14 -13.15
N VAL B 56 16.80 5.98 -12.43
CA VAL B 56 17.13 6.26 -11.04
C VAL B 56 15.97 6.15 -10.06
N ARG B 57 14.75 6.49 -10.46
CA ARG B 57 13.63 6.34 -9.53
C ARG B 57 12.35 6.02 -10.28
N LYS B 58 11.42 5.39 -9.57
CA LYS B 58 10.02 5.33 -9.95
C LYS B 58 9.16 6.07 -8.92
N VAL B 59 8.26 6.93 -9.38
CA VAL B 59 7.37 7.72 -8.54
C VAL B 59 5.94 7.39 -8.93
N CYS B 60 5.09 7.16 -7.92
CA CYS B 60 3.71 6.74 -8.14
C CYS B 60 2.75 7.89 -7.94
N TYR B 61 1.92 8.17 -8.94
CA TYR B 61 0.91 9.22 -8.84
C TYR B 61 -0.51 8.69 -8.85
N ASN B 62 -0.72 7.38 -8.82
CA ASN B 62 -2.03 6.81 -8.56
C ASN B 62 -1.87 5.47 -7.87
N ALA B 63 -2.85 5.10 -7.04
CA ALA B 63 -2.76 3.84 -6.32
C ALA B 63 -4.14 3.23 -6.10
N VAL B 64 -4.17 1.89 -6.01
CA VAL B 64 -5.38 1.13 -5.72
C VAL B 64 -5.18 0.26 -4.48
N LEU B 65 -6.22 0.16 -3.65
CA LEU B 65 -6.18 -0.47 -2.32
C LEU B 65 -7.08 -1.70 -2.25
N THR B 66 -6.64 -2.75 -1.56
CA THR B 66 -7.45 -3.97 -1.55
C THR B 66 -7.16 -4.86 -0.34
N HIS B 67 -8.08 -5.81 -0.12
CA HIS B 67 -7.97 -6.86 0.90
C HIS B 67 -7.81 -6.37 2.34
N VAL B 68 -8.55 -5.33 2.71
CA VAL B 68 -8.44 -4.70 4.01
C VAL B 68 -8.44 -5.70 5.16
N LYS B 69 -7.68 -5.41 6.21
CA LYS B 69 -7.65 -6.21 7.44
C LYS B 69 -7.68 -5.30 8.65
N ILE B 70 -8.17 -5.80 9.80
CA ILE B 70 -8.26 -4.98 11.00
C ILE B 70 -8.17 -5.85 12.25
N ASN B 71 -7.65 -5.30 13.34
CA ASN B 71 -7.59 -6.03 14.61
C ASN B 71 -7.68 -5.10 15.83
N ASP B 72 -8.06 -5.67 16.97
CA ASP B 72 -8.74 -4.93 18.04
C ASP B 72 -8.36 -5.49 19.41
N LYS B 73 -8.02 -4.61 20.38
CA LYS B 73 -7.76 -5.11 21.73
C LYS B 73 -8.18 -4.12 22.82
N CYS B 74 -8.63 -4.69 23.95
CA CYS B 74 -9.31 -4.01 25.06
C CYS B 74 -8.43 -3.04 25.85
N PRO B 75 -9.02 -2.13 26.61
CA PRO B 75 -8.25 -1.07 27.25
C PRO B 75 -7.26 -1.53 28.30
N SER B 76 -7.49 -2.65 28.96
CA SER B 76 -6.64 -3.03 30.08
C SER B 76 -5.41 -3.83 29.69
N THR B 77 -5.28 -4.31 28.46
CA THR B 77 -4.21 -5.26 28.16
C THR B 77 -3.62 -4.99 26.80
N GLY B 78 -2.33 -4.70 26.78
CA GLY B 78 -1.54 -4.69 25.58
C GLY B 78 -1.81 -3.56 24.62
N GLU B 79 -1.31 -3.75 23.40
CA GLU B 79 -1.48 -2.81 22.32
C GLU B 79 -1.69 -3.60 21.03
N ALA B 80 -2.28 -2.91 20.06
CA ALA B 80 -2.67 -3.56 18.81
C ALA B 80 -1.48 -4.06 18.00
N HIS B 81 -1.58 -5.30 17.51
CA HIS B 81 -0.52 -5.93 16.76
C HIS B 81 -1.12 -6.95 15.81
N LEU B 82 -0.48 -7.19 14.67
CA LEU B 82 -1.07 -8.03 13.62
C LEU B 82 -0.03 -8.51 12.61
N ALA B 83 -0.06 -9.81 12.31
CA ALA B 83 0.95 -10.45 11.47
C ALA B 83 1.11 -9.83 10.08
N GLU B 84 0.02 -9.38 9.46
CA GLU B 84 0.14 -8.84 8.11
C GLU B 84 1.05 -7.63 8.01
N GLU B 85 1.23 -6.89 9.10
CA GLU B 85 2.07 -5.70 9.11
C GLU B 85 3.50 -5.95 8.69
N ASN B 86 3.95 -7.20 8.68
CA ASN B 86 5.32 -7.47 8.25
C ASN B 86 5.53 -7.37 6.74
N GLU B 87 4.61 -7.88 5.93
CA GLU B 87 4.86 -8.01 4.49
C GLU B 87 4.78 -6.67 3.76
N GLY B 88 5.85 -6.31 3.06
CA GLY B 88 6.03 -4.96 2.52
C GLY B 88 4.96 -4.49 1.57
N ASP B 89 4.19 -5.40 0.99
CA ASP B 89 3.08 -4.99 0.14
C ASP B 89 1.98 -4.24 0.87
N ASN B 90 2.04 -4.06 2.18
CA ASN B 90 0.97 -3.42 2.92
C ASN B 90 1.33 -2.04 3.44
N ALA B 91 0.38 -1.14 3.36
CA ALA B 91 0.35 0.07 4.18
C ALA B 91 -0.28 -0.20 5.52
N CYS B 92 0.17 0.52 6.55
CA CYS B 92 -0.30 0.28 7.91
C CYS B 92 -0.48 1.59 8.67
N LYS B 93 -1.44 1.58 9.61
CA LYS B 93 -1.59 2.64 10.58
C LYS B 93 -2.19 2.09 11.87
N ARG B 94 -1.86 2.73 12.99
CA ARG B 94 -2.18 2.26 14.32
C ARG B 94 -2.77 3.39 15.14
N THR B 95 -3.83 3.13 15.91
CA THR B 95 -4.42 4.17 16.75
C THR B 95 -5.15 3.58 17.96
N TYR B 96 -5.26 4.40 19.00
CA TYR B 96 -6.24 4.19 20.06
C TYR B 96 -7.64 4.56 19.62
N SER B 97 -8.64 3.99 20.30
CA SER B 97 -10.04 4.31 20.03
C SER B 97 -10.89 4.16 21.29
N ASP B 98 -12.10 4.72 21.19
CA ASP B 98 -13.20 4.42 22.09
C ASP B 98 -13.49 2.92 22.21
N ARG B 99 -14.00 2.53 23.39
CA ARG B 99 -14.45 1.17 23.67
C ARG B 99 -15.31 1.17 24.93
N GLY B 100 -16.08 0.10 25.14
CA GLY B 100 -16.87 0.02 26.37
C GLY B 100 -17.84 -1.14 26.43
N TRP B 101 -18.62 -1.15 27.54
CA TRP B 101 -19.52 -2.25 27.89
C TRP B 101 -20.49 -2.60 26.78
N GLY B 102 -20.79 -1.67 25.89
CA GLY B 102 -21.64 -2.02 24.77
C GLY B 102 -21.06 -3.03 23.82
N ASN B 103 -19.78 -3.36 23.99
CA ASN B 103 -19.10 -4.29 23.09
C ASN B 103 -18.72 -5.60 23.76
N GLY B 104 -18.01 -5.54 24.88
CA GLY B 104 -17.64 -6.75 25.61
C GLY B 104 -16.50 -6.56 26.58
N CYS B 105 -15.77 -5.47 26.43
CA CYS B 105 -14.61 -5.21 27.27
C CYS B 105 -15.00 -5.04 28.72
N GLY B 106 -14.09 -5.43 29.60
CA GLY B 106 -14.34 -5.48 31.02
C GLY B 106 -14.26 -4.16 31.74
N LEU B 107 -13.68 -3.14 31.13
CA LEU B 107 -13.49 -1.87 31.83
C LEU B 107 -13.54 -0.76 30.80
N PHE B 108 -14.13 0.38 31.17
CA PHE B 108 -14.17 1.50 30.25
C PHE B 108 -12.85 2.23 30.14
N GLY B 109 -12.59 2.78 28.96
CA GLY B 109 -11.39 3.51 28.66
C GLY B 109 -11.01 3.32 27.20
N LYS B 110 -9.95 4.02 26.80
CA LYS B 110 -9.44 3.87 25.45
C LYS B 110 -8.76 2.52 25.22
N GLY B 111 -9.14 1.85 24.13
CA GLY B 111 -8.46 0.68 23.62
C GLY B 111 -7.56 1.00 22.43
N SER B 112 -7.18 -0.03 21.67
CA SER B 112 -6.39 0.23 20.47
C SER B 112 -6.78 -0.65 19.29
N ILE B 113 -6.55 -0.11 18.09
CA ILE B 113 -6.91 -0.69 16.81
C ILE B 113 -5.72 -0.60 15.88
N VAL B 114 -5.51 -1.61 15.06
CA VAL B 114 -4.56 -1.54 13.95
C VAL B 114 -5.22 -1.99 12.66
N ALA B 115 -4.85 -1.35 11.56
CA ALA B 115 -5.41 -1.65 10.24
C ALA B 115 -4.32 -1.59 9.19
N CYS B 116 -4.48 -2.37 8.14
CA CYS B 116 -3.53 -2.38 7.04
C CYS B 116 -4.18 -2.95 5.79
N ALA B 117 -3.57 -2.69 4.64
CA ALA B 117 -4.12 -3.14 3.37
C ALA B 117 -3.04 -3.32 2.31
N LYS B 118 -3.29 -4.20 1.34
CA LYS B 118 -2.42 -4.39 0.18
C LYS B 118 -2.50 -3.19 -0.76
N PHE B 119 -1.35 -2.83 -1.35
CA PHE B 119 -1.17 -1.63 -2.16
C PHE B 119 -0.49 -1.97 -3.48
N THR B 120 -0.95 -1.38 -4.58
CA THR B 120 -0.32 -1.55 -5.89
C THR B 120 -0.53 -0.30 -6.74
N CYS B 121 0.43 -0.02 -7.63
CA CYS B 121 0.41 1.17 -8.47
C CYS B 121 -0.05 0.88 -9.90
N ALA B 122 -0.94 1.74 -10.41
CA ALA B 122 -1.42 1.66 -11.79
C ALA B 122 -0.57 2.43 -12.80
N LYS B 123 -0.13 3.64 -12.46
CA LYS B 123 0.64 4.47 -13.39
C LYS B 123 1.74 5.17 -12.63
N SER B 124 2.97 5.08 -13.13
CA SER B 124 4.11 5.62 -12.39
C SER B 124 5.03 6.41 -13.30
N MET B 125 5.40 7.60 -12.83
CA MET B 125 6.41 8.40 -13.50
C MET B 125 7.79 7.82 -13.25
N SER B 126 8.61 7.78 -14.30
CA SER B 126 10.00 7.36 -14.20
C SER B 126 10.92 8.57 -14.31
N LEU B 127 11.95 8.61 -13.46
CA LEU B 127 12.96 9.64 -13.49
C LEU B 127 14.28 9.10 -14.01
N PHE B 128 15.00 9.90 -14.79
CA PHE B 128 16.31 9.53 -15.31
C PHE B 128 17.35 10.62 -15.06
N GLU B 129 18.57 10.20 -14.73
CA GLU B 129 19.77 11.03 -14.82
C GLU B 129 20.42 10.88 -16.20
N VAL B 130 21.25 11.86 -16.56
CA VAL B 130 21.72 12.05 -17.93
C VAL B 130 23.23 12.23 -18.01
N ASP B 131 23.84 11.64 -19.05
CA ASP B 131 25.27 11.72 -19.33
C ASP B 131 25.64 12.99 -20.11
N GLN B 132 26.16 14.01 -19.41
CA GLN B 132 26.61 15.20 -20.11
C GLN B 132 27.66 14.87 -21.14
N THR B 133 28.48 13.87 -20.87
CA THR B 133 29.47 13.36 -21.81
C THR B 133 28.88 12.70 -23.03
N LYS B 134 27.56 12.53 -23.13
CA LYS B 134 27.01 11.87 -24.32
C LYS B 134 25.91 12.65 -25.04
N ILE B 135 25.66 13.92 -24.69
CA ILE B 135 24.75 14.72 -25.49
C ILE B 135 25.28 14.91 -26.90
N GLN B 136 24.37 15.04 -27.87
CA GLN B 136 24.72 15.27 -29.26
C GLN B 136 24.01 16.47 -29.86
N TYR B 137 24.72 17.26 -30.66
CA TYR B 137 24.18 18.37 -31.43
C TYR B 137 24.09 17.99 -32.91
N VAL B 138 23.00 18.36 -33.57
CA VAL B 138 22.84 18.16 -35.01
C VAL B 138 22.65 19.50 -35.71
N ILE B 139 23.53 19.82 -36.64
CA ILE B 139 23.47 21.07 -37.38
C ILE B 139 23.31 20.80 -38.87
N ARG B 140 22.48 21.62 -39.54
CA ARG B 140 22.32 21.62 -40.98
C ARG B 140 22.97 22.86 -41.57
N ALA B 141 23.67 22.69 -42.70
CA ALA B 141 24.21 23.81 -43.44
C ALA B 141 24.21 23.51 -44.94
N GLN B 142 24.14 24.57 -45.75
CA GLN B 142 24.43 24.42 -47.17
C GLN B 142 24.83 25.76 -47.78
N LEU B 143 25.50 25.66 -48.92
CA LEU B 143 25.83 26.80 -49.76
C LEU B 143 24.60 27.32 -50.47
N HIS B 144 24.54 28.63 -50.65
CA HIS B 144 23.34 29.28 -51.17
C HIS B 144 23.26 29.38 -52.69
N VAL B 145 24.21 28.83 -53.44
CA VAL B 145 24.22 28.99 -54.89
C VAL B 145 22.92 28.47 -55.47
N GLY B 146 22.40 29.18 -56.45
CA GLY B 146 21.01 29.03 -56.84
C GLY B 146 20.68 27.63 -57.29
N ALA B 147 19.65 27.04 -56.67
CA ALA B 147 19.18 25.71 -57.04
C ALA B 147 17.71 25.58 -56.69
N LYS B 148 16.97 24.94 -57.59
CA LYS B 148 15.52 24.82 -57.44
C LYS B 148 15.15 24.05 -56.18
N GLN B 149 14.08 24.49 -55.53
CA GLN B 149 13.69 23.94 -54.23
C GLN B 149 13.44 22.44 -54.27
N GLU B 150 12.95 21.92 -55.40
CA GLU B 150 12.69 20.50 -55.55
C GLU B 150 13.93 19.62 -55.39
N ASN B 151 15.13 20.18 -55.34
CA ASN B 151 16.34 19.41 -55.12
C ASN B 151 17.01 19.68 -53.78
N TRP B 152 16.45 20.53 -52.93
CA TRP B 152 17.18 20.95 -51.73
C TRP B 152 17.55 19.79 -50.81
N THR B 153 16.69 18.78 -50.69
CA THR B 153 17.00 17.69 -49.79
C THR B 153 18.24 16.92 -50.18
N THR B 154 18.60 16.88 -51.45
CA THR B 154 19.85 16.23 -51.81
C THR B 154 21.07 17.12 -51.69
N ASP B 155 20.87 18.44 -51.61
CA ASP B 155 22.02 19.34 -51.49
C ASP B 155 22.35 19.73 -50.06
N ILE B 156 21.40 19.62 -49.11
CA ILE B 156 21.73 19.89 -47.72
C ILE B 156 22.77 18.91 -47.19
N LYS B 157 23.67 19.42 -46.36
CA LYS B 157 24.63 18.63 -45.59
C LYS B 157 24.32 18.69 -44.10
N THR B 158 24.61 17.58 -43.40
CA THR B 158 24.30 17.43 -41.98
C THR B 158 25.55 17.07 -41.18
N LEU B 159 25.67 17.64 -40.00
CA LEU B 159 26.85 17.47 -39.15
C LEU B 159 26.45 17.10 -37.73
N LYS B 160 27.29 16.29 -37.07
CA LYS B 160 27.08 15.85 -35.70
C LYS B 160 28.24 16.31 -34.82
N PHE B 161 27.93 16.99 -33.73
CA PHE B 161 28.93 17.47 -32.79
C PHE B 161 28.66 17.01 -31.38
N ASP B 162 29.73 16.72 -30.64
CA ASP B 162 29.66 16.27 -29.26
C ASP B 162 30.98 16.56 -28.58
N ALA B 163 31.08 16.14 -27.32
CA ALA B 163 32.31 16.33 -26.56
C ALA B 163 33.53 15.64 -27.18
N LEU B 164 33.36 14.82 -28.22
CA LEU B 164 34.54 14.21 -28.79
C LEU B 164 35.22 15.07 -29.85
N SER B 165 34.49 15.85 -30.63
CA SER B 165 35.06 16.46 -31.82
C SER B 165 34.72 17.94 -31.95
N GLY B 166 35.70 18.71 -32.42
CA GLY B 166 35.46 20.03 -32.97
C GLY B 166 35.01 19.96 -34.42
N SER B 167 35.27 21.05 -35.16
CA SER B 167 34.77 21.17 -36.51
C SER B 167 35.12 19.99 -37.39
N GLN B 168 34.14 19.54 -38.15
CA GLN B 168 34.39 18.77 -39.35
C GLN B 168 35.00 19.65 -40.45
N GLU B 169 35.78 19.02 -41.34
CA GLU B 169 36.18 19.62 -42.60
C GLU B 169 35.12 19.38 -43.67
N VAL B 170 34.10 20.22 -43.68
CA VAL B 170 32.92 20.00 -44.53
C VAL B 170 33.24 20.27 -45.99
N GLU B 171 32.84 19.36 -46.87
CA GLU B 171 33.22 19.39 -48.27
C GLU B 171 32.01 19.57 -49.18
N PHE B 172 32.18 20.30 -50.28
CA PHE B 172 31.15 20.45 -51.31
C PHE B 172 31.74 20.34 -52.69
N ILE B 173 30.94 19.81 -53.61
CA ILE B 173 31.35 19.71 -55.01
C ILE B 173 31.61 21.09 -55.60
N GLY B 174 32.77 21.24 -56.23
CA GLY B 174 33.10 22.46 -56.93
C GLY B 174 33.42 23.66 -56.06
N TYR B 175 32.58 23.96 -55.09
CA TYR B 175 32.72 25.19 -54.34
C TYR B 175 33.85 25.18 -53.32
N GLY B 176 34.29 24.00 -52.88
CA GLY B 176 35.36 23.90 -51.90
C GLY B 176 34.98 23.39 -50.53
N LYS B 177 35.58 23.94 -49.46
CA LYS B 177 35.41 23.37 -48.13
C LYS B 177 35.26 24.48 -47.09
N ALA B 178 34.76 24.09 -45.90
CA ALA B 178 34.47 25.03 -44.83
C ALA B 178 34.60 24.36 -43.46
N THR B 179 34.60 25.20 -42.41
CA THR B 179 34.72 24.71 -41.03
C THR B 179 33.84 25.48 -40.06
N LEU B 180 33.15 24.73 -39.18
CA LEU B 180 32.25 25.24 -38.16
C LEU B 180 32.68 24.75 -36.79
N GLU B 181 33.03 25.66 -35.88
CA GLU B 181 33.39 25.27 -34.51
C GLU B 181 32.26 25.55 -33.51
N CYS B 182 31.94 24.55 -32.68
CA CYS B 182 30.83 24.60 -31.73
C CYS B 182 31.30 24.67 -30.28
N GLN B 183 30.69 25.57 -29.50
CA GLN B 183 30.83 25.58 -28.04
C GLN B 183 29.91 24.53 -27.41
N VAL B 184 30.36 23.28 -27.47
CA VAL B 184 29.68 22.18 -26.79
C VAL B 184 29.46 22.46 -25.30
N GLN B 185 28.30 22.06 -24.79
CA GLN B 185 27.88 22.26 -23.41
C GLN B 185 27.87 23.73 -22.98
N THR B 186 27.02 24.51 -23.66
CA THR B 186 26.72 25.89 -23.28
C THR B 186 25.22 26.11 -23.08
N ALA B 187 24.47 25.04 -22.83
CA ALA B 187 23.07 25.16 -22.46
C ALA B 187 22.88 25.99 -21.20
N VAL B 188 21.71 26.62 -21.08
CA VAL B 188 21.41 27.55 -19.99
C VAL B 188 21.54 26.87 -18.64
N ASP B 189 21.07 25.62 -18.52
CA ASP B 189 21.20 24.88 -17.28
C ASP B 189 21.13 23.41 -17.59
N PHE B 190 22.17 22.66 -17.23
CA PHE B 190 22.13 21.22 -17.44
C PHE B 190 22.97 20.52 -16.38
N GLY B 191 22.67 19.23 -16.17
CA GLY B 191 22.92 18.60 -14.90
C GLY B 191 22.03 19.20 -13.82
N ASN B 192 22.31 18.81 -12.58
CA ASN B 192 21.49 19.19 -11.42
C ASN B 192 20.02 18.84 -11.62
N SER B 193 19.70 17.86 -12.45
CA SER B 193 18.35 17.75 -12.99
C SER B 193 18.08 16.30 -13.39
N TYR B 194 16.79 16.01 -13.57
CA TYR B 194 16.35 14.74 -14.13
C TYR B 194 15.44 14.93 -15.34
N ILE B 195 15.58 14.05 -16.33
CA ILE B 195 14.54 13.83 -17.33
C ILE B 195 13.43 12.99 -16.70
N ALA B 196 12.17 13.31 -17.02
CA ALA B 196 11.01 12.57 -16.54
C ALA B 196 10.17 12.04 -17.70
N GLU B 197 9.71 10.80 -17.56
CA GLU B 197 8.71 10.24 -18.46
C GLU B 197 7.41 9.97 -17.72
N MET B 198 6.32 10.47 -18.28
CA MET B 198 5.00 9.89 -18.11
C MET B 198 4.76 8.93 -19.27
N GLU B 199 3.52 8.49 -19.46
CA GLU B 199 3.19 7.75 -20.66
C GLU B 199 3.25 8.65 -21.89
N THR B 200 4.33 8.52 -22.67
CA THR B 200 4.51 9.23 -23.95
C THR B 200 4.49 10.76 -23.82
N GLU B 201 4.85 11.30 -22.67
CA GLU B 201 4.96 12.74 -22.50
C GLU B 201 6.09 12.98 -21.52
N SER B 202 6.73 14.14 -21.58
CA SER B 202 7.99 14.25 -20.86
C SER B 202 8.29 15.67 -20.43
N TRP B 203 9.20 15.76 -19.46
CA TRP B 203 9.56 17.02 -18.81
C TRP B 203 10.99 16.89 -18.29
N ILE B 204 11.63 18.03 -18.01
CA ILE B 204 12.92 18.07 -17.35
C ILE B 204 12.91 19.08 -16.22
N VAL B 205 13.47 18.72 -15.07
CA VAL B 205 13.44 19.57 -13.90
C VAL B 205 14.63 19.26 -13.00
N ASP B 206 14.97 20.22 -12.15
CA ASP B 206 16.11 20.08 -11.25
C ASP B 206 15.95 18.94 -10.25
N ARG B 207 17.05 18.24 -10.00
CA ARG B 207 17.10 17.07 -9.15
C ARG B 207 16.73 17.37 -7.70
N GLN B 208 16.80 18.63 -7.27
CA GLN B 208 16.34 19.00 -5.95
C GLN B 208 14.82 19.04 -5.84
N TRP B 209 14.15 19.58 -6.84
CA TRP B 209 12.69 19.66 -6.82
C TRP B 209 12.03 18.32 -6.50
N ALA B 210 12.45 17.26 -7.17
CA ALA B 210 11.77 15.98 -7.01
C ALA B 210 11.83 15.43 -5.59
N GLN B 211 12.83 15.82 -4.80
CA GLN B 211 12.88 15.34 -3.43
C GLN B 211 11.72 15.87 -2.59
N ASP B 212 11.14 16.99 -2.97
CA ASP B 212 10.14 17.65 -2.15
C ASP B 212 8.71 17.22 -2.46
N LEU B 213 8.49 16.46 -3.53
CA LEU B 213 7.16 15.90 -3.79
C LEU B 213 6.83 14.85 -2.74
N THR B 214 5.65 14.96 -2.12
CA THR B 214 5.24 14.03 -1.08
C THR B 214 4.63 12.75 -1.63
N LEU B 215 4.68 12.53 -2.92
CA LEU B 215 4.25 11.27 -3.49
C LEU B 215 5.19 10.13 -3.08
N PRO B 216 4.69 8.91 -3.01
CA PRO B 216 5.54 7.75 -2.70
C PRO B 216 6.41 7.33 -3.86
N TRP B 217 7.56 6.75 -3.52
CA TRP B 217 8.61 6.44 -4.48
C TRP B 217 9.36 5.17 -4.14
N GLN B 218 10.04 4.64 -5.16
CA GLN B 218 10.88 3.45 -5.10
C GLN B 218 12.24 3.77 -5.67
N SER B 219 13.30 3.26 -5.07
CA SER B 219 14.64 3.36 -5.64
C SER B 219 15.11 2.03 -6.20
N GLY B 220 15.54 2.05 -7.45
CA GLY B 220 16.07 0.87 -8.09
C GLY B 220 15.10 -0.29 -8.16
N SER B 221 15.66 -1.43 -8.55
CA SER B 221 14.88 -2.66 -8.60
C SER B 221 14.79 -3.32 -7.24
N GLY B 222 13.77 -4.16 -7.08
CA GLY B 222 13.67 -5.08 -5.97
C GLY B 222 13.28 -4.49 -4.63
N GLY B 223 13.33 -3.18 -4.45
CA GLY B 223 12.83 -2.57 -3.24
C GLY B 223 11.32 -2.53 -3.16
N VAL B 224 10.83 -1.71 -2.22
CA VAL B 224 9.40 -1.46 -2.11
C VAL B 224 9.18 -0.03 -1.63
N TRP B 225 8.04 0.52 -2.03
CA TRP B 225 7.76 1.94 -1.84
C TRP B 225 7.84 2.36 -0.39
N ARG B 226 8.22 3.62 -0.20
CA ARG B 226 8.52 4.22 1.09
C ARG B 226 7.86 5.59 1.17
N GLU B 227 7.80 6.14 2.38
CA GLU B 227 7.04 7.36 2.67
C GLU B 227 5.58 7.19 2.24
N MET B 228 5.08 5.97 2.44
CA MET B 228 3.95 5.43 1.70
C MET B 228 2.62 6.07 2.06
N HIS B 229 2.51 6.69 3.24
CA HIS B 229 1.21 7.10 3.74
C HIS B 229 0.48 8.08 2.83
N HIS B 230 1.18 8.96 2.14
CA HIS B 230 0.51 10.19 1.73
C HIS B 230 -0.55 10.02 0.65
N LEU B 231 -0.64 8.89 -0.03
CA LEU B 231 -1.81 8.70 -0.88
C LEU B 231 -3.02 8.15 -0.15
N VAL B 232 -2.87 7.62 1.04
CA VAL B 232 -3.90 6.83 1.71
C VAL B 232 -4.44 7.61 2.91
N GLU B 233 -5.76 7.70 3.02
CA GLU B 233 -6.42 8.33 4.16
C GLU B 233 -7.29 7.35 4.94
N PHE B 234 -7.31 7.49 6.26
CA PHE B 234 -8.17 6.72 7.16
C PHE B 234 -9.16 7.60 7.89
N GLU B 235 -10.44 7.27 7.79
CA GLU B 235 -11.46 7.93 8.59
C GLU B 235 -11.23 7.64 10.08
N PRO B 236 -11.74 8.49 10.96
CA PRO B 236 -11.72 8.19 12.40
C PRO B 236 -12.46 6.90 12.70
N PRO B 237 -11.97 6.12 13.65
CA PRO B 237 -12.54 4.79 13.91
C PRO B 237 -13.95 4.86 14.47
N HIS B 238 -14.80 3.94 14.01
CA HIS B 238 -15.97 3.52 14.76
C HIS B 238 -15.67 2.26 15.55
N ALA B 239 -16.64 1.83 16.36
CA ALA B 239 -16.36 0.99 17.52
C ALA B 239 -15.48 -0.21 17.22
N ALA B 240 -15.60 -0.81 16.05
CA ALA B 240 -14.64 -1.84 15.68
C ALA B 240 -14.34 -1.83 14.20
N THR B 241 -14.53 -0.70 13.53
CA THR B 241 -14.42 -0.61 12.08
C THR B 241 -13.74 0.68 11.69
N ILE B 242 -12.89 0.59 10.68
CA ILE B 242 -12.23 1.73 10.07
C ILE B 242 -12.42 1.64 8.57
N ARG B 243 -12.72 2.77 7.94
CA ARG B 243 -12.88 2.86 6.50
C ARG B 243 -11.68 3.55 5.88
N VAL B 244 -11.07 2.90 4.89
CA VAL B 244 -9.82 3.34 4.27
C VAL B 244 -10.07 3.69 2.81
N LEU B 245 -9.55 4.85 2.38
CA LEU B 245 -9.85 5.39 1.05
C LEU B 245 -8.63 6.06 0.44
N ALA B 246 -8.52 5.95 -0.89
CA ALA B 246 -7.43 6.61 -1.62
C ALA B 246 -7.77 8.06 -1.98
N LEU B 247 -6.73 8.88 -2.07
CA LEU B 247 -6.84 10.18 -2.73
C LEU B 247 -6.87 10.09 -4.21
N GLY B 248 -6.95 8.92 -4.82
CA GLY B 248 -7.07 8.78 -6.26
C GLY B 248 -5.88 9.30 -7.05
N ASN B 249 -6.10 9.56 -8.32
CA ASN B 249 -5.05 10.06 -9.20
C ASN B 249 -4.67 11.48 -8.81
N GLN B 250 -3.37 11.75 -8.77
CA GLN B 250 -2.86 13.11 -8.68
C GLN B 250 -2.48 13.72 -10.02
N GLU B 251 -2.66 12.97 -11.11
CA GLU B 251 -1.98 13.27 -12.36
C GLU B 251 -2.13 14.72 -12.81
N GLY B 252 -3.36 15.22 -12.87
CA GLY B 252 -3.55 16.58 -13.33
C GLY B 252 -2.87 17.64 -12.49
N SER B 253 -2.82 17.45 -11.18
CA SER B 253 -2.09 18.40 -10.36
C SER B 253 -0.60 18.35 -10.68
N LEU B 254 -0.06 17.14 -10.78
CA LEU B 254 1.35 17.01 -11.12
C LEU B 254 1.65 17.69 -12.45
N LYS B 255 0.82 17.42 -13.46
CA LYS B 255 1.05 18.00 -14.77
C LYS B 255 0.93 19.51 -14.74
N THR B 256 0.06 20.04 -13.89
CA THR B 256 0.02 21.48 -13.69
C THR B 256 1.36 22.02 -13.23
N ALA B 257 2.01 21.33 -12.30
CA ALA B 257 3.12 21.98 -11.60
C ALA B 257 4.36 22.24 -12.47
N LEU B 258 4.52 21.56 -13.60
CA LEU B 258 5.75 21.56 -14.39
C LEU B 258 5.82 22.61 -15.51
N THR B 259 4.77 23.42 -15.72
CA THR B 259 4.62 24.19 -16.96
C THR B 259 5.72 25.20 -17.23
N GLY B 260 6.51 25.59 -16.24
CA GLY B 260 7.62 26.50 -16.50
C GLY B 260 8.86 25.90 -17.16
N ALA B 261 8.97 24.58 -17.25
CA ALA B 261 10.18 23.93 -17.72
C ALA B 261 10.15 23.67 -19.23
N MET B 262 11.34 23.36 -19.76
CA MET B 262 11.48 22.94 -21.15
C MET B 262 10.78 21.62 -21.40
N ARG B 263 10.07 21.55 -22.51
CA ARG B 263 9.51 20.29 -22.99
C ARG B 263 10.61 19.36 -23.52
N VAL B 264 10.25 18.09 -23.62
CA VAL B 264 11.14 16.99 -23.99
C VAL B 264 10.32 16.00 -24.80
N THR B 265 10.96 15.22 -25.67
CA THR B 265 10.25 14.09 -26.23
C THR B 265 11.16 12.93 -26.59
N LYS B 266 10.60 11.72 -26.51
CA LYS B 266 11.11 10.55 -27.20
C LYS B 266 10.68 10.57 -28.67
N ASP B 267 11.39 9.82 -29.51
CA ASP B 267 10.79 9.27 -30.73
C ASP B 267 11.39 7.90 -31.05
N THR B 268 10.60 6.84 -30.87
CA THR B 268 11.08 5.48 -31.15
C THR B 268 11.39 5.26 -32.63
N ASN B 269 10.74 6.01 -33.53
CA ASN B 269 10.99 5.85 -34.95
C ASN B 269 12.39 6.27 -35.34
N ASP B 270 13.05 7.05 -34.50
CA ASP B 270 14.45 7.42 -34.70
C ASP B 270 15.35 6.65 -33.74
N ASN B 271 15.00 5.39 -33.50
CA ASN B 271 15.79 4.44 -32.69
C ASN B 271 16.00 4.89 -31.24
N ASN B 272 14.89 5.22 -30.58
CA ASN B 272 14.80 5.40 -29.12
C ASN B 272 15.68 6.52 -28.56
N LEU B 273 16.06 7.50 -29.37
CA LEU B 273 16.74 8.68 -28.85
C LEU B 273 15.75 9.63 -28.17
N TYR B 274 16.28 10.48 -27.30
CA TYR B 274 15.54 11.57 -26.67
C TYR B 274 15.96 12.90 -27.30
N LYS B 275 14.99 13.79 -27.54
CA LYS B 275 15.24 15.09 -28.17
C LYS B 275 14.77 16.21 -27.26
N LEU B 276 15.61 17.23 -27.11
CA LEU B 276 15.39 18.31 -26.16
C LEU B 276 14.97 19.59 -26.87
N HIS B 277 13.86 20.15 -26.46
CA HIS B 277 13.29 21.36 -27.04
C HIS B 277 13.90 22.59 -26.39
N GLY B 278 13.90 23.70 -27.13
CA GLY B 278 14.19 25.02 -26.57
C GLY B 278 15.62 25.34 -26.17
N GLY B 279 16.63 24.56 -26.55
CA GLY B 279 18.02 24.87 -26.26
C GLY B 279 18.64 25.90 -27.19
N HIS B 280 19.90 26.26 -26.91
CA HIS B 280 20.63 27.13 -27.83
C HIS B 280 22.13 26.89 -27.70
N VAL B 281 22.89 27.30 -28.74
CA VAL B 281 24.35 27.14 -28.78
C VAL B 281 24.99 28.34 -29.47
N SER B 282 26.32 28.44 -29.34
CA SER B 282 27.14 29.47 -29.98
C SER B 282 28.31 28.85 -30.75
N CYS B 283 28.62 29.41 -31.93
CA CYS B 283 29.60 28.81 -32.81
C CYS B 283 30.43 29.85 -33.54
N ARG B 284 31.57 29.40 -34.07
CA ARG B 284 32.52 30.17 -34.85
C ARG B 284 32.71 29.51 -36.21
N VAL B 285 32.87 30.31 -37.26
CA VAL B 285 32.93 29.78 -38.62
C VAL B 285 34.06 30.47 -39.40
N LYS B 286 34.72 29.70 -40.27
CA LYS B 286 35.71 30.24 -41.22
C LYS B 286 35.27 29.97 -42.65
N LEU B 287 35.13 31.05 -43.42
CA LEU B 287 34.70 31.01 -44.81
C LEU B 287 35.83 30.89 -45.83
N SER B 288 37.06 31.20 -45.44
CA SER B 288 38.06 31.62 -46.40
C SER B 288 38.35 30.58 -47.49
N ALA B 289 38.15 29.31 -47.20
CA ALA B 289 38.50 28.28 -48.17
C ALA B 289 37.54 28.15 -49.34
N LEU B 290 36.38 28.78 -49.31
CA LEU B 290 35.40 28.65 -50.38
C LEU B 290 35.82 29.40 -51.66
N THR B 291 35.21 28.98 -52.78
CA THR B 291 35.47 29.51 -54.12
C THR B 291 34.15 29.68 -54.88
N LEU B 292 34.20 30.41 -56.00
CA LEU B 292 33.03 30.67 -56.84
C LEU B 292 33.09 29.85 -58.12
N LYS B 293 32.09 29.01 -58.35
CA LYS B 293 32.05 28.18 -59.56
C LYS B 293 31.91 29.00 -60.83
N GLY B 294 31.17 30.09 -60.78
CA GLY B 294 30.75 30.77 -61.99
C GLY B 294 31.78 31.66 -62.67
N THR B 295 32.86 32.01 -61.99
CA THR B 295 33.61 33.20 -62.35
C THR B 295 34.12 33.16 -63.77
N SER B 296 34.39 32.01 -64.33
CA SER B 296 34.99 31.96 -65.65
C SER B 296 33.98 31.87 -66.79
N TYR B 297 32.70 31.83 -66.51
CA TYR B 297 31.75 31.73 -67.61
C TYR B 297 31.51 33.07 -68.30
N LYS B 298 31.10 32.99 -69.56
CA LYS B 298 30.67 34.14 -70.35
C LYS B 298 29.43 34.81 -69.77
N ILE B 299 29.30 36.11 -70.06
CA ILE B 299 28.04 36.82 -69.89
C ILE B 299 26.98 36.28 -70.84
N CYS B 300 25.75 36.21 -70.36
CA CYS B 300 24.62 35.86 -71.21
C CYS B 300 24.37 36.92 -72.26
N THR B 301 23.45 36.60 -73.16
CA THR B 301 23.23 37.45 -74.32
C THR B 301 21.81 37.43 -74.87
N ASP B 302 20.86 36.72 -74.27
CA ASP B 302 19.73 36.23 -75.03
C ASP B 302 18.42 36.36 -74.25
N LYS B 303 17.32 36.17 -74.99
CA LYS B 303 15.97 36.18 -74.45
C LYS B 303 15.86 35.31 -73.20
N MET B 304 15.08 35.79 -72.22
CA MET B 304 14.84 35.01 -71.01
C MET B 304 13.48 35.35 -70.41
N PHE B 305 12.83 34.37 -69.77
CA PHE B 305 11.42 34.46 -69.38
C PHE B 305 11.30 34.08 -67.91
N PHE B 306 10.44 34.78 -67.18
CA PHE B 306 10.18 34.44 -65.77
C PHE B 306 9.37 33.16 -65.60
N VAL B 307 9.83 32.27 -64.72
CA VAL B 307 8.99 31.14 -64.30
C VAL B 307 8.10 31.51 -63.13
N LYS B 308 8.52 32.41 -62.27
CA LYS B 308 7.63 33.02 -61.29
C LYS B 308 7.87 34.52 -61.24
N ASN B 309 6.81 35.30 -61.14
CA ASN B 309 6.97 36.70 -60.84
C ASN B 309 7.68 36.88 -59.50
N PRO B 310 8.35 38.01 -59.30
CA PRO B 310 8.90 38.29 -57.98
C PRO B 310 7.81 38.28 -56.94
N THR B 311 8.15 37.89 -55.72
CA THR B 311 7.20 37.93 -54.62
C THR B 311 7.88 38.35 -53.33
N ASP B 312 7.07 38.90 -52.44
CA ASP B 312 7.51 39.41 -51.16
C ASP B 312 7.85 38.29 -50.18
N THR B 313 8.59 38.63 -49.13
CA THR B 313 8.80 37.74 -47.99
C THR B 313 8.77 38.55 -46.70
N GLY B 314 8.52 37.86 -45.59
CA GLY B 314 8.60 38.50 -44.29
C GLY B 314 9.96 39.01 -43.92
N HIS B 315 10.97 38.70 -44.69
CA HIS B 315 12.31 39.19 -44.39
C HIS B 315 12.63 40.51 -45.07
N GLY B 316 11.68 41.07 -45.81
CA GLY B 316 11.94 42.31 -46.50
C GLY B 316 12.86 42.21 -47.69
N THR B 317 12.98 41.03 -48.27
CA THR B 317 13.83 40.81 -49.44
C THR B 317 13.07 39.96 -50.45
N VAL B 318 13.47 40.08 -51.70
CA VAL B 318 12.72 39.56 -52.84
C VAL B 318 13.29 38.23 -53.32
N VAL B 319 12.42 37.41 -53.90
CA VAL B 319 12.79 36.14 -54.49
C VAL B 319 12.27 36.08 -55.92
N MET B 320 13.02 35.47 -56.84
CA MET B 320 12.47 35.19 -58.16
C MET B 320 13.09 33.96 -58.79
N GLN B 321 12.34 33.31 -59.69
CA GLN B 321 12.79 32.17 -60.49
C GLN B 321 12.90 32.51 -61.97
N VAL B 322 14.07 32.28 -62.55
CA VAL B 322 14.38 32.70 -63.92
C VAL B 322 14.83 31.49 -64.74
N LYS B 323 14.61 31.54 -66.06
CA LYS B 323 15.02 30.47 -66.96
C LYS B 323 15.62 31.05 -68.22
N VAL B 324 16.70 30.43 -68.72
CA VAL B 324 17.46 30.92 -69.87
C VAL B 324 17.08 30.13 -71.12
N SER B 325 16.95 30.82 -72.25
CA SER B 325 16.27 30.24 -73.41
C SER B 325 17.18 29.34 -74.24
N LYS B 326 18.20 29.91 -74.88
CA LYS B 326 18.97 29.20 -75.89
C LYS B 326 20.46 29.36 -75.70
N GLY B 327 20.88 30.12 -74.72
CA GLY B 327 22.26 30.53 -74.65
C GLY B 327 23.21 29.42 -74.27
N ALA B 328 24.49 29.78 -74.32
CA ALA B 328 25.52 28.98 -73.70
C ALA B 328 25.31 28.94 -72.19
N PRO B 329 25.97 28.02 -71.50
CA PRO B 329 26.11 28.15 -70.06
C PRO B 329 26.85 29.45 -69.72
N CYS B 330 26.24 30.24 -68.85
CA CYS B 330 26.60 31.66 -68.72
C CYS B 330 26.16 32.19 -67.37
N ARG B 331 26.53 33.44 -67.10
CA ARG B 331 26.08 34.16 -65.92
C ARG B 331 25.17 35.32 -66.28
N ILE B 332 24.25 35.60 -65.38
CA ILE B 332 23.12 36.52 -65.57
C ILE B 332 23.36 37.75 -64.72
N PRO B 333 23.37 38.95 -65.28
CA PRO B 333 23.59 40.16 -64.49
C PRO B 333 22.37 40.55 -63.70
N VAL B 334 22.58 41.08 -62.51
CA VAL B 334 21.50 41.62 -61.67
C VAL B 334 21.93 42.95 -61.08
N ILE B 335 21.04 43.95 -61.13
CA ILE B 335 21.27 45.23 -60.48
C ILE B 335 19.94 45.74 -59.98
N VAL B 336 19.97 46.64 -59.00
CA VAL B 336 18.77 47.34 -58.56
C VAL B 336 19.03 48.83 -58.51
N ALA B 337 18.07 49.62 -58.97
CA ALA B 337 18.38 50.99 -59.31
C ALA B 337 17.18 51.90 -59.14
N ASP B 338 17.46 53.18 -58.94
CA ASP B 338 16.43 54.19 -58.81
C ASP B 338 15.83 54.58 -60.16
N ASP B 339 16.65 54.60 -61.20
CA ASP B 339 16.20 55.02 -62.52
C ASP B 339 16.47 53.92 -63.52
N LEU B 340 15.55 53.73 -64.45
CA LEU B 340 15.73 52.63 -65.38
C LEU B 340 16.94 52.81 -66.27
N THR B 341 17.52 54.00 -66.32
CA THR B 341 18.82 54.13 -66.97
C THR B 341 19.93 53.51 -66.14
N ALA B 342 19.67 53.22 -64.86
CA ALA B 342 20.50 52.33 -64.04
C ALA B 342 21.94 52.78 -63.91
N ALA B 343 22.14 54.07 -63.70
CA ALA B 343 23.50 54.62 -63.69
C ALA B 343 24.36 54.02 -62.60
N ILE B 344 23.74 53.59 -61.50
CA ILE B 344 24.44 53.07 -60.34
C ILE B 344 23.67 51.87 -59.83
N ASN B 345 24.33 51.07 -59.02
CA ASN B 345 23.63 50.03 -58.27
C ASN B 345 23.53 50.39 -56.80
N LYS B 346 22.31 50.38 -56.29
CA LYS B 346 22.07 50.79 -54.93
C LYS B 346 22.04 49.63 -53.95
N GLY B 347 21.94 48.38 -54.41
CA GLY B 347 21.64 47.27 -53.53
C GLY B 347 22.57 46.09 -53.75
N ILE B 348 22.30 45.02 -53.00
CA ILE B 348 23.20 43.88 -52.93
C ILE B 348 22.46 42.58 -53.18
N LEU B 349 23.15 41.65 -53.82
CA LEU B 349 22.65 40.30 -54.04
C LEU B 349 22.91 39.42 -52.83
N VAL B 350 21.99 38.50 -52.56
CA VAL B 350 22.32 37.48 -51.58
C VAL B 350 23.21 36.41 -52.17
N THR B 351 23.05 36.08 -53.44
CA THR B 351 23.85 35.07 -54.11
C THR B 351 24.73 35.75 -55.13
N VAL B 352 26.04 35.64 -54.95
CA VAL B 352 26.92 36.65 -55.50
C VAL B 352 27.23 36.46 -56.97
N ASN B 353 27.01 35.28 -57.55
CA ASN B 353 27.17 35.13 -59.00
C ASN B 353 26.31 34.03 -59.54
N PRO B 354 25.10 34.35 -59.93
CA PRO B 354 24.17 33.34 -60.45
C PRO B 354 24.69 32.68 -61.71
N ILE B 355 24.51 31.36 -61.80
CA ILE B 355 24.98 30.56 -62.92
C ILE B 355 23.81 29.96 -63.66
N ALA B 356 23.77 30.16 -64.97
CA ALA B 356 22.92 29.34 -65.83
C ALA B 356 23.65 28.04 -66.16
N SER B 357 23.29 26.96 -65.47
CA SER B 357 24.03 25.71 -65.57
C SER B 357 24.09 25.19 -66.99
N THR B 358 22.94 25.09 -67.64
CA THR B 358 22.81 24.65 -69.02
C THR B 358 21.39 24.95 -69.45
N ASN B 359 21.13 24.83 -70.75
CA ASN B 359 19.81 25.15 -71.26
C ASN B 359 18.72 24.35 -70.56
N ASP B 360 17.55 24.96 -70.55
CA ASP B 360 16.33 24.33 -70.07
C ASP B 360 16.46 23.90 -68.61
N ASP B 361 16.99 24.78 -67.76
CA ASP B 361 16.88 24.56 -66.32
C ASP B 361 16.77 25.87 -65.54
N GLU B 362 16.24 25.76 -64.33
CA GLU B 362 15.81 26.88 -63.51
C GLU B 362 16.97 27.50 -62.74
N VAL B 363 16.81 28.77 -62.36
CA VAL B 363 17.72 29.49 -61.48
C VAL B 363 16.95 30.29 -60.42
N LEU B 364 17.48 30.34 -59.20
CA LEU B 364 17.02 31.30 -58.19
C LEU B 364 17.93 32.51 -58.11
N ILE B 365 17.33 33.68 -57.90
CA ILE B 365 18.03 34.92 -57.58
C ILE B 365 17.32 35.57 -56.42
N GLU B 366 18.09 36.12 -55.47
CA GLU B 366 17.51 36.70 -54.27
C GLU B 366 18.20 38.01 -53.92
N VAL B 367 17.42 39.06 -53.65
CA VAL B 367 17.90 40.44 -53.72
C VAL B 367 17.33 41.28 -52.61
N ASN B 368 18.14 42.21 -52.08
CA ASN B 368 17.82 43.10 -50.97
C ASN B 368 17.75 44.56 -51.38
N PRO B 369 16.61 45.02 -51.89
CA PRO B 369 16.49 46.41 -52.36
C PRO B 369 16.46 47.44 -51.25
N PRO B 370 16.75 48.69 -51.58
CA PRO B 370 16.76 49.77 -50.59
C PRO B 370 15.35 50.12 -50.14
N PHE B 371 15.28 50.94 -49.10
CA PHE B 371 14.04 51.62 -48.75
C PHE B 371 13.59 52.51 -49.90
N GLY B 372 12.28 52.77 -49.95
CA GLY B 372 11.68 53.51 -51.03
C GLY B 372 11.52 52.69 -52.29
N ASP B 373 10.73 53.21 -53.22
CA ASP B 373 10.46 52.51 -54.47
C ASP B 373 11.68 52.49 -55.38
N SER B 374 11.77 51.44 -56.20
CA SER B 374 12.89 51.26 -57.10
C SER B 374 12.54 50.17 -58.12
N TYR B 375 13.40 50.02 -59.12
CA TYR B 375 13.27 48.98 -60.14
C TYR B 375 14.25 47.83 -59.93
N ILE B 376 13.75 46.59 -60.11
CA ILE B 376 14.59 45.41 -60.32
C ILE B 376 14.85 45.25 -61.80
N ILE B 377 16.08 44.90 -62.16
CA ILE B 377 16.45 44.67 -63.55
C ILE B 377 17.14 43.32 -63.66
N VAL B 378 16.74 42.51 -64.63
CA VAL B 378 17.36 41.22 -64.85
C VAL B 378 17.51 41.00 -66.35
N GLY B 379 18.62 40.39 -66.73
CA GLY B 379 19.11 40.43 -68.09
C GLY B 379 19.73 41.77 -68.44
N ARG B 380 20.25 41.84 -69.65
CA ARG B 380 20.83 43.09 -70.10
C ARG B 380 20.76 43.14 -71.62
N GLY B 381 20.86 44.35 -72.15
CA GLY B 381 20.49 44.63 -73.52
C GLY B 381 19.01 44.95 -73.66
N ASP B 382 18.61 45.19 -74.91
CA ASP B 382 17.25 45.63 -75.19
C ASP B 382 16.17 44.65 -74.74
N SER B 383 16.52 43.39 -74.54
CA SER B 383 15.55 42.41 -74.06
C SER B 383 15.31 42.46 -72.56
N ARG B 384 15.96 43.36 -71.83
CA ARG B 384 15.96 43.28 -70.37
C ARG B 384 14.57 43.35 -69.76
N LEU B 385 14.38 42.60 -68.68
CA LEU B 385 13.12 42.49 -67.95
C LEU B 385 13.08 43.48 -66.78
N THR B 386 11.87 43.87 -66.38
CA THR B 386 11.69 44.84 -65.31
C THR B 386 10.45 44.53 -64.49
N TYR B 387 10.47 44.92 -63.22
CA TYR B 387 9.27 44.86 -62.38
C TYR B 387 9.35 45.92 -61.29
N GLN B 388 8.36 46.80 -61.19
CA GLN B 388 8.41 47.87 -60.20
C GLN B 388 8.24 47.34 -58.78
N TRP B 389 8.73 48.11 -57.81
CA TRP B 389 8.71 47.68 -56.41
C TRP B 389 8.53 48.85 -55.46
N HIS B 390 8.05 48.54 -54.25
CA HIS B 390 7.69 49.56 -53.26
C HIS B 390 8.13 49.13 -51.86
N LYS B 391 9.23 49.70 -51.39
CA LYS B 391 9.79 49.54 -50.04
C LYS B 391 10.05 48.10 -49.65
N ALA C 1 6.82 -10.21 70.89
CA ALA C 1 5.90 -9.14 71.27
C ALA C 1 5.93 -7.98 70.29
N HIS C 2 5.09 -8.05 69.26
CA HIS C 2 5.34 -7.27 68.06
C HIS C 2 5.31 -5.78 68.35
N CYS C 3 4.35 -5.34 69.16
CA CYS C 3 4.26 -3.93 69.51
C CYS C 3 5.53 -3.46 70.22
N ILE C 4 6.15 -4.35 70.98
CA ILE C 4 7.43 -4.03 71.60
C ILE C 4 8.56 -4.09 70.58
N GLY C 5 8.60 -5.15 69.78
CA GLY C 5 9.79 -5.42 68.99
C GLY C 5 10.10 -4.39 67.92
N ILE C 6 9.10 -3.95 67.17
CA ILE C 6 9.35 -2.99 66.11
C ILE C 6 9.71 -1.64 66.71
N THR C 7 10.66 -0.95 66.10
CA THR C 7 11.35 0.12 66.81
C THR C 7 10.64 1.48 66.78
N ASP C 8 10.04 1.91 65.68
CA ASP C 8 9.45 3.25 65.62
C ASP C 8 8.00 3.32 66.07
N ARG C 9 7.76 2.86 67.30
CA ARG C 9 6.43 2.89 67.89
C ARG C 9 5.95 4.32 68.14
N ASP C 10 4.65 4.55 67.93
CA ASP C 10 3.94 5.76 68.34
C ASP C 10 2.71 5.41 69.18
N PHE C 11 2.29 6.34 70.03
CA PHE C 11 1.17 6.14 70.95
C PHE C 11 0.00 7.07 70.63
N ILE C 12 -1.24 6.55 70.74
CA ILE C 12 -2.45 7.35 70.61
C ILE C 12 -3.42 7.07 71.76
N GLU C 13 -4.04 8.13 72.27
CA GLU C 13 -5.06 8.04 73.32
C GLU C 13 -6.34 8.76 72.93
N GLY C 14 -7.47 8.25 73.43
CA GLY C 14 -8.77 8.79 73.07
C GLY C 14 -9.71 8.91 74.26
N VAL C 15 -10.69 9.83 74.10
CA VAL C 15 -11.73 10.07 75.10
C VAL C 15 -12.65 8.86 75.23
N HIS C 16 -13.03 8.53 76.47
CA HIS C 16 -13.72 7.30 76.85
C HIS C 16 -15.19 7.22 76.44
N GLY C 17 -15.73 8.21 75.74
CA GLY C 17 -17.06 8.13 75.18
C GLY C 17 -17.26 7.17 74.02
N GLY C 18 -16.20 6.53 73.53
CA GLY C 18 -16.31 5.75 72.31
C GLY C 18 -16.33 6.59 71.06
N THR C 19 -15.92 7.84 71.16
CA THR C 19 -15.67 8.67 70.00
C THR C 19 -14.61 8.03 69.11
N TRP C 20 -14.75 8.21 67.79
CA TRP C 20 -13.83 7.61 66.84
C TRP C 20 -12.38 8.01 67.10
N VAL C 21 -11.47 7.05 66.93
CA VAL C 21 -10.04 7.25 66.97
C VAL C 21 -9.44 6.84 65.63
N SER C 22 -8.42 7.57 65.16
CA SER C 22 -7.89 7.34 63.83
C SER C 22 -6.39 7.54 63.79
N ALA C 23 -5.73 6.84 62.84
CA ALA C 23 -4.28 6.86 62.71
C ALA C 23 -3.88 6.50 61.28
N THR C 24 -2.65 6.86 60.93
CA THR C 24 -2.00 6.48 59.67
C THR C 24 -0.93 5.43 59.92
N LEU C 25 -0.89 4.41 59.08
CA LEU C 25 0.06 3.32 59.23
C LEU C 25 1.05 3.27 58.08
N GLU C 26 2.28 2.88 58.41
CA GLU C 26 3.38 2.78 57.45
C GLU C 26 4.24 1.60 57.87
N GLN C 27 4.80 0.88 56.88
CA GLN C 27 5.30 -0.47 57.13
C GLN C 27 6.37 -0.51 58.20
N ASP C 28 7.12 0.55 58.38
CA ASP C 28 8.13 0.57 59.44
C ASP C 28 7.53 0.87 60.80
N LYS C 29 6.26 1.23 60.89
CA LYS C 29 5.72 1.80 62.11
C LYS C 29 4.67 0.90 62.74
N CYS C 30 4.43 1.12 64.03
CA CYS C 30 3.37 0.46 64.76
C CYS C 30 2.67 1.49 65.63
N VAL C 31 1.36 1.38 65.76
CA VAL C 31 0.58 2.27 66.61
C VAL C 31 -0.21 1.44 67.61
N THR C 32 -0.02 1.72 68.88
CA THR C 32 -0.84 1.18 69.96
C THR C 32 -1.77 2.25 70.50
N VAL C 33 -2.99 1.86 70.85
CA VAL C 33 -4.07 2.79 71.13
C VAL C 33 -4.71 2.45 72.48
N MET C 34 -5.09 3.49 73.23
CA MET C 34 -5.68 3.29 74.55
C MET C 34 -6.75 4.33 74.83
N ALA C 35 -7.76 3.92 75.61
CA ALA C 35 -8.76 4.80 76.22
C ALA C 35 -9.07 4.29 77.62
N PRO C 36 -9.20 5.19 78.59
CA PRO C 36 -8.87 4.85 79.98
C PRO C 36 -9.58 3.64 80.57
N ASP C 37 -10.84 3.39 80.25
CA ASP C 37 -11.45 2.25 80.91
C ASP C 37 -11.05 0.92 80.31
N LYS C 38 -10.55 0.90 79.09
CA LYS C 38 -10.63 -0.37 78.39
C LYS C 38 -9.27 -0.85 77.91
N PRO C 39 -9.06 -2.18 77.82
CA PRO C 39 -7.73 -2.71 77.58
C PRO C 39 -7.19 -2.24 76.24
N SER C 40 -5.89 -2.03 76.18
CA SER C 40 -5.27 -1.37 75.05
C SER C 40 -4.87 -2.33 73.94
N LEU C 41 -4.84 -1.79 72.73
CA LEU C 41 -4.82 -2.51 71.47
C LEU C 41 -3.65 -2.03 70.63
N ASP C 42 -3.12 -2.90 69.76
CA ASP C 42 -2.27 -2.42 68.68
C ASP C 42 -2.65 -2.94 67.31
N ILE C 43 -2.62 -2.03 66.35
CA ILE C 43 -2.85 -2.28 64.94
C ILE C 43 -1.55 -2.03 64.20
N SER C 44 -1.10 -2.99 63.40
CA SER C 44 0.12 -2.79 62.63
C SER C 44 0.02 -3.37 61.22
N LEU C 45 0.47 -2.57 60.25
CA LEU C 45 0.47 -2.97 58.85
C LEU C 45 1.50 -4.05 58.57
N GLU C 46 1.09 -5.15 57.93
CA GLU C 46 2.05 -6.18 57.55
C GLU C 46 2.59 -5.97 56.14
N THR C 47 1.72 -6.02 55.13
CA THR C 47 2.16 -5.93 53.74
C THR C 47 1.04 -5.44 52.85
N VAL C 48 1.42 -4.92 51.69
CA VAL C 48 0.53 -4.70 50.56
C VAL C 48 0.79 -5.77 49.52
N ALA C 49 -0.29 -6.37 48.97
CA ALA C 49 -0.15 -7.49 48.04
C ALA C 49 -0.96 -7.28 46.76
N ILE C 50 -0.44 -7.78 45.64
CA ILE C 50 -1.06 -7.68 44.32
C ILE C 50 -1.01 -9.04 43.67
N ASP C 51 -2.10 -9.43 42.99
CA ASP C 51 -2.20 -10.75 42.36
C ASP C 51 -2.30 -10.69 40.84
N ARG C 52 -1.44 -11.45 40.16
CA ARG C 52 -1.42 -11.74 38.72
C ARG C 52 -1.79 -10.59 37.80
N PRO C 53 -0.96 -9.55 37.75
CA PRO C 53 -1.19 -8.42 36.84
C PRO C 53 -1.11 -8.80 35.37
N ALA C 54 -1.41 -7.81 34.53
CA ALA C 54 -1.42 -7.95 33.08
C ALA C 54 -0.05 -7.71 32.44
N GLU C 55 0.38 -8.65 31.61
CA GLU C 55 1.62 -8.55 30.85
C GLU C 55 1.49 -7.69 29.59
N VAL C 56 2.34 -6.68 29.45
CA VAL C 56 2.20 -5.70 28.36
C VAL C 56 3.39 -5.73 27.41
N ARG C 57 4.59 -5.46 27.91
CA ARG C 57 5.76 -5.29 27.07
C ARG C 57 6.91 -6.16 27.57
N LYS C 58 7.68 -6.71 26.64
CA LYS C 58 9.01 -7.21 26.91
C LYS C 58 10.06 -6.26 26.31
N VAL C 59 10.98 -5.79 27.15
CA VAL C 59 12.02 -4.84 26.76
C VAL C 59 13.36 -5.54 26.90
N CYS C 60 14.15 -5.51 25.83
CA CYS C 60 15.40 -6.25 25.77
C CYS C 60 16.59 -5.31 25.97
N TYR C 61 17.47 -5.66 26.90
CA TYR C 61 18.56 -4.78 27.27
C TYR C 61 19.94 -5.34 26.99
N ASN C 62 20.04 -6.57 26.46
CA ASN C 62 21.31 -7.06 25.96
C ASN C 62 21.08 -7.97 24.77
N ALA C 63 21.95 -7.87 23.77
CA ALA C 63 21.66 -8.46 22.46
C ALA C 63 22.94 -8.85 21.73
N VAL C 64 22.80 -9.80 20.80
CA VAL C 64 23.94 -10.37 20.08
C VAL C 64 23.59 -10.50 18.60
N LEU C 65 24.56 -10.20 17.73
CA LEU C 65 24.40 -10.23 16.28
C LEU C 65 25.26 -11.31 15.62
N THR C 66 24.61 -12.25 14.93
CA THR C 66 25.26 -13.49 14.51
C THR C 66 25.77 -13.50 13.07
N HIS C 67 25.33 -12.59 12.22
CA HIS C 67 25.67 -12.64 10.82
C HIS C 67 25.72 -11.25 10.26
N VAL C 68 26.53 -11.03 9.24
CA VAL C 68 26.56 -9.76 8.55
C VAL C 68 26.40 -10.00 7.05
N LYS C 69 25.60 -9.17 6.40
CA LYS C 69 25.47 -9.16 4.95
C LYS C 69 25.61 -7.73 4.46
N ILE C 70 26.31 -7.52 3.34
CA ILE C 70 26.53 -6.18 2.81
C ILE C 70 26.34 -6.17 1.30
N ASN C 71 25.78 -5.08 0.78
CA ASN C 71 25.71 -4.86 -0.67
C ASN C 71 25.89 -3.38 -0.98
N ASP C 72 26.36 -3.09 -2.19
CA ASP C 72 26.86 -1.77 -2.54
C ASP C 72 26.65 -1.50 -4.03
N LYS C 73 26.49 -0.23 -4.38
CA LYS C 73 26.36 0.12 -5.79
C LYS C 73 26.93 1.50 -6.02
N CYS C 74 27.49 1.71 -7.23
CA CYS C 74 28.23 2.89 -7.63
C CYS C 74 27.37 4.15 -7.74
N PRO C 75 27.94 5.31 -8.09
CA PRO C 75 27.12 6.54 -8.17
C PRO C 75 26.05 6.56 -9.24
N SER C 76 25.93 5.49 -10.02
CA SER C 76 24.97 5.48 -11.12
C SER C 76 23.53 5.61 -10.64
N THR C 77 23.12 4.80 -9.68
CA THR C 77 21.72 4.42 -9.62
C THR C 77 20.93 4.94 -8.43
N GLY C 78 21.57 5.53 -7.44
CA GLY C 78 20.92 5.68 -6.15
C GLY C 78 20.72 4.37 -5.42
N GLU C 79 20.16 4.50 -4.21
CA GLU C 79 20.20 3.44 -3.19
C GLU C 79 19.81 2.09 -3.76
N ALA C 80 20.64 1.09 -3.47
CA ALA C 80 20.30 -0.31 -3.67
C ALA C 80 19.49 -0.86 -2.51
N HIS C 81 19.10 -2.12 -2.64
CA HIS C 81 18.41 -2.84 -1.58
C HIS C 81 18.94 -4.26 -1.51
N LEU C 82 18.63 -4.92 -0.40
CA LEU C 82 19.10 -6.26 -0.14
C LEU C 82 17.94 -7.14 0.35
N ALA C 83 17.84 -8.34 -0.22
CA ALA C 83 16.67 -9.19 -0.05
C ALA C 83 16.36 -9.49 1.40
N GLU C 84 17.37 -9.58 2.25
CA GLU C 84 17.16 -9.90 3.65
C GLU C 84 16.34 -8.84 4.40
N GLU C 85 16.23 -7.63 3.86
CA GLU C 85 15.47 -6.58 4.54
C GLU C 85 14.00 -6.90 4.76
N ASN C 86 13.42 -7.83 4.02
CA ASN C 86 12.03 -8.18 4.25
C ASN C 86 11.83 -9.25 5.32
N GLU C 87 12.88 -9.87 5.83
CA GLU C 87 12.75 -10.71 7.02
C GLU C 87 12.92 -9.84 8.26
N GLY C 88 11.81 -9.55 8.91
CA GLY C 88 11.77 -8.64 10.04
C GLY C 88 12.73 -8.92 11.17
N ASP C 89 13.23 -10.14 11.29
CA ASP C 89 14.28 -10.40 12.26
C ASP C 89 15.55 -9.59 12.04
N ASN C 90 15.71 -8.93 10.91
CA ASN C 90 16.93 -8.21 10.61
C ASN C 90 16.84 -6.72 10.93
N ALA C 91 17.92 -6.19 11.49
CA ALA C 91 18.18 -4.76 11.51
C ALA C 91 18.79 -4.30 10.19
N CYS C 92 18.70 -3.00 9.92
CA CYS C 92 19.26 -2.41 8.71
C CYS C 92 19.84 -1.04 9.01
N LYS C 93 20.84 -0.65 8.23
CA LYS C 93 21.15 0.76 8.07
C LYS C 93 21.72 0.99 6.67
N ARG C 94 21.61 2.23 6.18
CA ARG C 94 22.10 2.57 4.84
C ARG C 94 22.86 3.88 4.87
N THR C 95 23.76 4.04 3.90
CA THR C 95 24.33 5.35 3.58
C THR C 95 24.81 5.42 2.15
N TYR C 96 24.86 6.64 1.64
CA TYR C 96 25.77 6.99 0.58
C TYR C 96 27.22 7.04 1.07
N SER C 97 28.16 6.68 0.18
CA SER C 97 29.58 6.55 0.51
C SER C 97 30.45 6.71 -0.74
N ASP C 98 31.75 6.95 -0.50
CA ASP C 98 32.74 7.22 -1.56
C ASP C 98 33.06 5.98 -2.40
N ARG C 99 33.38 6.21 -3.67
CA ARG C 99 33.86 5.19 -4.60
C ARG C 99 34.81 5.82 -5.60
N GLY C 100 35.58 4.99 -6.30
CA GLY C 100 36.40 5.49 -7.38
C GLY C 100 37.25 4.41 -8.04
N TRP C 101 38.15 4.87 -8.92
CA TRP C 101 39.04 3.96 -9.63
C TRP C 101 39.79 3.04 -8.70
N GLY C 102 40.01 3.46 -7.45
CA GLY C 102 40.74 2.62 -6.53
C GLY C 102 40.00 1.35 -6.15
N ASN C 103 38.70 1.34 -6.38
CA ASN C 103 37.85 0.20 -6.08
C ASN C 103 36.94 -0.06 -7.25
N GLY C 104 37.46 0.14 -8.45
CA GLY C 104 36.90 -0.40 -9.68
C GLY C 104 35.75 0.35 -10.35
N CYS C 105 34.84 0.93 -9.58
CA CYS C 105 33.70 1.59 -10.19
C CYS C 105 34.14 2.86 -10.90
N GLY C 106 33.41 3.20 -11.96
CA GLY C 106 33.88 4.03 -13.04
C GLY C 106 33.70 5.53 -12.96
N LEU C 107 33.06 6.07 -11.94
CA LEU C 107 32.85 7.53 -11.87
C LEU C 107 33.06 8.01 -10.45
N PHE C 108 33.62 9.21 -10.30
CA PHE C 108 33.73 9.82 -8.99
C PHE C 108 32.40 10.41 -8.54
N GLY C 109 32.21 10.45 -7.23
CA GLY C 109 30.99 10.89 -6.60
C GLY C 109 30.65 10.04 -5.40
N LYS C 110 29.37 10.00 -5.03
CA LYS C 110 28.86 9.09 -4.02
C LYS C 110 28.08 7.94 -4.65
N GLY C 111 28.44 6.71 -4.28
CA GLY C 111 27.59 5.55 -4.45
C GLY C 111 26.72 5.33 -3.23
N SER C 112 26.23 4.11 -3.09
CA SER C 112 25.42 3.81 -1.90
C SER C 112 25.60 2.35 -1.47
N ILE C 113 25.42 2.10 -0.17
CA ILE C 113 25.62 0.79 0.42
C ILE C 113 24.54 0.51 1.46
N VAL C 114 24.27 -0.77 1.68
CA VAL C 114 23.30 -1.22 2.67
C VAL C 114 23.89 -2.39 3.45
N ALA C 115 23.58 -2.47 4.75
CA ALA C 115 24.06 -3.56 5.59
C ALA C 115 22.98 -4.10 6.51
N CYS C 116 22.98 -5.41 6.73
CA CYS C 116 21.97 -6.06 7.54
C CYS C 116 22.57 -7.18 8.42
N ALA C 117 21.86 -7.48 9.51
CA ALA C 117 22.19 -8.57 10.42
C ALA C 117 20.91 -9.03 11.10
N LYS C 118 20.83 -10.33 11.45
CA LYS C 118 19.74 -10.80 12.30
C LYS C 118 19.99 -10.52 13.78
N PHE C 119 18.90 -10.40 14.52
CA PHE C 119 18.87 -9.92 15.89
C PHE C 119 18.40 -11.04 16.82
N THR C 120 18.88 -11.07 18.06
CA THR C 120 18.29 -11.95 19.06
C THR C 120 18.64 -11.47 20.46
N CYS C 121 17.81 -11.85 21.44
CA CYS C 121 17.75 -11.21 22.75
C CYS C 121 18.32 -12.10 23.86
N ALA C 122 19.17 -11.52 24.70
CA ALA C 122 19.79 -12.23 25.80
C ALA C 122 18.99 -12.22 27.11
N LYS C 123 18.65 -11.04 27.61
CA LYS C 123 17.92 -10.89 28.85
C LYS C 123 16.87 -9.80 28.70
N SER C 124 15.67 -10.05 29.21
CA SER C 124 14.52 -9.20 28.89
C SER C 124 13.81 -8.73 30.15
N MET C 125 13.76 -7.41 30.33
CA MET C 125 12.94 -6.81 31.36
C MET C 125 11.48 -6.96 30.99
N SER C 126 10.65 -7.32 31.95
CA SER C 126 9.20 -7.42 31.75
C SER C 126 8.45 -6.30 32.46
N LEU C 127 7.49 -5.71 31.75
CA LEU C 127 6.55 -4.76 32.34
C LEU C 127 5.16 -5.38 32.50
N PHE C 128 4.53 -5.16 33.66
CA PHE C 128 3.13 -5.53 33.88
C PHE C 128 2.33 -4.33 34.41
N GLU C 129 1.02 -4.33 34.13
CA GLU C 129 0.08 -3.35 34.67
C GLU C 129 -0.81 -3.93 35.76
N VAL C 130 -0.86 -3.25 36.91
CA VAL C 130 -1.65 -3.68 38.05
C VAL C 130 -3.13 -3.69 37.73
N ASP C 131 -3.87 -4.61 38.37
CA ASP C 131 -5.31 -4.75 38.22
C ASP C 131 -6.01 -4.40 39.54
N GLN C 132 -6.67 -3.25 39.56
CA GLN C 132 -7.14 -2.63 40.81
C GLN C 132 -7.89 -3.57 41.73
N THR C 133 -8.87 -4.29 41.22
CA THR C 133 -9.71 -5.10 42.10
C THR C 133 -9.00 -6.31 42.68
N LYS C 134 -7.80 -6.62 42.24
CA LYS C 134 -7.03 -7.70 42.83
C LYS C 134 -6.08 -7.25 43.93
N ILE C 135 -6.02 -5.96 44.26
CA ILE C 135 -5.27 -5.53 45.44
C ILE C 135 -5.81 -6.21 46.68
N GLN C 136 -4.91 -6.55 47.60
CA GLN C 136 -5.28 -6.81 48.98
C GLN C 136 -4.33 -6.11 49.94
N TYR C 137 -4.88 -5.59 51.03
CA TYR C 137 -4.12 -5.14 52.20
C TYR C 137 -4.30 -6.16 53.30
N VAL C 138 -3.28 -6.30 54.16
CA VAL C 138 -3.38 -7.16 55.33
C VAL C 138 -2.83 -6.46 56.57
N ILE C 139 -3.50 -6.66 57.70
CA ILE C 139 -3.21 -5.94 58.94
C ILE C 139 -3.17 -6.92 60.11
N ARG C 140 -2.22 -6.71 61.01
CA ARG C 140 -2.03 -7.50 62.23
C ARG C 140 -2.63 -6.79 63.42
N ALA C 141 -3.34 -7.52 64.28
CA ALA C 141 -3.97 -6.91 65.46
C ALA C 141 -3.82 -7.78 66.72
N GLN C 142 -3.49 -7.14 67.84
CA GLN C 142 -3.25 -7.84 69.10
C GLN C 142 -3.67 -6.99 70.30
N LEU C 143 -4.21 -7.65 71.33
CA LEU C 143 -4.53 -7.04 72.61
C LEU C 143 -3.43 -7.32 73.64
N HIS C 144 -3.06 -6.31 74.43
CA HIS C 144 -1.98 -6.43 75.41
C HIS C 144 -2.32 -7.22 76.66
N VAL C 145 -2.94 -8.38 76.53
CA VAL C 145 -3.24 -9.20 77.70
C VAL C 145 -1.98 -9.82 78.30
N GLY C 146 -0.91 -9.91 77.52
CA GLY C 146 0.39 -10.20 78.09
C GLY C 146 0.78 -11.65 78.18
N ALA C 147 0.32 -12.48 77.25
CA ALA C 147 0.80 -13.85 77.16
C ALA C 147 2.29 -13.89 76.85
N LYS C 148 2.91 -15.06 77.10
CA LYS C 148 4.33 -15.27 76.88
C LYS C 148 4.71 -15.03 75.42
N GLN C 149 6.00 -14.72 75.21
CA GLN C 149 6.54 -14.65 73.86
C GLN C 149 6.18 -15.86 73.02
N GLU C 150 6.25 -17.06 73.59
CA GLU C 150 5.99 -18.29 72.85
C GLU C 150 4.61 -18.35 72.22
N ASN C 151 3.68 -17.51 72.67
CA ASN C 151 2.30 -17.64 72.24
C ASN C 151 1.90 -16.58 71.23
N TRP C 152 2.79 -15.63 70.90
CA TRP C 152 2.42 -14.55 70.00
C TRP C 152 1.94 -15.06 68.64
N THR C 153 2.70 -15.94 68.01
CA THR C 153 2.34 -16.40 66.68
C THR C 153 1.06 -17.23 66.62
N THR C 154 0.43 -17.54 67.75
CA THR C 154 -0.87 -18.18 67.73
C THR C 154 -1.99 -17.29 68.21
N ASP C 155 -1.73 -16.36 69.13
CA ASP C 155 -2.76 -15.43 69.53
C ASP C 155 -3.04 -14.39 68.46
N ILE C 156 -2.05 -14.08 67.62
CA ILE C 156 -2.19 -13.01 66.65
C ILE C 156 -3.30 -13.27 65.63
N LYS C 157 -4.04 -12.22 65.30
CA LYS C 157 -5.07 -12.23 64.28
C LYS C 157 -4.58 -11.52 63.02
N THR C 158 -4.93 -12.05 61.84
CA THR C 158 -4.38 -11.60 60.55
C THR C 158 -5.50 -11.21 59.60
N LEU C 159 -5.96 -9.97 59.68
CA LEU C 159 -7.09 -9.51 58.89
C LEU C 159 -6.67 -9.09 57.49
N LYS C 160 -7.66 -9.10 56.59
CA LYS C 160 -7.50 -8.65 55.21
C LYS C 160 -8.51 -7.56 54.87
N PHE C 161 -8.14 -6.67 53.97
CA PHE C 161 -9.03 -5.61 53.51
C PHE C 161 -8.86 -5.35 52.02
N ASP C 162 -9.98 -5.00 51.40
CA ASP C 162 -10.05 -4.62 50.00
C ASP C 162 -11.38 -3.92 49.79
N ALA C 163 -11.54 -3.34 48.62
CA ALA C 163 -12.71 -2.51 48.36
C ALA C 163 -14.02 -3.22 48.68
N LEU C 164 -14.06 -4.54 48.61
CA LEU C 164 -15.29 -5.27 48.87
C LEU C 164 -15.59 -5.50 50.35
N SER C 165 -14.71 -5.10 51.27
CA SER C 165 -14.97 -5.30 52.69
C SER C 165 -14.45 -4.13 53.54
N GLY C 166 -14.98 -2.94 53.29
CA GLY C 166 -14.44 -1.71 53.83
C GLY C 166 -14.38 -1.59 55.34
N SER C 167 -15.14 -2.39 56.08
CA SER C 167 -14.94 -2.45 57.52
C SER C 167 -15.16 -3.87 58.01
N GLN C 168 -14.62 -4.16 59.19
CA GLN C 168 -14.56 -5.54 59.66
C GLN C 168 -14.57 -5.59 61.18
N GLU C 169 -15.01 -6.74 61.70
CA GLU C 169 -15.01 -7.04 63.13
C GLU C 169 -13.79 -7.86 63.52
N VAL C 170 -13.14 -7.49 64.62
CA VAL C 170 -12.24 -8.40 65.34
C VAL C 170 -12.94 -8.89 66.59
N GLU C 171 -12.90 -10.20 66.82
CA GLU C 171 -13.54 -10.80 67.97
C GLU C 171 -12.49 -11.48 68.83
N PHE C 172 -12.42 -11.12 70.10
CA PHE C 172 -11.44 -11.67 71.04
C PHE C 172 -12.12 -12.39 72.18
N ILE C 173 -11.75 -13.66 72.37
CA ILE C 173 -12.43 -14.51 73.32
C ILE C 173 -12.33 -13.95 74.72
N GLY C 174 -13.46 -13.80 75.39
CA GLY C 174 -13.49 -13.24 76.71
C GLY C 174 -13.19 -11.76 76.80
N TYR C 175 -13.01 -11.08 75.69
CA TYR C 175 -12.69 -9.66 75.72
C TYR C 175 -13.65 -8.80 74.92
N GLY C 176 -14.62 -9.41 74.25
CA GLY C 176 -15.62 -8.69 73.47
C GLY C 176 -15.26 -8.44 72.02
N LYS C 177 -15.67 -7.31 71.45
CA LYS C 177 -15.45 -7.07 70.04
C LYS C 177 -15.03 -5.63 69.78
N ALA C 178 -14.47 -5.42 68.60
CA ALA C 178 -14.14 -4.09 68.11
C ALA C 178 -14.24 -4.11 66.60
N THR C 179 -14.20 -2.94 65.97
CA THR C 179 -14.24 -2.85 64.52
C THR C 179 -13.17 -1.91 63.97
N LEU C 180 -12.64 -2.29 62.80
CA LEU C 180 -11.68 -1.54 62.02
C LEU C 180 -12.37 -1.00 60.78
N GLU C 181 -12.10 0.25 60.42
CA GLU C 181 -12.54 0.77 59.14
C GLU C 181 -11.35 1.28 58.35
N CYS C 182 -11.11 0.65 57.20
CA CYS C 182 -10.07 1.07 56.25
C CYS C 182 -10.63 2.06 55.24
N GLN C 183 -9.73 2.64 54.45
CA GLN C 183 -10.09 3.64 53.45
C GLN C 183 -9.47 3.26 52.10
N VAL C 184 -9.43 1.96 51.81
CA VAL C 184 -8.39 1.41 50.94
C VAL C 184 -8.31 2.10 49.59
N GLN C 185 -9.45 2.39 48.97
CA GLN C 185 -9.42 3.06 47.68
C GLN C 185 -9.28 4.57 47.85
N THR C 186 -8.16 4.95 48.47
CA THR C 186 -7.94 6.34 48.86
C THR C 186 -8.11 7.28 47.67
N ALA C 187 -7.59 6.90 46.52
CA ALA C 187 -7.72 7.67 45.28
C ALA C 187 -7.33 6.76 44.11
N VAL C 188 -7.18 7.35 42.93
CA VAL C 188 -6.62 6.65 41.77
C VAL C 188 -5.08 6.69 41.71
N ASP C 189 -4.43 7.24 42.73
CA ASP C 189 -2.99 7.55 42.68
C ASP C 189 -2.09 6.33 42.56
N PHE C 190 -2.54 5.16 43.03
CA PHE C 190 -1.75 3.95 42.89
C PHE C 190 -1.80 3.33 41.48
N GLY C 191 -2.49 3.95 40.53
CA GLY C 191 -2.43 3.60 39.13
C GLY C 191 -1.26 4.22 38.38
N ASN C 192 -1.47 4.65 37.14
CA ASN C 192 -0.50 5.42 36.36
C ASN C 192 0.87 4.75 36.23
N SER C 193 0.98 3.44 36.38
CA SER C 193 2.30 2.87 36.54
C SER C 193 2.32 1.41 36.16
N TYR C 194 3.51 0.89 35.91
CA TYR C 194 3.75 -0.52 35.65
C TYR C 194 4.60 -1.13 36.74
N ILE C 195 4.35 -2.41 36.99
CA ILE C 195 5.16 -3.23 37.89
C ILE C 195 6.09 -4.08 37.06
N ALA C 196 7.39 -4.03 37.39
CA ALA C 196 8.45 -4.39 36.46
C ALA C 196 9.49 -5.28 37.12
N GLU C 197 10.04 -6.21 36.35
CA GLU C 197 10.92 -7.20 36.93
C GLU C 197 12.01 -7.63 35.94
N MET C 198 13.15 -8.05 36.49
CA MET C 198 14.30 -8.48 35.69
C MET C 198 14.65 -9.92 36.01
N GLU C 199 15.23 -10.18 37.18
CA GLU C 199 15.16 -11.52 37.75
C GLU C 199 15.16 -11.36 39.27
N THR C 200 14.00 -11.60 39.87
CA THR C 200 13.80 -11.56 41.31
C THR C 200 14.16 -10.22 41.94
N GLU C 201 14.31 -9.16 41.17
CA GLU C 201 14.46 -7.81 41.70
C GLU C 201 13.55 -6.91 40.89
N SER C 202 12.84 -5.99 41.53
CA SER C 202 11.62 -5.52 40.90
C SER C 202 11.15 -4.18 41.46
N TRP C 203 10.34 -3.48 40.67
CA TRP C 203 10.21 -2.03 40.78
C TRP C 203 8.80 -1.61 40.34
N ILE C 204 8.35 -0.44 40.80
CA ILE C 204 7.16 0.23 40.28
C ILE C 204 7.54 1.55 39.63
N VAL C 205 7.07 1.78 38.41
CA VAL C 205 7.48 2.95 37.63
C VAL C 205 6.32 3.56 36.84
N ASP C 206 6.39 4.88 36.69
CA ASP C 206 5.41 5.67 35.92
C ASP C 206 5.40 5.29 34.44
N ARG C 207 4.20 5.07 33.89
CA ARG C 207 4.09 4.75 32.46
C ARG C 207 4.80 5.79 31.60
N GLN C 208 4.72 7.05 32.00
CA GLN C 208 5.35 8.12 31.23
C GLN C 208 6.86 8.00 31.17
N TRP C 209 7.46 7.27 32.10
CA TRP C 209 8.86 6.92 31.99
C TRP C 209 9.04 5.76 31.02
N ALA C 210 8.27 4.70 31.23
CA ALA C 210 8.44 3.46 30.49
C ALA C 210 8.23 3.64 28.99
N GLN C 211 7.33 4.52 28.60
CA GLN C 211 7.06 4.72 27.18
C GLN C 211 8.24 5.33 26.43
N ASP C 212 9.21 5.93 27.10
CA ASP C 212 10.17 6.80 26.43
C ASP C 212 11.63 6.38 26.57
N LEU C 213 11.92 5.24 27.18
CA LEU C 213 13.24 4.64 27.07
C LEU C 213 13.52 4.20 25.64
N THR C 214 14.74 4.41 25.18
CA THR C 214 15.09 4.16 23.79
C THR C 214 15.32 2.69 23.47
N LEU C 215 15.31 1.82 24.45
CA LEU C 215 15.61 0.42 24.24
C LEU C 215 14.59 -0.24 23.33
N PRO C 216 14.98 -1.32 22.65
CA PRO C 216 14.05 -2.07 21.81
C PRO C 216 13.00 -2.81 22.61
N TRP C 217 11.80 -2.91 22.04
CA TRP C 217 10.69 -3.58 22.72
C TRP C 217 9.79 -4.31 21.73
N GLN C 218 8.99 -5.23 22.26
CA GLN C 218 7.90 -5.86 21.54
C GLN C 218 6.79 -6.16 22.52
N SER C 219 5.56 -6.22 22.02
CA SER C 219 4.38 -6.39 22.88
C SER C 219 3.69 -7.73 22.68
N GLY C 220 3.41 -8.41 23.78
CA GLY C 220 2.68 -9.65 23.80
C GLY C 220 3.49 -10.86 23.39
N SER C 221 2.76 -11.94 23.13
CA SER C 221 3.39 -13.16 22.67
C SER C 221 3.84 -13.05 21.20
N GLY C 222 4.81 -13.88 20.85
CA GLY C 222 5.34 -13.93 19.48
C GLY C 222 6.08 -12.67 19.09
N GLY C 223 5.87 -12.24 17.85
CA GLY C 223 6.30 -10.94 17.38
C GLY C 223 7.79 -10.82 17.11
N VAL C 224 8.17 -9.62 16.68
CA VAL C 224 9.55 -9.25 16.43
C VAL C 224 9.75 -7.80 16.84
N TRP C 225 10.94 -7.51 17.35
CA TRP C 225 11.23 -6.23 17.99
C TRP C 225 11.16 -5.06 17.02
N ARG C 226 10.92 -3.88 17.58
CA ARG C 226 10.73 -2.65 16.85
C ARG C 226 11.52 -1.52 17.48
N GLU C 227 11.65 -0.40 16.76
CA GLU C 227 12.55 0.70 17.11
C GLU C 227 13.99 0.24 17.31
N MET C 228 14.41 -0.78 16.58
CA MET C 228 15.55 -1.65 16.90
C MET C 228 16.91 -0.96 16.80
N HIS C 229 16.96 0.30 16.38
CA HIS C 229 18.24 0.94 16.13
C HIS C 229 19.19 0.94 17.32
N HIS C 230 18.70 1.28 18.50
CA HIS C 230 19.60 1.78 19.54
C HIS C 230 20.54 0.76 20.18
N LEU C 231 20.46 -0.52 19.87
CA LEU C 231 21.54 -1.39 20.28
C LEU C 231 22.52 -1.70 19.16
N VAL C 232 22.29 -1.24 17.94
CA VAL C 232 23.13 -1.62 16.81
C VAL C 232 23.75 -0.35 16.22
N GLU C 233 25.02 -0.10 16.55
CA GLU C 233 25.77 1.05 16.09
C GLU C 233 26.68 0.67 14.94
N PHE C 234 26.62 1.41 13.84
CA PHE C 234 27.38 1.10 12.63
C PHE C 234 28.58 2.01 12.45
N GLU C 235 29.71 1.39 12.19
CA GLU C 235 30.96 2.08 11.94
C GLU C 235 30.87 3.02 10.72
N PRO C 236 31.47 4.20 10.78
CA PRO C 236 31.59 5.04 9.59
C PRO C 236 32.31 4.32 8.46
N PRO C 237 31.66 4.10 7.34
CA PRO C 237 32.12 3.08 6.39
C PRO C 237 33.40 3.47 5.66
N HIS C 238 34.16 2.44 5.26
CA HIS C 238 35.28 2.56 4.34
C HIS C 238 35.16 1.53 3.24
N ALA C 239 35.37 1.96 1.99
CA ALA C 239 35.58 1.08 0.84
C ALA C 239 34.59 -0.07 0.73
N ALA C 240 33.31 0.24 0.95
CA ALA C 240 32.24 -0.78 0.98
C ALA C 240 32.45 -1.87 2.03
N THR C 241 33.05 -1.52 3.17
CA THR C 241 33.15 -2.43 4.30
C THR C 241 32.64 -1.72 5.54
N ILE C 242 31.99 -2.47 6.43
CA ILE C 242 31.42 -1.91 7.65
C ILE C 242 31.63 -2.91 8.79
N ARG C 243 32.19 -2.44 9.90
CA ARG C 243 32.09 -3.15 11.17
C ARG C 243 30.75 -2.87 11.83
N VAL C 244 29.92 -3.91 11.95
CA VAL C 244 28.68 -3.82 12.71
C VAL C 244 29.01 -4.07 14.17
N LEU C 245 28.78 -3.06 15.01
CA LEU C 245 29.20 -3.11 16.40
C LEU C 245 28.00 -3.21 17.33
N ALA C 246 27.93 -4.30 18.08
CA ALA C 246 26.94 -4.44 19.15
C ALA C 246 27.22 -3.46 20.27
N LEU C 247 26.29 -2.55 20.51
CA LEU C 247 26.45 -1.64 21.65
C LEU C 247 26.42 -2.43 22.95
N GLY C 248 27.06 -1.87 23.96
CA GLY C 248 27.20 -2.56 25.23
C GLY C 248 25.87 -2.84 25.92
N ASN C 249 25.79 -4.01 26.54
CA ASN C 249 24.73 -4.37 27.45
C ASN C 249 24.46 -3.22 28.41
N GLN C 250 23.20 -2.82 28.50
CA GLN C 250 22.81 -1.63 29.25
C GLN C 250 22.60 -1.84 30.75
N GLU C 251 22.55 -3.10 31.21
CA GLU C 251 21.84 -3.44 32.43
C GLU C 251 22.16 -2.52 33.60
N GLY C 252 23.44 -2.39 33.93
CA GLY C 252 23.80 -1.61 35.09
C GLY C 252 23.38 -0.16 35.00
N SER C 253 23.39 0.41 33.81
CA SER C 253 22.93 1.77 33.65
C SER C 253 21.45 1.87 33.97
N LEU C 254 20.67 0.93 33.47
CA LEU C 254 19.25 0.93 33.71
C LEU C 254 18.95 0.76 35.20
N LYS C 255 19.55 -0.25 35.81
CA LYS C 255 19.34 -0.49 37.24
C LYS C 255 19.76 0.71 38.08
N THR C 256 20.81 1.41 37.69
CA THR C 256 21.17 2.62 38.43
C THR C 256 20.09 3.69 38.28
N ALA C 257 19.57 3.87 37.07
CA ALA C 257 18.57 4.90 36.87
C ALA C 257 17.31 4.71 37.72
N LEU C 258 16.91 3.47 38.02
CA LEU C 258 15.66 3.20 38.73
C LEU C 258 15.66 3.59 40.20
N THR C 259 16.77 4.04 40.76
CA THR C 259 16.96 4.04 42.22
C THR C 259 15.82 4.66 43.03
N GLY C 260 15.13 5.67 42.51
CA GLY C 260 14.09 6.31 43.29
C GLY C 260 12.79 5.53 43.46
N ALA C 261 12.57 4.48 42.70
CA ALA C 261 11.35 3.69 42.84
C ALA C 261 11.39 2.82 44.09
N MET C 262 10.21 2.60 44.67
CA MET C 262 10.09 1.63 45.75
C MET C 262 10.21 0.20 45.23
N ARG C 263 10.70 -0.67 46.08
CA ARG C 263 11.07 -2.03 45.72
C ARG C 263 9.91 -3.02 45.81
N VAL C 264 10.01 -4.09 45.01
CA VAL C 264 9.00 -5.12 44.91
C VAL C 264 9.66 -6.48 45.07
N THR C 265 9.00 -7.42 45.73
CA THR C 265 9.53 -8.78 45.84
C THR C 265 8.57 -9.80 45.28
N LYS C 266 9.03 -10.55 44.28
CA LYS C 266 8.25 -11.63 43.65
C LYS C 266 8.33 -12.93 44.45
N ASP C 267 7.94 -12.84 45.72
CA ASP C 267 7.82 -14.03 46.55
C ASP C 267 6.96 -15.06 45.84
N THR C 268 7.55 -16.19 45.46
CA THR C 268 6.82 -17.29 44.83
C THR C 268 6.86 -18.53 45.71
N ASN C 269 7.05 -18.32 47.02
CA ASN C 269 6.57 -19.29 48.00
C ASN C 269 5.09 -19.07 48.30
N ASP C 270 4.65 -17.81 48.43
CA ASP C 270 3.24 -17.45 48.59
C ASP C 270 2.49 -17.36 47.25
N ASN C 271 2.36 -18.50 46.59
CA ASN C 271 1.44 -18.67 45.45
C ASN C 271 1.66 -17.65 44.34
N ASN C 272 2.88 -17.16 44.18
CA ASN C 272 3.23 -16.09 43.25
C ASN C 272 2.55 -14.76 43.55
N LEU C 273 1.96 -14.60 44.72
CA LEU C 273 1.39 -13.32 45.11
C LEU C 273 2.50 -12.29 45.34
N TYR C 274 2.44 -11.17 44.65
CA TYR C 274 3.49 -10.16 44.77
C TYR C 274 3.41 -9.43 46.13
N LYS C 275 4.58 -9.13 46.70
CA LYS C 275 4.70 -8.33 47.92
C LYS C 275 5.28 -6.95 47.59
N LEU C 276 4.69 -5.91 48.13
CA LEU C 276 5.11 -4.53 47.91
C LEU C 276 5.59 -3.88 49.21
N HIS C 277 6.79 -3.29 49.20
CA HIS C 277 7.26 -2.46 50.30
C HIS C 277 6.68 -1.04 50.22
N GLY C 278 6.86 -0.29 51.31
CA GLY C 278 6.57 1.13 51.31
C GLY C 278 5.11 1.52 51.35
N GLY C 279 4.24 0.59 51.72
CA GLY C 279 2.81 0.88 51.80
C GLY C 279 2.46 1.96 52.81
N HIS C 280 1.27 2.54 52.60
CA HIS C 280 0.84 3.76 53.25
C HIS C 280 -0.70 3.76 53.29
N VAL C 281 -1.29 3.72 54.49
CA VAL C 281 -2.73 3.53 54.68
C VAL C 281 -3.22 4.43 55.82
N SER C 282 -4.52 4.76 55.80
CA SER C 282 -5.19 5.46 56.91
C SER C 282 -6.45 4.74 57.35
N CYS C 283 -6.78 4.82 58.64
CA CYS C 283 -7.78 3.91 59.21
C CYS C 283 -8.47 4.52 60.43
N ARG C 284 -9.69 4.00 60.71
CA ARG C 284 -10.46 4.27 61.93
C ARG C 284 -10.65 3.00 62.75
N VAL C 285 -10.74 3.16 64.08
CA VAL C 285 -11.00 2.05 65.00
C VAL C 285 -12.05 2.41 66.05
N LYS C 286 -12.93 1.48 66.36
CA LYS C 286 -13.98 1.62 67.38
C LYS C 286 -13.69 0.72 68.57
N LEU C 287 -13.48 1.32 69.75
CA LEU C 287 -13.12 0.60 70.99
C LEU C 287 -14.28 0.17 71.87
N SER C 288 -15.51 0.56 71.56
CA SER C 288 -16.58 0.50 72.55
C SER C 288 -16.77 -0.86 73.21
N ALA C 289 -16.87 -1.92 72.42
CA ALA C 289 -17.26 -3.23 72.93
C ALA C 289 -16.11 -4.09 73.48
N LEU C 290 -14.98 -3.50 73.80
CA LEU C 290 -13.97 -4.18 74.58
C LEU C 290 -14.39 -4.24 76.05
N THR C 291 -13.99 -5.31 76.74
CA THR C 291 -14.30 -5.51 78.15
C THR C 291 -13.11 -6.10 78.89
N LEU C 292 -13.15 -6.07 80.22
CA LEU C 292 -12.06 -6.55 81.06
C LEU C 292 -12.38 -7.86 81.76
N LYS C 293 -11.54 -8.87 81.56
CA LYS C 293 -11.73 -10.19 82.14
C LYS C 293 -11.29 -10.27 83.59
N GLY C 294 -11.98 -11.11 84.36
CA GLY C 294 -11.49 -11.58 85.65
C GLY C 294 -11.34 -10.54 86.75
N THR C 295 -11.90 -9.35 86.55
CA THR C 295 -11.54 -8.21 87.40
C THR C 295 -11.78 -8.48 88.89
N SER C 296 -12.83 -9.23 89.23
CA SER C 296 -13.15 -9.52 90.61
C SER C 296 -12.52 -10.82 91.14
N TYR C 297 -11.60 -11.44 90.41
CA TYR C 297 -10.87 -12.56 90.96
C TYR C 297 -10.06 -12.17 92.20
N LYS C 298 -9.62 -13.19 92.94
CA LYS C 298 -8.77 -13.01 94.12
C LYS C 298 -7.51 -12.22 93.79
N ILE C 299 -7.11 -11.36 94.73
CA ILE C 299 -5.81 -10.70 94.66
C ILE C 299 -4.69 -11.69 95.00
N CYS C 300 -3.69 -11.77 94.11
CA CYS C 300 -2.63 -12.77 94.19
C CYS C 300 -1.71 -12.58 95.39
N THR C 301 -1.35 -13.66 96.06
CA THR C 301 -0.92 -13.46 97.43
C THR C 301 0.38 -14.16 97.84
N ASP C 302 0.67 -15.35 97.35
CA ASP C 302 1.92 -16.01 97.71
C ASP C 302 3.13 -15.47 96.92
N LYS C 303 4.31 -15.99 97.26
CA LYS C 303 5.59 -15.53 96.72
C LYS C 303 5.64 -15.56 95.19
N MET C 304 6.55 -14.74 94.64
CA MET C 304 6.71 -14.56 93.20
C MET C 304 8.20 -14.51 92.86
N PHE C 305 8.52 -14.79 91.59
CA PHE C 305 9.89 -14.67 91.07
C PHE C 305 9.90 -13.82 89.81
N PHE C 306 10.92 -12.99 89.66
CA PHE C 306 11.21 -12.46 88.33
C PHE C 306 11.85 -13.54 87.46
N VAL C 307 11.51 -13.51 86.16
CA VAL C 307 11.99 -14.52 85.24
C VAL C 307 12.68 -13.90 84.03
N LYS C 308 12.19 -12.76 83.56
CA LYS C 308 13.02 -11.81 82.84
C LYS C 308 13.00 -10.52 83.64
N ASN C 309 14.16 -10.04 84.05
CA ASN C 309 14.22 -8.91 84.95
C ASN C 309 13.79 -7.61 84.27
N PRO C 310 13.33 -6.65 85.04
CA PRO C 310 12.89 -5.36 84.49
C PRO C 310 13.90 -4.68 83.60
N THR C 311 13.53 -4.32 82.38
CA THR C 311 14.52 -3.94 81.38
C THR C 311 14.03 -2.80 80.49
N ASP C 312 14.96 -1.93 80.13
CA ASP C 312 14.70 -0.81 79.23
C ASP C 312 14.52 -1.29 77.80
N THR C 313 13.61 -0.65 77.05
CA THR C 313 13.47 -0.98 75.63
C THR C 313 13.31 0.27 74.75
N GLY C 314 13.88 1.39 75.17
CA GLY C 314 14.09 2.53 74.30
C GLY C 314 12.89 3.41 74.01
N HIS C 315 11.70 2.85 74.05
CA HIS C 315 10.50 3.67 73.95
C HIS C 315 10.19 4.41 75.24
N GLY C 316 11.04 4.27 76.24
CA GLY C 316 10.80 4.78 77.56
C GLY C 316 10.03 3.86 78.46
N THR C 317 9.25 2.96 77.91
CA THR C 317 8.61 1.92 78.71
C THR C 317 9.64 0.94 79.26
N VAL C 318 9.32 0.38 80.41
CA VAL C 318 10.10 -0.70 81.01
C VAL C 318 9.23 -1.97 81.09
N VAL C 319 9.86 -3.13 80.93
CA VAL C 319 9.17 -4.40 80.75
C VAL C 319 9.67 -5.43 81.74
N MET C 320 8.76 -6.28 82.24
CA MET C 320 9.16 -7.40 83.09
C MET C 320 8.22 -8.58 82.92
N GLN C 321 8.69 -9.76 83.33
CA GLN C 321 7.99 -11.04 83.18
C GLN C 321 8.05 -11.84 84.46
N VAL C 322 6.91 -12.36 84.93
CA VAL C 322 6.82 -12.89 86.30
C VAL C 322 6.09 -14.24 86.35
N LYS C 323 6.42 -15.02 87.38
CA LYS C 323 5.85 -16.32 87.67
C LYS C 323 5.15 -16.33 89.03
N VAL C 324 3.90 -16.78 89.07
CA VAL C 324 3.19 -17.01 90.33
C VAL C 324 3.56 -18.37 90.90
N SER C 325 3.60 -18.46 92.23
CA SER C 325 3.94 -19.70 92.92
C SER C 325 2.75 -20.60 93.17
N LYS C 326 1.68 -20.08 93.76
CA LYS C 326 0.58 -20.92 94.21
C LYS C 326 -0.76 -20.33 93.84
N GLY C 327 -1.78 -21.17 93.90
CA GLY C 327 -3.14 -20.70 94.05
C GLY C 327 -3.90 -20.56 92.76
N ALA C 328 -5.07 -19.96 92.92
CA ALA C 328 -6.12 -19.84 91.93
C ALA C 328 -5.69 -18.97 90.75
N PRO C 329 -6.52 -18.83 89.74
CA PRO C 329 -6.48 -17.61 88.93
C PRO C 329 -6.52 -16.39 89.82
N CYS C 330 -5.65 -15.43 89.55
CA CYS C 330 -5.50 -14.28 90.44
C CYS C 330 -5.21 -13.03 89.62
N ARG C 331 -5.45 -11.89 90.24
CA ARG C 331 -5.03 -10.60 89.72
C ARG C 331 -3.79 -10.09 90.45
N ILE C 332 -2.85 -9.53 89.70
CA ILE C 332 -1.61 -8.98 90.21
C ILE C 332 -1.66 -7.46 90.09
N PRO C 333 -1.61 -6.73 91.19
CA PRO C 333 -1.56 -5.27 91.13
C PRO C 333 -0.17 -4.75 90.80
N VAL C 334 -0.15 -3.59 90.15
CA VAL C 334 1.10 -2.92 89.79
C VAL C 334 0.95 -1.44 90.06
N ILE C 335 1.98 -0.83 90.66
CA ILE C 335 2.10 0.63 90.74
C ILE C 335 3.55 1.01 90.56
N VAL C 336 3.78 2.26 90.17
CA VAL C 336 5.12 2.84 90.10
C VAL C 336 5.08 4.23 90.70
N ALA C 337 5.96 4.50 91.67
CA ALA C 337 5.70 5.52 92.66
C ALA C 337 6.99 6.17 93.18
N ASP C 338 6.80 7.34 93.80
CA ASP C 338 7.91 8.15 94.29
C ASP C 338 8.65 7.48 95.44
N ASP C 339 7.91 6.97 96.43
CA ASP C 339 8.49 6.60 97.71
C ASP C 339 7.82 5.34 98.24
N LEU C 340 8.58 4.56 99.00
CA LEU C 340 8.09 3.27 99.47
C LEU C 340 7.01 3.38 100.52
N THR C 341 6.53 4.58 100.84
CA THR C 341 5.25 4.71 101.49
C THR C 341 4.08 4.46 100.53
N ALA C 342 4.33 4.51 99.23
CA ALA C 342 3.35 4.18 98.18
C ALA C 342 2.10 5.03 98.24
N ALA C 343 2.28 6.33 98.46
CA ALA C 343 1.12 7.21 98.64
C ALA C 343 0.29 7.35 97.37
N ILE C 344 0.89 7.23 96.19
CA ILE C 344 0.15 7.41 94.95
C ILE C 344 0.88 6.67 93.83
N ASN C 345 0.10 6.01 92.97
CA ASN C 345 0.66 5.45 91.74
C ASN C 345 0.90 6.55 90.72
N LYS C 346 2.16 6.77 90.37
CA LYS C 346 2.54 7.94 89.60
C LYS C 346 2.50 7.74 88.09
N GLY C 347 2.91 6.57 87.62
CA GLY C 347 3.05 6.31 86.20
C GLY C 347 1.78 5.86 85.52
N ILE C 348 1.94 5.26 84.33
CA ILE C 348 0.85 4.75 83.51
C ILE C 348 1.17 3.32 83.12
N LEU C 349 0.15 2.47 83.11
CA LEU C 349 0.28 1.09 82.69
C LEU C 349 -0.34 0.89 81.32
N VAL C 350 0.34 0.12 80.47
CA VAL C 350 -0.18 -0.22 79.14
C VAL C 350 -0.85 -1.58 79.13
N THR C 351 -0.76 -2.34 80.21
CA THR C 351 -1.67 -3.44 80.46
C THR C 351 -2.51 -3.12 81.68
N VAL C 352 -3.82 -3.13 81.51
CA VAL C 352 -4.69 -2.50 82.49
C VAL C 352 -4.93 -3.36 83.71
N ASN C 353 -5.13 -4.66 83.55
CA ASN C 353 -5.47 -5.51 84.69
C ASN C 353 -4.96 -6.92 84.46
N PRO C 354 -3.67 -7.13 84.60
CA PRO C 354 -3.07 -8.42 84.27
C PRO C 354 -3.48 -9.51 85.23
N ILE C 355 -3.70 -10.71 84.70
CA ILE C 355 -4.20 -11.84 85.46
C ILE C 355 -3.53 -13.12 84.99
N ALA C 356 -3.56 -14.14 85.84
CA ALA C 356 -3.13 -15.48 85.46
C ALA C 356 -4.27 -16.47 85.59
N SER C 357 -4.26 -17.49 84.72
CA SER C 357 -5.28 -18.53 84.77
C SER C 357 -4.95 -19.67 85.70
N THR C 358 -3.69 -20.09 85.75
CA THR C 358 -3.26 -21.12 86.68
C THR C 358 -1.84 -20.82 87.11
N ASN C 359 -1.48 -21.32 88.29
CA ASN C 359 -0.24 -20.91 88.92
C ASN C 359 1.03 -21.31 88.17
N ASP C 360 0.95 -22.21 87.19
CA ASP C 360 2.09 -22.48 86.32
C ASP C 360 2.09 -21.68 85.01
N ASP C 361 1.22 -20.69 84.85
CA ASP C 361 1.36 -19.67 83.82
C ASP C 361 2.57 -18.76 84.06
N GLU C 362 2.80 -17.86 83.11
CA GLU C 362 3.64 -16.67 83.26
C GLU C 362 2.90 -15.49 82.66
N VAL C 363 3.31 -14.26 83.01
CA VAL C 363 2.73 -13.07 82.37
C VAL C 363 3.78 -12.01 82.08
N LEU C 364 3.55 -11.23 81.04
CA LEU C 364 4.22 -9.94 80.83
C LEU C 364 3.52 -8.81 81.57
N ILE C 365 4.31 -7.87 82.07
CA ILE C 365 3.81 -6.60 82.60
C ILE C 365 4.76 -5.51 82.14
N GLU C 366 4.23 -4.34 81.79
CA GLU C 366 5.08 -3.26 81.33
C GLU C 366 4.44 -1.92 81.65
N VAL C 367 5.27 -0.91 81.93
CA VAL C 367 4.80 0.39 82.39
C VAL C 367 5.64 1.52 81.82
N ASN C 368 5.04 2.71 81.74
CA ASN C 368 5.73 3.96 81.50
C ASN C 368 5.87 4.74 82.80
N PRO C 369 7.05 4.75 83.43
CA PRO C 369 7.24 5.47 84.69
C PRO C 369 7.23 6.97 84.49
N PRO C 370 7.03 7.74 85.57
CA PRO C 370 7.28 9.18 85.50
C PRO C 370 8.74 9.43 85.21
N PHE C 371 9.01 10.61 84.69
CA PHE C 371 10.39 11.02 84.44
C PHE C 371 11.14 11.15 85.77
N GLY C 372 12.44 10.83 85.74
CA GLY C 372 13.25 10.78 86.94
C GLY C 372 13.05 9.56 87.84
N ASP C 373 13.14 9.73 89.16
CA ASP C 373 13.40 8.62 90.08
C ASP C 373 12.10 7.98 90.55
N SER C 374 12.04 6.65 90.55
CA SER C 374 10.87 5.98 91.08
C SER C 374 11.16 4.54 91.45
N TYR C 375 10.45 4.05 92.47
CA TYR C 375 10.32 2.62 92.70
C TYR C 375 9.18 2.03 91.90
N ILE C 376 9.39 0.81 91.40
CA ILE C 376 8.34 -0.02 90.80
C ILE C 376 7.98 -1.12 91.80
N ILE C 377 6.69 -1.35 91.98
CA ILE C 377 6.17 -2.19 93.05
C ILE C 377 5.15 -3.15 92.47
N VAL C 378 5.25 -4.41 92.87
CA VAL C 378 4.31 -5.43 92.43
C VAL C 378 3.81 -6.24 93.61
N GLY C 379 2.54 -6.61 93.57
CA GLY C 379 1.89 -7.30 94.66
C GLY C 379 1.40 -6.41 95.77
N ARG C 380 0.83 -7.06 96.78
CA ARG C 380 0.26 -6.37 97.93
C ARG C 380 0.73 -7.07 99.21
N GLY C 381 1.09 -6.27 100.20
CA GLY C 381 1.41 -6.75 101.52
C GLY C 381 2.75 -7.42 101.71
N ASP C 382 2.76 -8.47 102.55
CA ASP C 382 3.96 -9.24 102.79
C ASP C 382 4.42 -9.95 101.52
N SER C 383 5.73 -10.12 101.40
CA SER C 383 6.36 -10.78 100.26
C SER C 383 6.01 -10.12 98.93
N ARG C 384 5.82 -8.81 98.93
CA ARG C 384 5.90 -8.02 97.72
C ARG C 384 7.28 -8.16 97.06
N LEU C 385 7.35 -7.78 95.80
CA LEU C 385 8.62 -7.54 95.11
C LEU C 385 8.73 -6.08 94.71
N THR C 386 9.96 -5.56 94.72
CA THR C 386 10.19 -4.14 94.49
C THR C 386 11.47 -3.92 93.71
N TYR C 387 11.54 -2.83 92.95
CA TYR C 387 12.73 -2.53 92.16
C TYR C 387 12.87 -1.03 91.97
N GLN C 388 14.07 -0.61 91.57
CA GLN C 388 14.47 0.79 91.56
C GLN C 388 14.88 1.24 90.14
N TRP C 389 14.55 2.49 89.78
CA TRP C 389 14.66 2.91 88.39
C TRP C 389 14.86 4.42 88.24
N HIS C 390 15.45 4.83 87.11
CA HIS C 390 15.51 6.24 86.70
C HIS C 390 15.16 6.40 85.22
N LYS C 391 14.17 7.27 84.95
CA LYS C 391 13.88 7.88 83.64
C LYS C 391 13.98 6.91 82.46
N GLU D 1 -19.67 16.21 -67.50
CA GLU D 1 -19.30 15.04 -66.71
C GLU D 1 -17.80 14.93 -66.53
N VAL D 2 -17.39 14.40 -65.38
CA VAL D 2 -15.98 14.13 -65.13
C VAL D 2 -15.42 13.18 -66.18
N LYS D 3 -14.22 13.49 -66.65
CA LYS D 3 -13.39 12.53 -67.38
C LYS D 3 -11.97 12.53 -66.84
N LEU D 4 -11.30 11.38 -66.98
CA LEU D 4 -9.93 11.19 -66.54
C LEU D 4 -9.10 10.50 -67.62
N VAL D 5 -7.87 10.97 -67.84
CA VAL D 5 -7.03 10.51 -68.94
C VAL D 5 -5.60 10.25 -68.44
N GLU D 6 -4.96 9.22 -69.01
CA GLU D 6 -3.73 8.64 -68.50
C GLU D 6 -2.62 8.61 -69.57
N SER D 7 -1.36 8.79 -69.15
CA SER D 7 -0.25 8.77 -70.10
C SER D 7 1.09 8.56 -69.39
N GLY D 8 2.10 8.21 -70.18
CA GLY D 8 3.50 8.26 -69.78
C GLY D 8 4.12 6.98 -69.26
N GLY D 9 3.34 5.92 -69.09
CA GLY D 9 3.88 4.62 -68.75
C GLY D 9 4.69 4.00 -69.87
N GLY D 10 5.21 2.81 -69.59
CA GLY D 10 6.02 2.07 -70.56
C GLY D 10 7.02 1.13 -69.90
N LEU D 11 8.12 0.87 -70.61
CA LEU D 11 9.20 0.01 -70.17
C LEU D 11 10.49 0.77 -70.00
N VAL D 12 11.22 0.51 -68.90
CA VAL D 12 12.49 1.18 -68.64
C VAL D 12 13.45 0.23 -67.92
N LYS D 13 14.73 0.54 -68.02
CA LYS D 13 15.84 -0.19 -67.43
C LYS D 13 15.92 0.07 -65.93
N PRO D 14 16.34 -0.94 -65.14
CA PRO D 14 16.48 -0.74 -63.70
C PRO D 14 17.50 0.33 -63.35
N GLY D 15 17.26 1.00 -62.23
CA GLY D 15 18.01 2.17 -61.83
C GLY D 15 17.61 3.46 -62.51
N GLY D 16 16.69 3.42 -63.47
CA GLY D 16 16.23 4.59 -64.18
C GLY D 16 15.18 5.41 -63.44
N SER D 17 14.66 6.41 -64.15
CA SER D 17 13.66 7.32 -63.62
C SER D 17 12.70 7.76 -64.72
N LEU D 18 11.44 7.97 -64.33
CA LEU D 18 10.40 8.47 -65.22
C LEU D 18 9.36 9.24 -64.40
N LYS D 19 8.67 10.17 -65.06
CA LYS D 19 7.51 10.84 -64.48
C LYS D 19 6.23 10.54 -65.26
N LEU D 20 5.22 10.05 -64.54
CA LEU D 20 3.88 9.85 -65.08
C LEU D 20 3.09 11.15 -65.08
N SER D 21 2.09 11.21 -65.97
CA SER D 21 1.33 12.44 -66.19
C SER D 21 -0.15 12.13 -66.46
N CYS D 22 -1.01 12.45 -65.50
CA CYS D 22 -2.45 12.29 -65.61
C CYS D 22 -3.12 13.61 -65.97
N ALA D 23 -4.04 13.57 -66.93
CA ALA D 23 -4.81 14.75 -67.32
C ALA D 23 -6.30 14.55 -67.03
N ALA D 24 -6.97 15.63 -66.62
CA ALA D 24 -8.32 15.56 -66.09
C ALA D 24 -9.11 16.80 -66.47
N SER D 25 -10.43 16.65 -66.54
CA SER D 25 -11.30 17.75 -66.92
C SER D 25 -12.72 17.49 -66.41
N GLY D 26 -13.53 18.55 -66.45
CA GLY D 26 -14.92 18.49 -66.05
C GLY D 26 -15.22 18.70 -64.58
N PHE D 27 -14.26 19.17 -63.79
CA PHE D 27 -14.51 19.52 -62.40
C PHE D 27 -13.52 20.57 -61.95
N THR D 28 -13.86 21.25 -60.86
CA THR D 28 -13.02 22.31 -60.32
C THR D 28 -11.75 21.77 -59.68
N PHE D 29 -10.72 21.60 -60.50
CA PHE D 29 -9.51 20.88 -60.12
C PHE D 29 -8.77 21.52 -58.95
N THR D 30 -8.99 22.79 -58.65
CA THR D 30 -8.30 23.39 -57.51
C THR D 30 -8.66 22.78 -56.17
N ASN D 31 -9.80 22.11 -56.05
CA ASN D 31 -10.27 21.80 -54.73
C ASN D 31 -10.00 20.37 -54.28
N TYR D 32 -10.30 19.38 -55.10
CA TYR D 32 -10.24 18.00 -54.65
C TYR D 32 -8.80 17.53 -54.46
N ALA D 33 -8.58 16.73 -53.42
CA ALA D 33 -7.36 15.93 -53.30
C ALA D 33 -7.35 14.79 -54.30
N MET D 34 -6.17 14.21 -54.53
CA MET D 34 -6.08 13.05 -55.40
C MET D 34 -4.87 12.18 -55.05
N SER D 35 -4.93 10.92 -55.50
CA SER D 35 -3.99 9.88 -55.06
C SER D 35 -3.69 8.90 -56.18
N TRP D 36 -2.57 8.18 -56.04
CA TRP D 36 -2.15 7.12 -56.96
C TRP D 36 -2.18 5.74 -56.31
N VAL D 37 -2.57 4.73 -57.09
CA VAL D 37 -2.67 3.34 -56.64
C VAL D 37 -2.17 2.44 -57.75
N ARG D 38 -1.54 1.31 -57.38
CA ARG D 38 -1.02 0.36 -58.36
C ARG D 38 -1.43 -1.07 -58.06
N GLN D 39 -1.49 -1.90 -59.11
CA GLN D 39 -2.07 -3.24 -59.07
C GLN D 39 -1.28 -4.18 -59.98
N THR D 40 -1.39 -5.47 -59.68
CA THR D 40 -0.71 -6.55 -60.39
C THR D 40 -1.74 -7.66 -60.61
N PRO D 41 -1.47 -8.58 -61.53
CA PRO D 41 -2.33 -9.78 -61.59
C PRO D 41 -2.28 -10.59 -60.31
N GLU D 42 -1.15 -10.57 -59.61
CA GLU D 42 -1.16 -10.84 -58.17
C GLU D 42 -2.03 -9.79 -57.50
N LYS D 43 -3.13 -10.26 -56.89
CA LYS D 43 -4.27 -9.42 -56.55
C LYS D 43 -3.99 -8.27 -55.59
N ARG D 44 -2.88 -8.30 -54.84
CA ARG D 44 -2.63 -7.27 -53.82
C ARG D 44 -2.44 -5.87 -54.40
N LEU D 45 -3.38 -4.97 -54.08
CA LEU D 45 -3.30 -3.53 -54.30
C LEU D 45 -2.31 -2.86 -53.35
N GLU D 46 -1.64 -1.81 -53.86
CA GLU D 46 -0.75 -0.97 -53.05
C GLU D 46 -1.07 0.51 -53.23
N TRP D 47 -1.27 1.21 -52.11
CA TRP D 47 -1.32 2.67 -52.14
C TRP D 47 0.05 3.27 -52.46
N VAL D 48 0.04 4.29 -53.32
CA VAL D 48 1.29 4.89 -53.74
C VAL D 48 1.61 6.21 -53.05
N ALA D 49 0.73 7.20 -53.19
CA ALA D 49 1.01 8.53 -52.64
C ALA D 49 -0.26 9.34 -52.60
N SER D 50 -0.23 10.42 -51.82
CA SER D 50 -1.40 11.29 -51.75
C SER D 50 -0.97 12.72 -51.46
N ILE D 51 -1.77 13.68 -51.94
CA ILE D 51 -1.42 15.09 -51.87
C ILE D 51 -2.62 15.93 -51.46
N SER D 52 -2.38 16.88 -50.56
CA SER D 52 -3.40 17.80 -50.06
C SER D 52 -3.68 18.91 -51.04
N SER D 53 -4.83 19.57 -50.85
CA SER D 53 -5.06 20.82 -51.55
C SER D 53 -4.03 21.86 -51.17
N GLY D 54 -3.46 21.73 -49.98
CA GLY D 54 -2.31 22.53 -49.58
C GLY D 54 -0.96 22.04 -50.03
N HIS D 55 -0.94 21.20 -51.05
CA HIS D 55 0.31 20.68 -51.61
C HIS D 55 1.11 19.86 -50.62
N THR D 56 0.63 19.69 -49.41
CA THR D 56 1.35 18.88 -48.45
C THR D 56 1.44 17.46 -48.98
N PRO D 57 2.61 16.86 -49.01
CA PRO D 57 2.74 15.48 -49.47
C PRO D 57 2.51 14.46 -48.35
N TYR D 58 2.23 13.23 -48.77
CA TYR D 58 2.18 12.06 -47.90
C TYR D 58 2.69 10.83 -48.64
N TYR D 59 3.49 10.01 -47.98
CA TYR D 59 4.07 8.84 -48.63
C TYR D 59 4.18 7.66 -47.66
N PRO D 60 4.11 6.44 -48.18
CA PRO D 60 4.46 5.27 -47.39
C PRO D 60 5.96 5.05 -47.29
N ASP D 61 6.38 4.43 -46.18
CA ASP D 61 7.81 4.33 -45.87
C ASP D 61 8.62 3.59 -46.94
N SER D 62 8.02 2.59 -47.59
CA SER D 62 8.77 1.80 -48.57
C SER D 62 9.26 2.60 -49.76
N VAL D 63 8.70 3.77 -50.01
CA VAL D 63 9.10 4.58 -51.16
C VAL D 63 9.56 5.97 -50.76
N LYS D 64 9.66 6.27 -49.47
CA LYS D 64 10.06 7.60 -49.05
C LYS D 64 11.44 7.93 -49.59
N GLY D 65 11.57 9.14 -50.12
CA GLY D 65 12.81 9.56 -50.71
C GLY D 65 13.00 9.08 -52.12
N ARG D 66 12.14 8.21 -52.61
CA ARG D 66 12.26 7.65 -53.96
C ARG D 66 11.24 8.24 -54.93
N PHE D 67 10.00 8.41 -54.49
CA PHE D 67 8.92 8.94 -55.29
C PHE D 67 8.56 10.35 -54.84
N THR D 68 8.08 11.16 -55.77
CA THR D 68 7.70 12.53 -55.48
C THR D 68 6.44 12.89 -56.25
N ILE D 69 5.52 13.60 -55.59
CA ILE D 69 4.25 14.02 -56.19
C ILE D 69 4.18 15.54 -56.27
N SER D 70 3.55 16.05 -57.33
CA SER D 70 3.41 17.48 -57.52
C SER D 70 2.26 17.77 -58.48
N ARG D 71 1.81 19.03 -58.51
CA ARG D 71 0.62 19.39 -59.26
C ARG D 71 0.75 20.80 -59.85
N ASP D 72 0.00 21.03 -60.93
CA ASP D 72 -0.10 22.33 -61.60
C ASP D 72 -1.53 22.84 -61.60
N ASN D 73 -1.76 23.96 -60.92
CA ASN D 73 -3.11 24.47 -60.75
C ASN D 73 -3.63 25.26 -61.95
N ALA D 74 -2.81 25.54 -62.97
CA ALA D 74 -3.33 26.13 -64.20
C ALA D 74 -3.62 25.10 -65.28
N ARG D 75 -2.69 24.16 -65.47
CA ARG D 75 -2.83 23.13 -66.50
C ARG D 75 -3.77 22.01 -66.06
N ASN D 76 -4.04 21.89 -64.76
CA ASN D 76 -4.86 20.81 -64.23
C ASN D 76 -4.25 19.46 -64.56
N ILE D 77 -2.97 19.34 -64.27
CA ILE D 77 -2.21 18.12 -64.50
C ILE D 77 -1.69 17.63 -63.17
N LEU D 78 -1.73 16.32 -62.96
CA LEU D 78 -1.10 15.69 -61.81
C LEU D 78 0.17 14.97 -62.26
N PHE D 79 1.30 15.29 -61.66
CA PHE D 79 2.58 14.71 -62.01
C PHE D 79 3.08 13.83 -60.89
N LEU D 80 3.42 12.58 -61.21
CA LEU D 80 4.07 11.66 -60.29
C LEU D 80 5.45 11.31 -60.84
N GLN D 81 6.49 11.74 -60.15
CA GLN D 81 7.88 11.52 -60.54
C GLN D 81 8.50 10.40 -59.74
N MET D 82 9.06 9.41 -60.43
CA MET D 82 9.62 8.22 -59.80
C MET D 82 11.08 8.01 -60.21
N SER D 83 11.93 7.78 -59.22
CA SER D 83 13.37 7.67 -59.39
C SER D 83 13.91 6.39 -58.75
N SER D 84 14.98 5.86 -59.34
CA SER D 84 15.60 4.59 -58.94
C SER D 84 14.59 3.44 -58.90
N LEU D 85 13.96 3.23 -60.05
CA LEU D 85 13.04 2.12 -60.23
C LEU D 85 13.74 0.78 -60.05
N ARG D 86 12.97 -0.23 -59.64
CA ARG D 86 13.50 -1.52 -59.23
C ARG D 86 12.61 -2.62 -59.81
N SER D 87 13.15 -3.84 -59.85
CA SER D 87 12.32 -5.02 -60.03
C SER D 87 11.31 -5.17 -58.91
N GLU D 88 11.50 -4.47 -57.79
CA GLU D 88 10.53 -4.35 -56.72
C GLU D 88 9.29 -3.57 -57.11
N ASP D 89 9.28 -2.84 -58.22
CA ASP D 89 8.24 -1.85 -58.53
C ASP D 89 7.77 -1.96 -59.99
N THR D 90 6.84 -2.89 -60.25
CA THR D 90 6.41 -3.17 -61.62
C THR D 90 4.94 -3.52 -61.63
N ALA D 91 4.10 -2.67 -62.23
CA ALA D 91 2.67 -2.79 -62.00
C ALA D 91 1.85 -1.98 -63.01
N MET D 92 0.54 -2.27 -63.01
CA MET D 92 -0.51 -1.34 -63.43
C MET D 92 -0.67 -0.21 -62.40
N TYR D 93 -0.78 1.04 -62.89
CA TYR D 93 -0.98 2.21 -62.05
C TYR D 93 -2.30 2.92 -62.34
N TYR D 94 -2.93 3.47 -61.30
CA TYR D 94 -4.18 4.22 -61.40
C TYR D 94 -4.13 5.52 -60.62
N CYS D 95 -4.91 6.51 -61.08
CA CYS D 95 -5.10 7.79 -60.40
C CYS D 95 -6.57 8.00 -60.04
N ALA D 96 -6.83 8.69 -58.92
CA ALA D 96 -8.20 8.82 -58.43
C ALA D 96 -8.42 10.09 -57.60
N ARG D 97 -9.68 10.53 -57.57
CA ARG D 97 -10.10 11.82 -57.01
C ARG D 97 -10.85 11.69 -55.69
N GLY D 98 -10.50 12.53 -54.71
CA GLY D 98 -11.16 12.60 -53.42
C GLY D 98 -12.34 13.55 -53.34
N ASP D 99 -12.67 13.96 -52.10
CA ASP D 99 -13.84 14.76 -51.77
C ASP D 99 -13.56 16.25 -51.62
N TYR D 100 -14.64 17.02 -51.68
CA TYR D 100 -14.58 18.45 -51.94
C TYR D 100 -13.92 19.29 -50.86
N TYR D 101 -13.78 18.79 -49.64
CA TYR D 101 -13.03 19.58 -48.66
C TYR D 101 -11.55 19.71 -49.01
N GLY D 102 -11.02 18.79 -49.80
CA GLY D 102 -9.62 18.78 -50.12
C GLY D 102 -8.71 18.27 -49.01
N SER D 103 -9.27 17.90 -47.88
CA SER D 103 -8.56 17.12 -46.89
C SER D 103 -8.26 15.73 -47.44
N VAL D 104 -7.13 15.17 -47.02
CA VAL D 104 -6.69 13.90 -47.58
C VAL D 104 -7.55 12.75 -47.09
N TYR D 105 -7.96 12.76 -45.83
CA TYR D 105 -8.62 11.59 -45.22
C TYR D 105 -10.05 11.39 -45.71
N SER D 106 -10.18 10.77 -46.89
CA SER D 106 -11.47 10.25 -47.37
C SER D 106 -11.24 9.24 -48.49
N ALA D 107 -12.26 8.44 -48.75
CA ALA D 107 -12.26 7.54 -49.90
C ALA D 107 -12.32 8.32 -51.23
N MET D 108 -12.28 7.55 -52.33
CA MET D 108 -12.21 8.09 -53.69
C MET D 108 -13.26 7.49 -54.60
N ASP D 109 -13.92 8.33 -55.40
CA ASP D 109 -15.14 7.96 -56.14
C ASP D 109 -15.06 8.19 -57.64
N TYR D 110 -13.90 8.50 -58.19
CA TYR D 110 -13.66 8.47 -59.63
C TYR D 110 -12.28 7.90 -59.92
N TRP D 111 -12.18 7.05 -60.94
CA TRP D 111 -10.93 6.33 -61.16
C TRP D 111 -10.54 6.35 -62.63
N GLY D 112 -9.26 6.62 -62.89
CA GLY D 112 -8.77 6.73 -64.26
C GLY D 112 -8.73 5.41 -64.99
N GLN D 113 -8.47 5.52 -66.30
CA GLN D 113 -8.35 4.33 -67.13
C GLN D 113 -7.06 3.54 -66.88
N GLY D 114 -6.02 4.18 -66.35
CA GLY D 114 -4.81 3.49 -65.93
C GLY D 114 -3.91 3.04 -67.06
N THR D 115 -2.64 2.78 -66.72
CA THR D 115 -1.67 2.17 -67.63
C THR D 115 -0.52 1.56 -66.83
N SER D 116 0.24 0.69 -67.49
CA SER D 116 1.36 -0.03 -66.89
C SER D 116 2.67 0.75 -66.89
N LEU D 117 3.51 0.45 -65.90
CA LEU D 117 4.95 0.70 -65.93
C LEU D 117 5.69 -0.58 -65.54
N THR D 118 6.74 -0.92 -66.27
CA THR D 118 7.45 -2.19 -66.10
C THR D 118 8.96 -2.02 -66.31
N VAL D 119 9.71 -2.96 -65.74
CA VAL D 119 11.16 -2.87 -65.59
C VAL D 119 11.83 -4.12 -66.14
N SER D 120 12.91 -3.95 -66.89
CA SER D 120 13.66 -5.07 -67.47
C SER D 120 15.15 -4.77 -67.55
N GLU E 1 0.71 0.83 -39.68
CA GLU E 1 0.59 -0.51 -39.14
C GLU E 1 -0.87 -0.85 -38.91
N ILE E 2 -1.54 -1.23 -39.98
CA ILE E 2 -2.89 -1.78 -39.90
C ILE E 2 -2.94 -3.00 -40.79
N ARG E 3 -3.52 -4.09 -40.29
CA ARG E 3 -3.87 -5.25 -41.08
C ARG E 3 -5.39 -5.35 -41.23
N MET E 4 -5.86 -5.56 -42.45
CA MET E 4 -7.22 -6.01 -42.68
C MET E 4 -7.24 -7.26 -43.55
N THR E 5 -8.10 -8.23 -43.18
CA THR E 5 -8.12 -9.56 -43.77
C THR E 5 -9.56 -10.06 -43.89
N GLN E 6 -9.75 -11.00 -44.81
CA GLN E 6 -11.08 -11.34 -45.34
C GLN E 6 -11.26 -12.86 -45.44
N SER E 7 -12.41 -13.36 -44.97
CA SER E 7 -12.61 -14.80 -44.78
C SER E 7 -13.00 -15.62 -46.03
N PRO E 8 -14.05 -15.25 -46.78
CA PRO E 8 -14.52 -16.10 -47.90
C PRO E 8 -13.72 -15.93 -49.18
N SER E 9 -12.45 -16.34 -49.13
CA SER E 9 -11.49 -16.09 -50.21
C SER E 9 -11.81 -16.81 -51.51
N SER E 10 -12.79 -17.73 -51.55
CA SER E 10 -13.10 -18.42 -52.79
C SER E 10 -14.57 -18.79 -52.92
N MET E 11 -15.45 -18.17 -52.15
CA MET E 11 -16.88 -18.44 -52.21
C MET E 11 -17.48 -17.99 -53.55
N TYR E 12 -18.36 -18.83 -54.10
CA TYR E 12 -19.15 -18.49 -55.29
C TYR E 12 -20.58 -19.02 -55.15
N ALA E 13 -21.45 -18.53 -56.02
CA ALA E 13 -22.90 -18.52 -55.76
C ALA E 13 -23.64 -18.81 -57.07
N SER E 14 -24.93 -18.50 -57.09
CA SER E 14 -25.73 -18.58 -58.32
C SER E 14 -26.82 -17.52 -58.31
N LEU E 15 -27.40 -17.28 -59.48
CA LEU E 15 -28.26 -16.13 -59.73
C LEU E 15 -29.37 -15.99 -58.70
N GLY E 16 -29.56 -14.76 -58.22
CA GLY E 16 -30.58 -14.41 -57.24
C GLY E 16 -30.29 -14.80 -55.81
N GLU E 17 -29.12 -15.38 -55.53
CA GLU E 17 -28.75 -15.78 -54.18
C GLU E 17 -28.44 -14.58 -53.28
N ARG E 18 -28.76 -14.73 -51.99
CA ARG E 18 -28.21 -13.87 -50.95
C ARG E 18 -26.74 -14.23 -50.68
N VAL E 19 -25.86 -13.21 -50.72
CA VAL E 19 -24.42 -13.39 -50.53
C VAL E 19 -23.87 -12.34 -49.58
N THR E 20 -22.93 -12.74 -48.73
CA THR E 20 -22.33 -11.85 -47.73
C THR E 20 -20.83 -12.07 -47.64
N VAL E 21 -20.07 -10.97 -47.46
CA VAL E 21 -18.63 -11.00 -47.20
C VAL E 21 -18.32 -10.19 -45.95
N THR E 22 -17.21 -10.51 -45.29
CA THR E 22 -16.87 -9.90 -44.02
C THR E 22 -15.36 -9.85 -43.80
N CYS E 23 -14.92 -8.83 -43.06
CA CYS E 23 -13.51 -8.56 -42.83
C CYS E 23 -13.24 -8.28 -41.35
N LYS E 24 -12.02 -8.61 -40.90
CA LYS E 24 -11.54 -8.31 -39.57
C LYS E 24 -10.32 -7.40 -39.63
N ALA E 25 -10.18 -6.54 -38.62
CA ALA E 25 -9.12 -5.54 -38.58
C ALA E 25 -8.29 -5.65 -37.30
N SER E 26 -7.00 -5.32 -37.42
CA SER E 26 -6.06 -5.42 -36.30
C SER E 26 -6.28 -4.36 -35.22
N GLN E 27 -7.07 -3.33 -35.48
CA GLN E 27 -7.41 -2.34 -34.48
C GLN E 27 -8.71 -1.68 -34.92
N ASP E 28 -9.28 -0.86 -34.04
CA ASP E 28 -10.55 -0.20 -34.35
C ASP E 28 -10.44 0.78 -35.53
N ILE E 29 -11.26 0.56 -36.56
CA ILE E 29 -11.27 1.38 -37.76
C ILE E 29 -12.12 2.62 -37.64
N ASN E 30 -12.93 2.70 -36.60
CA ASN E 30 -13.80 3.85 -36.33
C ASN E 30 -14.62 4.29 -37.54
N SER E 31 -15.09 3.31 -38.32
CA SER E 31 -15.92 3.48 -39.51
C SER E 31 -15.32 4.18 -40.73
N TYR E 32 -14.06 4.54 -40.74
CA TYR E 32 -13.47 5.12 -41.96
C TYR E 32 -13.09 4.03 -42.97
N LEU E 33 -14.13 3.33 -43.46
CA LEU E 33 -14.01 2.10 -44.24
C LEU E 33 -14.81 2.21 -45.53
N SER E 34 -14.50 1.36 -46.50
CA SER E 34 -15.17 1.41 -47.80
C SER E 34 -15.03 0.10 -48.57
N TRP E 35 -15.87 -0.05 -49.61
CA TRP E 35 -15.95 -1.26 -50.43
C TRP E 35 -15.93 -0.94 -51.92
N LEU E 36 -15.06 -1.63 -52.66
CA LEU E 36 -14.83 -1.39 -54.08
C LEU E 36 -14.88 -2.69 -54.85
N GLN E 37 -15.07 -2.57 -56.18
CA GLN E 37 -15.17 -3.70 -57.09
C GLN E 37 -14.15 -3.57 -58.21
N GLN E 38 -13.44 -4.66 -58.53
CA GLN E 38 -12.62 -4.75 -59.74
C GLN E 38 -13.23 -5.73 -60.73
N LYS E 39 -13.60 -5.24 -61.90
CA LYS E 39 -13.96 -6.04 -63.07
C LYS E 39 -12.69 -6.42 -63.81
N PRO E 40 -12.69 -7.56 -64.52
CA PRO E 40 -11.46 -8.00 -65.22
C PRO E 40 -11.10 -7.05 -66.35
N GLY E 41 -9.89 -6.50 -66.27
CA GLY E 41 -9.35 -5.66 -67.33
C GLY E 41 -9.94 -4.27 -67.47
N LYS E 42 -10.60 -3.76 -66.43
CA LYS E 42 -11.24 -2.44 -66.47
C LYS E 42 -10.94 -1.70 -65.17
N SER E 43 -11.20 -0.40 -65.18
CA SER E 43 -11.04 0.41 -63.98
C SER E 43 -11.92 -0.10 -62.83
N PRO E 44 -11.40 -0.17 -61.61
CA PRO E 44 -12.26 -0.41 -60.44
C PRO E 44 -13.28 0.69 -60.23
N LYS E 45 -14.32 0.37 -59.44
CA LYS E 45 -15.35 1.35 -59.07
C LYS E 45 -15.82 1.14 -57.63
N THR E 46 -16.33 2.22 -57.05
CA THR E 46 -16.88 2.23 -55.70
C THR E 46 -18.19 1.46 -55.58
N LEU E 47 -18.50 1.08 -54.34
CA LEU E 47 -19.86 0.74 -53.94
C LEU E 47 -20.30 1.54 -52.72
N ILE E 48 -19.64 1.33 -51.58
CA ILE E 48 -20.13 1.83 -50.31
C ILE E 48 -18.94 2.39 -49.52
N TYR E 49 -19.21 3.39 -48.69
CA TYR E 49 -18.22 3.93 -47.76
C TYR E 49 -18.85 4.20 -46.40
N ARG E 50 -17.97 4.30 -45.40
CA ARG E 50 -18.31 4.59 -44.01
C ARG E 50 -19.38 3.66 -43.48
N ALA E 51 -20.27 4.16 -42.62
CA ALA E 51 -21.38 3.37 -42.09
C ALA E 51 -22.50 3.16 -43.11
N ASN E 52 -22.29 2.22 -44.03
CA ASN E 52 -23.34 1.76 -44.93
C ASN E 52 -23.95 2.92 -45.73
N ARG E 53 -23.10 3.75 -46.32
CA ARG E 53 -23.53 4.85 -47.17
C ARG E 53 -23.28 4.56 -48.65
N LEU E 54 -24.24 4.94 -49.48
CA LEU E 54 -24.17 4.78 -50.93
C LEU E 54 -23.79 6.07 -51.63
N PHE E 55 -22.81 5.99 -52.53
CA PHE E 55 -22.56 7.07 -53.48
C PHE E 55 -23.68 7.15 -54.52
N ASP E 56 -23.82 8.31 -55.13
CA ASP E 56 -24.77 8.48 -56.21
C ASP E 56 -24.46 7.54 -57.37
N GLY E 57 -25.52 7.03 -57.98
CA GLY E 57 -25.42 6.10 -59.10
C GLY E 57 -25.14 4.66 -58.73
N VAL E 58 -24.84 4.35 -57.48
CA VAL E 58 -24.76 2.94 -57.06
C VAL E 58 -26.17 2.40 -56.87
N PRO E 59 -26.51 1.25 -57.47
CA PRO E 59 -27.85 0.70 -57.30
C PRO E 59 -28.12 0.27 -55.85
N SER E 60 -29.40 0.36 -55.45
CA SER E 60 -29.84 0.20 -54.07
C SER E 60 -29.68 -1.21 -53.50
N ARG E 61 -29.34 -2.20 -54.31
CA ARG E 61 -29.24 -3.58 -53.83
C ARG E 61 -28.08 -3.85 -52.89
N PHE E 62 -27.08 -2.98 -52.83
CA PHE E 62 -25.93 -3.15 -51.94
C PHE E 62 -26.17 -2.62 -50.52
N SER E 63 -25.56 -3.31 -49.54
CA SER E 63 -25.70 -2.95 -48.12
C SER E 63 -24.58 -3.61 -47.31
N GLY E 64 -24.42 -3.14 -46.07
CA GLY E 64 -23.48 -3.74 -45.13
C GLY E 64 -23.63 -3.13 -43.76
N SER E 65 -22.76 -3.57 -42.83
CA SER E 65 -22.63 -2.91 -41.53
C SER E 65 -21.35 -3.40 -40.83
N GLY E 66 -20.99 -2.68 -39.77
CA GLY E 66 -19.95 -3.12 -38.87
C GLY E 66 -19.58 -2.04 -37.87
N SER E 67 -18.68 -2.41 -36.95
CA SER E 67 -18.12 -1.48 -35.98
C SER E 67 -16.89 -2.11 -35.35
N GLY E 68 -16.15 -1.29 -34.63
CA GLY E 68 -14.96 -1.76 -33.94
C GLY E 68 -13.96 -2.40 -34.87
N GLN E 69 -13.76 -3.71 -34.70
CA GLN E 69 -12.79 -4.48 -35.47
C GLN E 69 -13.45 -5.41 -36.49
N ASP E 70 -14.77 -5.34 -36.65
CA ASP E 70 -15.54 -6.35 -37.37
C ASP E 70 -16.55 -5.70 -38.30
N TYR E 71 -16.53 -6.10 -39.58
CA TYR E 71 -17.27 -5.38 -40.60
C TYR E 71 -17.77 -6.34 -41.67
N SER E 72 -18.81 -5.90 -42.38
CA SER E 72 -19.49 -6.76 -43.32
C SER E 72 -20.14 -6.00 -44.47
N LEU E 73 -20.27 -6.69 -45.60
CA LEU E 73 -20.95 -6.23 -46.80
C LEU E 73 -21.83 -7.35 -47.35
N THR E 74 -23.05 -7.02 -47.80
CA THR E 74 -23.95 -8.04 -48.30
C THR E 74 -24.91 -7.47 -49.34
N ILE E 75 -25.34 -8.32 -50.28
CA ILE E 75 -26.25 -7.92 -51.35
C ILE E 75 -27.60 -8.59 -51.19
N SER E 76 -28.67 -7.82 -51.41
CA SER E 76 -30.04 -8.32 -51.26
C SER E 76 -30.46 -9.27 -52.37
N SER E 77 -29.86 -9.17 -53.55
CA SER E 77 -30.08 -10.17 -54.60
C SER E 77 -28.98 -10.08 -55.64
N LEU E 78 -28.25 -11.18 -55.83
CA LEU E 78 -27.14 -11.27 -56.79
C LEU E 78 -27.60 -11.20 -58.24
N GLU E 79 -26.91 -10.37 -59.03
CA GLU E 79 -27.20 -10.23 -60.45
C GLU E 79 -25.88 -10.23 -61.23
N TYR E 80 -25.99 -10.56 -62.53
CA TYR E 80 -24.81 -10.93 -63.33
C TYR E 80 -23.80 -9.78 -63.47
N GLU E 81 -24.24 -8.52 -63.45
CA GLU E 81 -23.30 -7.42 -63.49
C GLU E 81 -22.42 -7.32 -62.24
N ASP E 82 -22.73 -8.08 -61.19
CA ASP E 82 -21.93 -8.10 -59.98
C ASP E 82 -20.67 -8.97 -60.06
N MET E 83 -20.49 -9.71 -61.14
CA MET E 83 -19.30 -10.54 -61.30
C MET E 83 -18.01 -9.71 -61.29
N GLY E 84 -17.08 -10.08 -60.41
CA GLY E 84 -15.82 -9.38 -60.28
C GLY E 84 -15.12 -9.73 -58.96
N ILE E 85 -14.16 -8.89 -58.59
CA ILE E 85 -13.46 -8.99 -57.30
C ILE E 85 -13.97 -7.92 -56.35
N PHE E 86 -14.49 -8.35 -55.20
CA PHE E 86 -14.74 -7.42 -54.10
C PHE E 86 -13.43 -7.06 -53.39
N TYR E 87 -13.30 -5.79 -53.01
CA TYR E 87 -12.21 -5.34 -52.14
C TYR E 87 -12.73 -4.40 -51.06
N CYS E 88 -12.14 -4.52 -49.88
CA CYS E 88 -12.33 -3.58 -48.77
C CYS E 88 -11.16 -2.61 -48.68
N LEU E 89 -11.46 -1.37 -48.29
CA LEU E 89 -10.45 -0.32 -48.21
C LEU E 89 -10.68 0.55 -46.98
N GLN E 90 -9.63 0.71 -46.17
CA GLN E 90 -9.68 1.51 -44.95
C GLN E 90 -8.74 2.69 -45.04
N TYR E 91 -9.11 3.77 -44.36
CA TYR E 91 -8.42 5.05 -44.52
C TYR E 91 -8.46 5.88 -43.25
N ASP E 92 -8.25 5.25 -42.10
CA ASP E 92 -8.12 6.04 -40.89
C ASP E 92 -6.70 6.36 -40.47
N GLU E 93 -5.71 5.65 -40.98
CA GLU E 93 -4.33 5.98 -40.67
C GLU E 93 -3.49 6.04 -41.94
N PHE E 94 -2.59 7.02 -41.98
CA PHE E 94 -2.00 7.46 -43.23
C PHE E 94 -1.31 6.37 -44.05
N PRO E 95 -0.71 5.32 -43.50
CA PRO E 95 -0.46 4.16 -44.35
C PRO E 95 -1.76 3.44 -44.71
N PHE E 96 -2.48 3.98 -45.67
CA PHE E 96 -3.73 3.38 -46.13
C PHE E 96 -3.48 1.97 -46.64
N THR E 97 -4.48 1.09 -46.51
CA THR E 97 -4.34 -0.29 -46.97
C THR E 97 -5.66 -0.85 -47.49
N PHE E 98 -5.54 -1.77 -48.45
CA PHE E 98 -6.60 -2.64 -48.93
C PHE E 98 -6.53 -4.02 -48.28
N GLY E 99 -7.65 -4.75 -48.33
CA GLY E 99 -7.62 -6.21 -48.18
C GLY E 99 -7.13 -6.95 -49.42
N SER E 100 -7.00 -8.29 -49.29
CA SER E 100 -6.65 -9.14 -50.42
C SER E 100 -7.78 -9.27 -51.45
N GLY E 101 -9.03 -9.13 -51.03
CA GLY E 101 -10.18 -9.31 -51.91
C GLY E 101 -10.52 -10.76 -52.24
N THR E 102 -11.69 -10.95 -52.86
CA THR E 102 -12.19 -12.27 -53.25
C THR E 102 -13.07 -12.18 -54.50
N LYS E 103 -13.14 -13.28 -55.25
CA LYS E 103 -13.85 -13.36 -56.54
C LYS E 103 -15.19 -14.09 -56.41
N LEU E 104 -16.25 -13.51 -56.99
CA LEU E 104 -17.58 -14.07 -57.02
C LEU E 104 -17.97 -14.57 -58.41
N GLU E 105 -18.50 -15.81 -58.49
CA GLU E 105 -18.82 -16.49 -59.74
C GLU E 105 -20.22 -17.08 -59.69
N LEU E 106 -20.89 -17.13 -60.84
CA LEU E 106 -22.13 -17.88 -60.98
C LEU E 106 -21.88 -19.37 -61.26
N LYS E 107 -22.67 -20.22 -60.61
CA LYS E 107 -22.77 -21.64 -61.01
C LYS E 107 -24.17 -21.99 -61.48
N GLU F 1 1.22 -30.66 22.82
CA GLU F 1 -0.03 -31.39 22.77
C GLU F 1 -1.16 -30.54 23.37
N VAL F 2 -2.27 -30.45 22.66
CA VAL F 2 -3.41 -29.63 23.06
C VAL F 2 -4.69 -30.40 22.78
N LYS F 3 -5.75 -30.06 23.54
CA LYS F 3 -7.03 -30.72 23.43
C LYS F 3 -8.16 -29.72 23.65
N LEU F 4 -9.30 -30.02 23.04
CA LEU F 4 -10.53 -29.26 23.23
C LEU F 4 -11.67 -30.22 23.59
N VAL F 5 -12.49 -29.82 24.56
CA VAL F 5 -13.62 -30.60 25.01
C VAL F 5 -14.90 -29.78 24.85
N GLU F 6 -16.00 -30.49 24.61
CA GLU F 6 -17.11 -29.94 23.82
C GLU F 6 -18.41 -30.66 24.16
N SER F 7 -19.43 -29.93 24.61
CA SER F 7 -20.55 -30.57 25.31
C SER F 7 -21.84 -29.77 25.17
N GLY F 8 -22.96 -30.43 25.49
CA GLY F 8 -24.30 -29.85 25.44
C GLY F 8 -25.23 -30.36 24.37
N GLY F 9 -24.79 -31.31 23.54
CA GLY F 9 -25.62 -31.81 22.46
C GLY F 9 -26.87 -32.52 22.93
N GLY F 10 -27.81 -32.70 22.00
CA GLY F 10 -29.08 -33.39 22.28
C GLY F 10 -30.17 -33.10 21.25
N LEU F 11 -31.41 -33.09 21.73
CA LEU F 11 -32.61 -32.85 20.94
C LEU F 11 -33.37 -31.61 21.37
N VAL F 12 -33.85 -30.82 20.42
CA VAL F 12 -34.63 -29.62 20.68
C VAL F 12 -35.81 -29.52 19.72
N LYS F 13 -36.91 -28.91 20.21
CA LYS F 13 -38.08 -28.61 19.39
C LYS F 13 -37.81 -27.40 18.50
N PRO F 14 -38.27 -27.44 17.25
CA PRO F 14 -38.28 -26.23 16.42
C PRO F 14 -38.82 -25.03 17.17
N GLY F 15 -38.18 -23.87 16.96
CA GLY F 15 -38.46 -22.69 17.71
C GLY F 15 -37.91 -22.66 19.12
N GLY F 16 -37.30 -23.75 19.58
CA GLY F 16 -36.64 -23.79 20.87
C GLY F 16 -35.27 -23.15 20.88
N SER F 17 -34.60 -23.27 22.03
CA SER F 17 -33.30 -22.64 22.25
C SER F 17 -32.39 -23.57 23.04
N LEU F 18 -31.08 -23.35 22.89
CA LEU F 18 -30.08 -24.14 23.61
C LEU F 18 -28.78 -23.35 23.73
N LYS F 19 -28.05 -23.59 24.82
CA LYS F 19 -26.66 -23.16 24.98
C LYS F 19 -25.72 -24.36 24.90
N LEU F 20 -24.75 -24.30 23.99
CA LEU F 20 -23.61 -25.23 23.94
C LEU F 20 -22.39 -24.66 24.67
N SER F 21 -21.51 -25.56 25.10
CA SER F 21 -20.35 -25.17 25.91
C SER F 21 -19.10 -25.90 25.45
N CYS F 22 -17.95 -25.24 25.67
CA CYS F 22 -16.64 -25.82 25.37
C CYS F 22 -15.60 -25.32 26.38
N ALA F 23 -14.59 -26.17 26.63
CA ALA F 23 -13.47 -25.79 27.48
C ALA F 23 -12.16 -26.24 26.86
N ALA F 24 -11.07 -25.57 27.25
CA ALA F 24 -9.78 -25.71 26.58
C ALA F 24 -8.67 -26.11 27.55
N SER F 25 -7.69 -26.84 27.02
CA SER F 25 -6.58 -27.35 27.79
C SER F 25 -5.30 -27.43 26.98
N GLY F 26 -4.18 -27.32 27.68
CA GLY F 26 -2.86 -27.45 27.10
C GLY F 26 -2.21 -26.17 26.60
N PHE F 27 -2.93 -25.06 26.56
CA PHE F 27 -2.35 -23.82 26.07
C PHE F 27 -3.01 -22.63 26.75
N THR F 28 -2.28 -21.53 26.78
CA THR F 28 -2.81 -20.29 27.32
C THR F 28 -3.94 -19.78 26.44
N PHE F 29 -5.04 -19.37 27.07
CA PHE F 29 -6.28 -19.16 26.34
C PHE F 29 -6.66 -17.71 26.12
N THR F 30 -6.06 -16.77 26.84
CA THR F 30 -6.42 -15.37 26.63
C THR F 30 -5.93 -14.79 25.33
N ASN F 31 -5.06 -15.47 24.60
CA ASN F 31 -4.43 -14.91 23.41
C ASN F 31 -4.69 -15.75 22.18
N TYR F 32 -5.88 -16.29 22.05
CA TYR F 32 -6.32 -16.89 20.80
C TYR F 32 -7.76 -16.52 20.47
N ALA F 33 -8.00 -16.28 19.19
CA ALA F 33 -9.35 -16.26 18.65
C ALA F 33 -9.94 -17.67 18.54
N MET F 34 -11.27 -17.75 18.52
CA MET F 34 -11.98 -19.01 18.45
C MET F 34 -13.13 -18.91 17.46
N SER F 35 -13.60 -20.06 16.98
CA SER F 35 -14.63 -20.08 15.95
C SER F 35 -15.47 -21.36 16.02
N TRP F 36 -16.65 -21.32 15.37
CA TRP F 36 -17.56 -22.46 15.27
C TRP F 36 -17.93 -22.78 13.82
N VAL F 37 -18.00 -24.08 13.49
CA VAL F 37 -18.40 -24.56 12.17
C VAL F 37 -19.39 -25.70 12.31
N ARG F 38 -20.20 -25.90 11.27
CA ARG F 38 -21.20 -26.97 11.24
C ARG F 38 -20.99 -27.90 10.06
N GLN F 39 -21.38 -29.17 10.27
CA GLN F 39 -21.36 -30.22 9.27
C GLN F 39 -22.70 -30.94 9.23
N THR F 40 -23.16 -31.30 8.04
CA THR F 40 -24.51 -31.76 7.79
C THR F 40 -24.46 -33.06 6.99
N PRO F 41 -25.53 -33.85 7.00
CA PRO F 41 -25.51 -35.10 6.22
C PRO F 41 -25.31 -34.92 4.72
N GLU F 42 -25.55 -33.74 4.18
CA GLU F 42 -25.12 -33.49 2.81
C GLU F 42 -23.61 -33.28 2.72
N LYS F 43 -22.92 -33.32 3.87
CA LYS F 43 -21.46 -33.25 4.03
C LYS F 43 -20.84 -31.91 3.60
N ARG F 44 -21.62 -30.85 3.45
CA ARG F 44 -21.09 -29.53 3.08
C ARG F 44 -20.90 -28.70 4.35
N LEU F 45 -19.68 -28.22 4.56
CA LEU F 45 -19.34 -27.43 5.74
C LEU F 45 -19.83 -25.99 5.62
N GLU F 46 -20.07 -25.35 6.78
CA GLU F 46 -20.37 -23.93 6.86
C GLU F 46 -19.69 -23.32 8.08
N TRP F 47 -19.24 -22.07 7.94
CA TRP F 47 -18.79 -21.29 9.08
C TRP F 47 -19.96 -20.71 9.86
N VAL F 48 -19.86 -20.77 11.19
CA VAL F 48 -20.97 -20.32 12.01
C VAL F 48 -20.72 -18.97 12.68
N ALA F 49 -19.64 -18.86 13.44
CA ALA F 49 -19.36 -17.62 14.17
C ALA F 49 -17.90 -17.59 14.59
N SER F 50 -17.41 -16.38 14.83
CA SER F 50 -16.05 -16.23 15.31
C SER F 50 -15.95 -15.05 16.27
N ILE F 51 -14.95 -15.10 17.13
CA ILE F 51 -14.72 -14.08 18.15
C ILE F 51 -13.24 -13.77 18.28
N SER F 52 -12.91 -12.49 18.39
CA SER F 52 -11.54 -12.02 18.51
C SER F 52 -10.95 -12.25 19.89
N SER F 53 -9.66 -11.94 20.03
CA SER F 53 -9.13 -11.71 21.36
C SER F 53 -9.71 -10.44 21.93
N GLY F 54 -10.08 -9.51 21.07
CA GLY F 54 -11.08 -8.55 21.47
C GLY F 54 -12.41 -9.23 21.64
N HIS F 55 -13.12 -8.86 22.69
CA HIS F 55 -14.45 -9.44 22.88
C HIS F 55 -15.40 -8.85 21.85
N THR F 56 -15.24 -9.23 20.58
CA THR F 56 -16.12 -8.80 19.52
C THR F 56 -16.41 -9.96 18.58
N PRO F 57 -17.63 -10.06 18.10
CA PRO F 57 -18.03 -11.17 17.23
C PRO F 57 -17.92 -10.85 15.74
N TYR F 58 -18.11 -11.91 14.94
CA TYR F 58 -18.54 -11.79 13.55
C TYR F 58 -19.57 -12.87 13.25
N TYR F 59 -20.53 -12.55 12.38
CA TYR F 59 -21.58 -13.49 12.00
C TYR F 59 -21.88 -13.40 10.51
N PRO F 60 -22.30 -14.51 9.89
CA PRO F 60 -22.90 -14.45 8.57
C PRO F 60 -24.36 -14.09 8.63
N ASP F 61 -24.83 -13.36 7.61
CA ASP F 61 -26.22 -12.94 7.54
C ASP F 61 -27.21 -14.09 7.43
N SER F 62 -26.77 -15.30 7.10
CA SER F 62 -27.68 -16.44 7.11
C SER F 62 -28.31 -16.72 8.47
N VAL F 63 -27.71 -16.26 9.56
CA VAL F 63 -28.23 -16.56 10.89
C VAL F 63 -28.16 -15.34 11.80
N LYS F 64 -27.75 -14.20 11.28
CA LYS F 64 -27.57 -13.01 12.09
C LYS F 64 -28.81 -12.68 12.91
N GLY F 65 -28.58 -12.40 14.20
CA GLY F 65 -29.63 -12.13 15.14
C GLY F 65 -30.23 -13.34 15.80
N ARG F 66 -30.11 -14.52 15.21
CA ARG F 66 -30.61 -15.71 15.88
C ARG F 66 -29.68 -16.21 16.97
N PHE F 67 -28.36 -16.11 16.79
CA PHE F 67 -27.39 -16.69 17.71
C PHE F 67 -26.58 -15.59 18.39
N THR F 68 -25.81 -15.97 19.41
CA THR F 68 -24.72 -15.13 19.92
C THR F 68 -23.53 -15.99 20.37
N ILE F 69 -22.35 -15.43 20.19
CA ILE F 69 -21.10 -16.03 20.67
C ILE F 69 -20.49 -15.15 21.75
N SER F 70 -19.88 -15.78 22.76
CA SER F 70 -19.04 -15.04 23.69
C SER F 70 -18.05 -15.96 24.39
N ARG F 71 -17.01 -15.37 24.93
CA ARG F 71 -16.04 -16.08 25.75
C ARG F 71 -16.18 -15.71 27.22
N ASP F 72 -15.60 -16.54 28.08
CA ASP F 72 -15.35 -16.20 29.49
C ASP F 72 -13.94 -16.66 29.87
N ASN F 73 -12.99 -15.73 29.81
CA ASN F 73 -11.60 -16.00 30.11
C ASN F 73 -11.33 -16.28 31.58
N ALA F 74 -12.28 -16.05 32.48
CA ALA F 74 -12.09 -16.45 33.87
C ALA F 74 -12.18 -17.96 34.06
N ARG F 75 -12.73 -18.69 33.11
CA ARG F 75 -12.87 -20.13 33.21
C ARG F 75 -12.29 -20.85 32.01
N ASN F 76 -11.77 -20.13 31.02
CA ASN F 76 -11.29 -20.69 29.76
C ASN F 76 -12.40 -21.45 29.03
N ILE F 77 -13.55 -20.80 28.88
CA ILE F 77 -14.75 -21.45 28.36
C ILE F 77 -15.32 -20.62 27.22
N LEU F 78 -15.96 -21.29 26.26
CA LEU F 78 -16.81 -20.67 25.26
C LEU F 78 -18.29 -20.98 25.53
N PHE F 79 -19.15 -19.99 25.30
CA PHE F 79 -20.58 -20.21 25.24
C PHE F 79 -21.12 -19.87 23.87
N LEU F 80 -21.86 -20.80 23.27
CA LEU F 80 -22.57 -20.61 22.02
C LEU F 80 -24.07 -20.75 22.27
N GLN F 81 -24.80 -19.66 22.07
CA GLN F 81 -26.21 -19.56 22.41
C GLN F 81 -27.06 -19.41 21.15
N MET F 82 -28.10 -20.25 21.00
CA MET F 82 -28.98 -20.19 19.83
C MET F 82 -30.44 -20.08 20.24
N SER F 83 -31.18 -19.24 19.53
CA SER F 83 -32.62 -19.07 19.71
C SER F 83 -33.37 -19.29 18.41
N SER F 84 -34.58 -19.82 18.52
CA SER F 84 -35.42 -20.19 17.37
C SER F 84 -34.69 -21.09 16.38
N LEU F 85 -34.22 -22.22 16.90
CA LEU F 85 -33.64 -23.26 16.06
C LEU F 85 -34.62 -23.73 15.00
N ARG F 86 -34.08 -24.11 13.84
CA ARG F 86 -34.86 -24.51 12.69
C ARG F 86 -34.20 -25.74 12.08
N SER F 87 -35.00 -26.52 11.33
CA SER F 87 -34.61 -27.86 10.93
C SER F 87 -33.25 -27.89 10.23
N GLU F 88 -32.98 -26.90 9.38
CA GLU F 88 -31.70 -26.82 8.70
C GLU F 88 -30.50 -26.80 9.64
N ASP F 89 -30.66 -26.29 10.85
CA ASP F 89 -29.55 -26.24 11.80
C ASP F 89 -29.14 -27.60 12.36
N THR F 90 -29.91 -28.66 12.11
CA THR F 90 -29.55 -29.99 12.58
C THR F 90 -28.24 -30.47 11.99
N ALA F 91 -27.26 -30.73 12.86
CA ALA F 91 -25.89 -30.84 12.39
C ALA F 91 -24.98 -31.46 13.45
N MET F 92 -23.78 -31.83 12.99
CA MET F 92 -22.57 -31.91 13.80
C MET F 92 -21.89 -30.56 13.85
N TYR F 93 -21.47 -30.14 15.06
CA TYR F 93 -20.73 -28.90 15.27
C TYR F 93 -19.33 -29.16 15.81
N TYR F 94 -18.40 -28.28 15.45
CA TYR F 94 -17.04 -28.27 15.98
C TYR F 94 -16.63 -26.87 16.41
N CYS F 95 -15.98 -26.75 17.57
CA CYS F 95 -15.16 -25.60 17.92
C CYS F 95 -13.74 -25.73 17.35
N ALA F 96 -13.08 -24.58 17.18
CA ALA F 96 -11.70 -24.58 16.69
C ALA F 96 -10.94 -23.32 17.14
N ARG F 97 -9.61 -23.42 17.11
CA ARG F 97 -8.70 -22.36 17.54
C ARG F 97 -8.05 -21.60 16.39
N GLY F 98 -7.95 -20.27 16.54
CA GLY F 98 -7.06 -19.44 15.74
C GLY F 98 -5.58 -19.53 16.11
N ASP F 99 -4.83 -18.48 15.75
CA ASP F 99 -3.38 -18.47 15.87
C ASP F 99 -2.86 -17.35 16.79
N TYR F 100 -1.53 -17.16 16.78
CA TYR F 100 -0.81 -16.39 17.79
C TYR F 100 -1.35 -14.99 18.03
N TYR F 101 -2.14 -14.44 17.13
CA TYR F 101 -2.50 -13.04 17.26
C TYR F 101 -4.00 -12.90 17.22
N GLY F 102 -4.47 -11.79 17.78
CA GLY F 102 -5.86 -11.65 18.15
C GLY F 102 -6.85 -11.67 17.01
N SER F 103 -6.40 -11.57 15.78
CA SER F 103 -7.35 -11.43 14.68
C SER F 103 -8.05 -12.73 14.36
N VAL F 104 -9.28 -12.59 13.86
CA VAL F 104 -9.95 -13.71 13.21
C VAL F 104 -9.34 -14.05 11.88
N TYR F 105 -8.63 -13.11 11.26
CA TYR F 105 -8.10 -13.38 9.94
C TYR F 105 -6.91 -14.32 10.01
N SER F 106 -7.19 -15.62 9.92
CA SER F 106 -6.16 -16.64 9.84
C SER F 106 -6.79 -17.91 9.33
N ALA F 107 -5.96 -18.84 8.87
CA ALA F 107 -6.36 -20.24 8.89
C ALA F 107 -6.50 -20.73 10.34
N MET F 108 -7.06 -21.93 10.49
CA MET F 108 -7.46 -22.44 11.79
C MET F 108 -6.83 -23.81 12.08
N ASP F 109 -6.38 -24.00 13.32
CA ASP F 109 -5.37 -25.02 13.65
C ASP F 109 -5.93 -26.37 14.10
N TYR F 110 -6.58 -26.40 15.25
CA TYR F 110 -6.98 -27.62 15.94
C TYR F 110 -8.49 -27.66 16.14
N TRP F 111 -9.04 -28.87 16.21
CA TRP F 111 -10.47 -29.05 16.09
C TRP F 111 -11.01 -29.93 17.22
N GLY F 112 -12.21 -29.57 17.70
CA GLY F 112 -12.89 -30.31 18.74
C GLY F 112 -13.27 -31.73 18.35
N GLN F 113 -13.66 -32.50 19.37
CA GLN F 113 -14.13 -33.86 19.16
C GLN F 113 -15.43 -33.94 18.38
N GLY F 114 -16.21 -32.87 18.34
CA GLY F 114 -17.53 -32.86 17.74
C GLY F 114 -18.66 -33.20 18.71
N THR F 115 -19.79 -32.52 18.59
CA THR F 115 -21.03 -32.87 19.29
C THR F 115 -22.22 -32.58 18.39
N SER F 116 -23.30 -33.33 18.57
CA SER F 116 -24.42 -33.33 17.64
C SER F 116 -25.64 -32.61 18.22
N LEU F 117 -26.35 -31.88 17.36
CA LEU F 117 -27.60 -31.22 17.71
C LEU F 117 -28.66 -31.56 16.68
N THR F 118 -29.85 -31.94 17.15
CA THR F 118 -30.93 -32.45 16.31
C THR F 118 -32.23 -31.70 16.56
N VAL F 119 -32.95 -31.37 15.49
CA VAL F 119 -34.14 -30.55 15.54
C VAL F 119 -35.34 -31.35 15.05
N SER F 120 -36.36 -31.48 15.89
CA SER F 120 -37.59 -32.21 15.52
C SER F 120 -38.79 -31.84 16.39
N GLU G 1 -21.07 -12.65 -1.24
CA GLU G 1 -20.53 -13.91 -0.76
C GLU G 1 -19.74 -14.59 -1.88
N ILE G 2 -18.43 -14.66 -1.72
CA ILE G 2 -17.57 -15.25 -2.72
C ILE G 2 -17.80 -16.75 -2.77
N ARG G 3 -17.75 -17.33 -3.97
CA ARG G 3 -17.93 -18.76 -4.18
C ARG G 3 -16.67 -19.38 -4.75
N MET G 4 -16.43 -20.65 -4.39
CA MET G 4 -15.20 -21.33 -4.77
C MET G 4 -15.48 -22.81 -5.04
N THR G 5 -14.69 -23.42 -5.93
CA THR G 5 -15.05 -24.72 -6.51
C THR G 5 -13.81 -25.58 -6.81
N GLN G 6 -14.04 -26.91 -6.86
CA GLN G 6 -13.01 -27.93 -7.05
C GLN G 6 -13.34 -28.87 -8.20
N SER G 7 -12.31 -29.29 -8.96
CA SER G 7 -12.57 -30.04 -10.20
C SER G 7 -13.04 -31.49 -9.99
N PRO G 8 -12.29 -32.36 -9.30
CA PRO G 8 -12.81 -33.72 -9.08
C PRO G 8 -13.90 -33.75 -8.03
N SER G 9 -15.05 -34.30 -8.38
CA SER G 9 -16.11 -34.44 -7.39
C SER G 9 -15.87 -35.64 -6.49
N SER G 10 -15.88 -36.84 -7.08
CA SER G 10 -15.41 -38.05 -6.42
C SER G 10 -14.55 -38.81 -7.41
N MET G 11 -13.42 -39.34 -6.95
CA MET G 11 -12.42 -39.86 -7.88
C MET G 11 -11.73 -41.09 -7.28
N TYR G 12 -11.48 -42.09 -8.12
CA TYR G 12 -10.69 -43.24 -7.75
C TYR G 12 -9.22 -43.02 -8.07
N ALA G 13 -8.36 -43.67 -7.29
CA ALA G 13 -6.92 -43.59 -7.48
C ALA G 13 -6.25 -44.92 -7.15
N SER G 14 -4.97 -45.02 -7.49
CA SER G 14 -4.15 -46.19 -7.25
C SER G 14 -3.03 -45.88 -6.28
N LEU G 15 -2.64 -46.88 -5.49
CA LEU G 15 -1.56 -46.69 -4.52
C LEU G 15 -0.24 -46.36 -5.24
N GLY G 16 0.49 -45.39 -4.68
CA GLY G 16 1.71 -44.86 -5.27
C GLY G 16 1.52 -43.86 -6.40
N GLU G 17 0.30 -43.59 -6.82
CA GLU G 17 0.00 -42.62 -7.86
C GLU G 17 0.14 -41.19 -7.36
N ARG G 18 0.45 -40.27 -8.29
CA ARG G 18 0.34 -38.83 -8.02
C ARG G 18 -1.04 -38.32 -8.40
N VAL G 19 -1.62 -37.50 -7.52
CA VAL G 19 -3.01 -37.05 -7.61
C VAL G 19 -3.07 -35.56 -7.33
N THR G 20 -3.92 -34.84 -8.06
CA THR G 20 -3.98 -33.39 -7.95
C THR G 20 -5.42 -32.91 -7.88
N VAL G 21 -5.72 -32.02 -6.95
CA VAL G 21 -7.02 -31.34 -6.94
C VAL G 21 -6.80 -29.86 -7.27
N THR G 22 -7.27 -29.47 -8.43
CA THR G 22 -7.39 -28.06 -8.81
C THR G 22 -8.52 -27.38 -8.06
N CYS G 23 -8.30 -26.14 -7.65
CA CYS G 23 -9.35 -25.29 -7.10
C CYS G 23 -9.37 -23.94 -7.81
N LYS G 24 -10.57 -23.43 -8.06
CA LYS G 24 -10.77 -22.19 -8.80
C LYS G 24 -11.65 -21.24 -8.02
N ALA G 25 -11.29 -19.96 -7.99
CA ALA G 25 -11.97 -18.96 -7.20
C ALA G 25 -12.51 -17.84 -8.07
N SER G 26 -13.60 -17.21 -7.60
CA SER G 26 -14.28 -16.18 -8.36
C SER G 26 -13.56 -14.83 -8.34
N GLN G 27 -12.61 -14.63 -7.43
CA GLN G 27 -11.78 -13.44 -7.46
C GLN G 27 -10.40 -13.82 -6.95
N ASP G 28 -9.43 -12.91 -7.11
CA ASP G 28 -8.11 -13.09 -6.54
C ASP G 28 -8.17 -13.06 -5.01
N ILE G 29 -7.81 -14.17 -4.37
CA ILE G 29 -7.84 -14.29 -2.91
C ILE G 29 -6.47 -14.15 -2.26
N ASN G 30 -5.47 -13.66 -3.00
CA ASN G 30 -4.16 -13.29 -2.46
C ASN G 30 -3.50 -14.37 -1.60
N SER G 31 -3.67 -15.62 -1.98
CA SER G 31 -3.09 -16.78 -1.29
C SER G 31 -3.50 -16.98 0.17
N TYR G 32 -4.56 -16.33 0.67
CA TYR G 32 -5.10 -16.73 1.97
C TYR G 32 -5.95 -18.00 1.83
N LEU G 33 -5.31 -19.09 1.40
CA LEU G 33 -6.00 -20.33 1.08
C LEU G 33 -5.37 -21.53 1.80
N SER G 34 -6.22 -22.40 2.34
CA SER G 34 -5.79 -23.51 3.19
C SER G 34 -6.50 -24.81 2.81
N TRP G 35 -5.90 -25.94 3.22
CA TRP G 35 -6.40 -27.29 2.89
C TRP G 35 -6.49 -28.20 4.10
N LEU G 36 -7.65 -28.85 4.27
CA LEU G 36 -7.99 -29.69 5.40
C LEU G 36 -8.33 -31.10 4.94
N GLN G 37 -8.00 -32.09 5.77
CA GLN G 37 -8.29 -33.48 5.49
C GLN G 37 -9.12 -34.09 6.61
N GLN G 38 -9.97 -35.06 6.26
CA GLN G 38 -10.72 -35.84 7.24
C GLN G 38 -10.70 -37.31 6.88
N LYS G 39 -10.78 -38.15 7.90
CA LYS G 39 -11.04 -39.57 7.78
C LYS G 39 -12.21 -39.96 8.66
N PRO G 40 -12.99 -40.95 8.26
CA PRO G 40 -14.26 -41.23 8.96
C PRO G 40 -14.06 -41.62 10.41
N GLY G 41 -15.06 -41.29 11.22
CA GLY G 41 -15.02 -41.51 12.65
C GLY G 41 -14.18 -40.54 13.43
N LYS G 42 -13.66 -39.50 12.80
CA LYS G 42 -12.76 -38.56 13.46
C LYS G 42 -13.06 -37.12 13.04
N SER G 43 -12.63 -36.20 13.89
CA SER G 43 -12.65 -34.78 13.61
C SER G 43 -11.61 -34.41 12.54
N PRO G 44 -11.86 -33.36 11.77
CA PRO G 44 -10.91 -32.94 10.73
C PRO G 44 -9.51 -32.65 11.24
N LYS G 45 -8.56 -32.64 10.29
CA LYS G 45 -7.17 -32.27 10.52
C LYS G 45 -6.69 -31.25 9.47
N THR G 46 -5.97 -30.23 9.94
CA THR G 46 -5.38 -29.22 9.06
C THR G 46 -3.98 -29.62 8.61
N LEU G 47 -3.70 -29.43 7.31
CA LEU G 47 -2.38 -29.68 6.77
C LEU G 47 -1.73 -28.44 6.15
N ILE G 48 -2.45 -27.68 5.33
CA ILE G 48 -1.89 -26.54 4.63
C ILE G 48 -2.56 -25.27 5.10
N TYR G 49 -1.78 -24.29 5.57
CA TYR G 49 -2.38 -23.07 6.11
C TYR G 49 -2.10 -21.84 5.27
N ARG G 50 -0.98 -21.80 4.55
CA ARG G 50 -0.85 -20.97 3.37
C ARG G 50 -0.23 -21.84 2.29
N ALA G 51 -0.42 -21.45 1.04
CA ALA G 51 0.16 -22.20 -0.05
C ALA G 51 1.64 -22.47 0.17
N ASN G 52 1.98 -23.74 0.17
CA ASN G 52 3.29 -24.24 0.58
C ASN G 52 3.76 -23.68 1.93
N ARG G 53 2.87 -23.69 2.90
CA ARG G 53 3.25 -23.69 4.32
C ARG G 53 2.57 -24.83 5.05
N LEU G 54 3.34 -25.55 5.88
CA LEU G 54 2.88 -26.78 6.51
C LEU G 54 2.89 -26.65 8.03
N PHE G 55 1.95 -27.33 8.68
CA PHE G 55 2.05 -27.56 10.12
C PHE G 55 3.15 -28.56 10.45
N ASP G 56 3.55 -28.53 11.71
CA ASP G 56 4.46 -29.53 12.24
C ASP G 56 3.86 -30.92 12.14
N GLY G 57 4.68 -31.89 11.72
CA GLY G 57 4.28 -33.27 11.61
C GLY G 57 3.47 -33.62 10.38
N VAL G 58 3.23 -32.68 9.49
CA VAL G 58 2.60 -33.01 8.21
C VAL G 58 3.53 -33.88 7.38
N PRO G 59 3.05 -34.96 6.79
CA PRO G 59 3.90 -35.78 5.91
C PRO G 59 4.41 -34.99 4.72
N SER G 60 5.71 -35.15 4.43
CA SER G 60 6.38 -34.39 3.38
C SER G 60 5.80 -34.62 1.98
N ARG G 61 5.05 -35.69 1.79
CA ARG G 61 4.41 -35.95 0.49
C ARG G 61 3.35 -34.91 0.11
N PHE G 62 2.82 -34.16 1.06
CA PHE G 62 1.88 -33.10 0.74
C PHE G 62 2.60 -31.86 0.20
N SER G 63 1.99 -31.20 -0.78
CA SER G 63 2.44 -29.90 -1.27
C SER G 63 1.26 -29.20 -1.95
N GLY G 64 1.42 -27.90 -2.18
CA GLY G 64 0.40 -27.17 -2.90
C GLY G 64 0.75 -25.75 -3.28
N SER G 65 0.46 -25.36 -4.53
CA SER G 65 0.96 -24.12 -5.09
C SER G 65 -0.04 -23.49 -6.03
N GLY G 66 0.15 -22.19 -6.24
CA GLY G 66 -0.66 -21.42 -7.14
C GLY G 66 -0.55 -19.94 -6.84
N SER G 67 -1.29 -19.15 -7.62
CA SER G 67 -1.38 -17.72 -7.42
C SER G 67 -2.73 -17.20 -7.91
N GLY G 68 -3.10 -16.04 -7.45
CA GLY G 68 -4.33 -15.41 -7.90
C GLY G 68 -5.57 -16.22 -7.59
N GLN G 69 -6.29 -16.63 -8.63
CA GLN G 69 -7.60 -17.24 -8.45
C GLN G 69 -7.62 -18.72 -8.80
N ASP G 70 -6.48 -19.31 -9.14
CA ASP G 70 -6.41 -20.75 -9.36
C ASP G 70 -5.30 -21.32 -8.49
N TYR G 71 -5.58 -22.46 -7.87
CA TYR G 71 -4.58 -23.11 -7.03
C TYR G 71 -4.60 -24.61 -7.22
N SER G 72 -3.54 -25.25 -6.75
CA SER G 72 -3.41 -26.70 -6.79
C SER G 72 -2.93 -27.23 -5.46
N LEU G 73 -3.56 -28.32 -5.00
CA LEU G 73 -3.03 -29.20 -3.97
C LEU G 73 -2.56 -30.50 -4.60
N THR G 74 -1.40 -30.98 -4.19
CA THR G 74 -0.73 -32.08 -4.87
C THR G 74 -0.14 -33.08 -3.89
N ILE G 75 -0.10 -34.34 -4.30
CA ILE G 75 0.60 -35.40 -3.57
C ILE G 75 1.39 -36.24 -4.56
N SER G 76 2.65 -36.52 -4.21
CA SER G 76 3.54 -37.26 -5.11
C SER G 76 3.27 -38.77 -5.12
N SER G 77 2.75 -39.34 -4.02
CA SER G 77 2.50 -40.77 -3.92
C SER G 77 1.44 -41.00 -2.85
N LEU G 78 0.28 -41.51 -3.26
CA LEU G 78 -0.79 -41.85 -2.35
C LEU G 78 -0.41 -42.93 -1.35
N GLU G 79 -0.90 -42.77 -0.12
CA GLU G 79 -0.75 -43.73 0.97
C GLU G 79 -2.12 -43.99 1.58
N TYR G 80 -2.43 -45.27 1.84
CA TYR G 80 -3.76 -45.65 2.32
C TYR G 80 -4.14 -44.98 3.62
N GLU G 81 -3.20 -44.85 4.56
CA GLU G 81 -3.49 -44.10 5.79
C GLU G 81 -3.81 -42.64 5.52
N ASP G 82 -3.25 -42.08 4.47
CA ASP G 82 -3.51 -40.68 4.16
C ASP G 82 -4.78 -40.46 3.34
N MET G 83 -5.31 -41.51 2.70
CA MET G 83 -6.54 -41.37 1.91
C MET G 83 -7.77 -41.09 2.77
N GLY G 84 -8.67 -40.27 2.23
CA GLY G 84 -9.95 -39.95 2.84
C GLY G 84 -10.75 -38.90 2.10
N ILE G 85 -11.05 -37.79 2.78
CA ILE G 85 -11.81 -36.67 2.22
C ILE G 85 -10.97 -35.40 2.33
N PHE G 86 -11.03 -34.56 1.30
CA PHE G 86 -10.30 -33.29 1.29
C PHE G 86 -11.24 -32.09 1.11
N TYR G 87 -10.89 -30.98 1.78
CA TYR G 87 -11.58 -29.69 1.64
C TYR G 87 -10.57 -28.57 1.49
N CYS G 88 -10.83 -27.66 0.56
CA CYS G 88 -10.17 -26.35 0.52
C CYS G 88 -10.96 -25.31 1.30
N LEU G 89 -10.24 -24.29 1.81
CA LEU G 89 -10.86 -23.30 2.69
C LEU G 89 -10.18 -21.95 2.51
N GLN G 90 -10.90 -20.97 1.95
CA GLN G 90 -10.40 -19.61 1.85
C GLN G 90 -10.79 -18.80 3.08
N TYR G 91 -9.98 -17.78 3.37
CA TYR G 91 -10.26 -16.94 4.53
C TYR G 91 -9.88 -15.48 4.34
N ASP G 92 -9.99 -14.94 3.13
CA ASP G 92 -9.72 -13.51 2.99
C ASP G 92 -10.87 -12.63 3.41
N GLU G 93 -12.04 -12.87 2.87
CA GLU G 93 -13.16 -11.95 2.98
C GLU G 93 -13.87 -12.04 4.31
N PHE G 94 -14.69 -11.04 4.56
CA PHE G 94 -15.51 -10.98 5.78
C PHE G 94 -16.37 -12.23 5.96
N PRO G 95 -17.15 -12.70 4.98
CA PRO G 95 -17.77 -14.03 5.10
C PRO G 95 -16.84 -15.15 4.66
N PHE G 96 -16.41 -15.96 5.61
CA PHE G 96 -15.61 -17.14 5.32
C PHE G 96 -16.43 -18.20 4.59
N THR G 97 -15.79 -18.93 3.68
CA THR G 97 -16.47 -20.02 2.99
C THR G 97 -15.55 -21.20 2.71
N PHE G 98 -16.09 -22.42 2.83
CA PHE G 98 -15.44 -23.62 2.36
C PHE G 98 -15.67 -23.83 0.87
N GLY G 99 -14.84 -24.69 0.27
CA GLY G 99 -15.19 -25.29 -1.01
C GLY G 99 -16.29 -26.34 -1.00
N SER G 100 -16.31 -27.20 -2.03
CA SER G 100 -17.27 -28.30 -2.09
C SER G 100 -16.93 -29.43 -1.12
N GLY G 101 -15.67 -29.76 -0.98
CA GLY G 101 -15.27 -31.11 -0.58
C GLY G 101 -15.11 -32.05 -1.77
N THR G 102 -14.16 -32.97 -1.64
CA THR G 102 -13.93 -34.00 -2.65
C THR G 102 -13.57 -35.34 -2.00
N LYS G 103 -13.93 -36.44 -2.69
CA LYS G 103 -13.80 -37.80 -2.17
C LYS G 103 -12.78 -38.61 -2.98
N LEU G 104 -11.99 -39.43 -2.28
CA LEU G 104 -10.99 -40.29 -2.90
C LEU G 104 -11.11 -41.73 -2.37
N GLU G 105 -11.01 -42.72 -3.29
CA GLU G 105 -10.99 -44.14 -2.96
C GLU G 105 -9.86 -44.87 -3.69
N LEU G 106 -9.22 -45.80 -2.97
CA LEU G 106 -8.20 -46.68 -3.53
C LEU G 106 -8.86 -47.86 -4.24
N LYS G 107 -8.71 -47.92 -5.57
CA LYS G 107 -9.34 -48.97 -6.37
C LYS G 107 -8.72 -50.33 -6.10
N GLU H 1 14.70 -16.04 -20.82
CA GLU H 1 15.33 -17.02 -21.70
C GLU H 1 16.85 -16.96 -21.55
N VAL H 2 17.34 -17.51 -20.45
CA VAL H 2 18.74 -17.41 -20.06
C VAL H 2 19.61 -18.14 -21.08
N LYS H 3 20.65 -17.47 -21.58
CA LYS H 3 21.70 -18.09 -22.37
C LYS H 3 23.06 -17.63 -21.87
N LEU H 4 24.03 -18.56 -21.81
CA LEU H 4 25.29 -18.29 -21.14
C LEU H 4 26.42 -19.12 -21.75
N VAL H 5 27.47 -18.47 -22.24
CA VAL H 5 28.39 -19.04 -23.24
C VAL H 5 29.85 -18.86 -22.82
N GLU H 6 30.64 -19.93 -22.97
CA GLU H 6 32.07 -20.09 -22.69
C GLU H 6 32.93 -19.59 -23.85
N SER H 7 34.18 -19.22 -23.54
CA SER H 7 35.20 -19.08 -24.60
C SER H 7 36.61 -19.00 -24.01
N GLY H 8 37.53 -19.78 -24.57
CA GLY H 8 38.96 -19.52 -24.45
C GLY H 8 39.86 -20.47 -23.64
N GLY H 9 39.45 -21.71 -23.39
CA GLY H 9 40.31 -22.66 -22.73
C GLY H 9 41.51 -23.07 -23.55
N GLY H 10 42.37 -23.89 -22.92
CA GLY H 10 43.55 -24.43 -23.60
C GLY H 10 44.69 -24.99 -22.75
N LEU H 11 45.93 -24.77 -23.19
CA LEU H 11 47.14 -25.21 -22.50
C LEU H 11 48.11 -24.04 -22.35
N VAL H 12 48.67 -23.86 -21.16
CA VAL H 12 49.70 -22.85 -20.94
C VAL H 12 50.81 -23.41 -20.06
N LYS H 13 52.04 -22.98 -20.36
CA LYS H 13 53.22 -23.37 -19.59
C LYS H 13 53.22 -22.74 -18.20
N PRO H 14 53.72 -23.44 -17.19
CA PRO H 14 53.91 -22.81 -15.88
C PRO H 14 54.64 -21.48 -15.97
N GLY H 15 54.20 -20.53 -15.15
CA GLY H 15 54.72 -19.18 -15.17
C GLY H 15 54.25 -18.29 -16.30
N GLY H 16 53.34 -18.76 -17.14
CA GLY H 16 52.71 -17.93 -18.14
C GLY H 16 51.60 -17.06 -17.59
N SER H 17 50.77 -16.55 -18.51
CA SER H 17 49.59 -15.78 -18.16
C SER H 17 48.52 -15.97 -19.24
N LEU H 18 47.27 -15.71 -18.88
CA LEU H 18 46.13 -16.13 -19.69
C LEU H 18 44.92 -15.26 -19.35
N LYS H 19 43.93 -15.21 -20.25
CA LYS H 19 42.58 -14.77 -19.86
C LYS H 19 41.48 -15.57 -20.55
N LEU H 20 40.34 -15.66 -19.87
CA LEU H 20 39.13 -16.33 -20.32
C LEU H 20 37.97 -15.35 -20.44
N SER H 21 37.00 -15.65 -21.30
CA SER H 21 35.87 -14.76 -21.54
C SER H 21 34.56 -15.53 -21.66
N CYS H 22 33.47 -14.93 -21.16
CA CYS H 22 32.12 -15.46 -21.33
C CYS H 22 31.13 -14.37 -21.74
N ALA H 23 30.13 -14.80 -22.53
CA ALA H 23 29.05 -13.96 -23.03
C ALA H 23 27.70 -14.53 -22.64
N ALA H 24 26.73 -13.64 -22.44
CA ALA H 24 25.42 -14.05 -21.96
C ALA H 24 24.36 -13.16 -22.58
N SER H 25 23.12 -13.66 -22.60
CA SER H 25 22.01 -12.89 -23.14
C SER H 25 20.70 -13.39 -22.54
N GLY H 26 19.65 -12.59 -22.74
CA GLY H 26 18.34 -12.88 -22.21
C GLY H 26 17.98 -12.12 -20.95
N PHE H 27 18.87 -11.30 -20.42
CA PHE H 27 18.58 -10.48 -19.26
C PHE H 27 19.47 -9.24 -19.28
N THR H 28 18.99 -8.16 -18.68
CA THR H 28 19.76 -6.92 -18.65
C THR H 28 20.96 -7.06 -17.72
N PHE H 29 22.15 -7.12 -18.31
CA PHE H 29 23.31 -7.64 -17.62
C PHE H 29 23.75 -6.79 -16.44
N THR H 30 23.46 -5.51 -16.43
CA THR H 30 23.90 -4.69 -15.30
C THR H 30 23.11 -4.88 -14.02
N ASN H 31 22.00 -5.61 -14.03
CA ASN H 31 21.26 -5.83 -12.81
C ASN H 31 21.57 -7.16 -12.15
N TYR H 32 22.63 -7.84 -12.55
CA TYR H 32 22.98 -9.13 -11.98
C TYR H 32 24.46 -9.17 -11.63
N ALA H 33 24.88 -10.29 -11.03
CA ALA H 33 26.23 -10.47 -10.54
C ALA H 33 26.69 -11.88 -10.87
N MET H 34 28.00 -12.09 -10.85
CA MET H 34 28.58 -13.24 -11.53
C MET H 34 29.63 -13.93 -10.67
N SER H 35 29.90 -15.19 -11.00
CA SER H 35 30.82 -16.03 -10.26
C SER H 35 31.59 -16.96 -11.20
N TRP H 36 32.76 -17.43 -10.76
CA TRP H 36 33.53 -18.46 -11.44
C TRP H 36 33.80 -19.64 -10.53
N VAL H 37 33.61 -20.85 -11.03
CA VAL H 37 33.72 -22.08 -10.25
C VAL H 37 34.56 -23.07 -11.03
N ARG H 38 35.41 -23.84 -10.34
CA ARG H 38 36.22 -24.87 -11.01
C ARG H 38 35.98 -26.26 -10.43
N GLN H 39 36.03 -27.25 -11.32
CA GLN H 39 35.84 -28.67 -11.00
C GLN H 39 37.10 -29.45 -11.33
N THR H 40 37.71 -30.06 -10.31
CA THR H 40 38.99 -30.73 -10.49
C THR H 40 38.83 -32.02 -11.28
N PRO H 41 39.94 -32.59 -11.75
CA PRO H 41 39.89 -33.93 -12.34
C PRO H 41 39.35 -34.99 -11.39
N GLU H 42 39.53 -34.82 -10.08
CA GLU H 42 38.93 -35.72 -9.12
C GLU H 42 37.43 -35.46 -8.94
N LYS H 43 36.90 -34.44 -9.63
CA LYS H 43 35.50 -34.02 -9.59
C LYS H 43 35.08 -33.38 -8.27
N ARG H 44 36.03 -32.96 -7.44
CA ARG H 44 35.75 -32.04 -6.36
C ARG H 44 35.48 -30.64 -6.91
N LEU H 45 34.82 -29.80 -6.12
CA LEU H 45 34.43 -28.46 -6.53
C LEU H 45 35.14 -27.40 -5.69
N GLU H 46 35.50 -26.27 -6.31
CA GLU H 46 36.10 -25.15 -5.61
C GLU H 46 35.57 -23.83 -6.18
N TRP H 47 35.09 -22.94 -5.32
CA TRP H 47 34.77 -21.56 -5.71
C TRP H 47 36.04 -20.74 -5.84
N VAL H 48 36.18 -19.97 -6.93
CA VAL H 48 37.40 -19.22 -7.18
C VAL H 48 37.20 -17.71 -7.23
N ALA H 49 36.07 -17.22 -7.75
CA ALA H 49 35.88 -15.78 -7.70
C ALA H 49 34.42 -15.39 -7.90
N SER H 50 34.08 -14.21 -7.39
CA SER H 50 32.80 -13.59 -7.70
C SER H 50 32.94 -12.08 -7.65
N ILE H 51 32.02 -11.39 -8.33
CA ILE H 51 32.04 -9.95 -8.38
C ILE H 51 30.62 -9.42 -8.23
N SER H 52 30.43 -8.47 -7.33
CA SER H 52 29.13 -7.86 -7.12
C SER H 52 28.71 -7.04 -8.33
N SER H 53 27.40 -6.78 -8.41
CA SER H 53 26.96 -5.61 -9.13
C SER H 53 27.65 -4.39 -8.55
N GLY H 54 27.79 -3.38 -9.38
CA GLY H 54 28.92 -2.49 -9.19
C GLY H 54 30.16 -3.21 -9.66
N HIS H 55 31.26 -3.08 -8.92
CA HIS H 55 32.49 -3.72 -9.35
C HIS H 55 33.32 -4.32 -8.23
N THR H 56 32.81 -4.40 -7.03
CA THR H 56 33.59 -4.90 -5.91
C THR H 56 33.86 -6.40 -6.06
N PRO H 57 35.10 -6.84 -5.99
CA PRO H 57 35.41 -8.26 -6.08
C PRO H 57 35.57 -8.98 -4.75
N TYR H 58 35.60 -10.32 -4.73
CA TYR H 58 36.07 -11.09 -3.59
C TYR H 58 36.84 -12.33 -4.04
N TYR H 59 37.79 -12.77 -3.23
CA TYR H 59 38.58 -13.95 -3.56
C TYR H 59 38.89 -14.78 -2.32
N PRO H 60 39.10 -16.08 -2.47
CA PRO H 60 39.69 -16.89 -1.41
C PRO H 60 41.21 -16.86 -1.46
N ASP H 61 41.82 -17.26 -0.34
CA ASP H 61 43.28 -17.32 -0.25
C ASP H 61 43.92 -18.30 -1.22
N SER H 62 43.19 -19.31 -1.69
CA SER H 62 43.68 -20.19 -2.74
C SER H 62 44.11 -19.44 -3.99
N VAL H 63 43.62 -18.22 -4.17
CA VAL H 63 43.81 -17.48 -5.40
C VAL H 63 44.43 -16.11 -5.19
N LYS H 64 44.35 -15.56 -3.99
CA LYS H 64 44.63 -14.15 -3.69
C LYS H 64 45.83 -13.61 -4.43
N GLY H 65 45.57 -12.61 -5.26
CA GLY H 65 46.57 -11.96 -6.05
C GLY H 65 46.97 -12.68 -7.32
N ARG H 66 46.96 -14.01 -7.32
CA ARG H 66 47.44 -14.70 -8.50
C ARG H 66 46.55 -14.46 -9.72
N PHE H 67 45.23 -14.44 -9.56
CA PHE H 67 44.38 -14.15 -10.71
C PHE H 67 43.15 -13.35 -10.29
N THR H 68 42.50 -12.71 -11.28
CA THR H 68 41.67 -11.53 -11.07
C THR H 68 40.47 -11.49 -12.01
N ILE H 69 39.39 -10.84 -11.54
CA ILE H 69 38.08 -10.79 -12.17
C ILE H 69 37.71 -9.36 -12.55
N SER H 70 37.00 -9.20 -13.67
CA SER H 70 36.49 -7.89 -14.07
C SER H 70 35.29 -8.06 -15.00
N ARG H 71 34.50 -7.00 -15.14
CA ARG H 71 33.28 -7.04 -15.94
C ARG H 71 33.10 -5.76 -16.74
N ASP H 72 32.57 -5.90 -17.96
CA ASP H 72 32.28 -4.77 -18.85
C ASP H 72 30.78 -4.68 -19.16
N ASN H 73 30.14 -3.64 -18.62
CA ASN H 73 28.74 -3.37 -18.97
C ASN H 73 28.52 -3.09 -20.44
N ALA H 74 29.55 -2.67 -21.18
CA ALA H 74 29.36 -2.32 -22.58
C ALA H 74 29.12 -3.54 -23.47
N ARG H 75 29.88 -4.60 -23.28
CA ARG H 75 29.82 -5.75 -24.17
C ARG H 75 28.92 -6.87 -23.66
N ASN H 76 28.40 -6.76 -22.44
CA ASN H 76 27.79 -7.88 -21.73
C ASN H 76 28.76 -9.06 -21.61
N ILE H 77 29.99 -8.77 -21.19
CA ILE H 77 31.04 -9.77 -21.11
C ILE H 77 31.63 -9.82 -19.71
N LEU H 78 31.92 -11.02 -19.24
CA LEU H 78 32.67 -11.29 -18.03
C LEU H 78 34.06 -11.77 -18.39
N PHE H 79 35.07 -11.29 -17.67
CA PHE H 79 36.44 -11.73 -17.90
C PHE H 79 37.07 -12.29 -16.64
N LEU H 80 37.97 -13.26 -16.83
CA LEU H 80 38.85 -13.77 -15.78
C LEU H 80 40.28 -13.82 -16.33
N GLN H 81 41.20 -13.14 -15.66
CA GLN H 81 42.57 -13.01 -16.13
C GLN H 81 43.53 -13.56 -15.09
N MET H 82 44.47 -14.41 -15.53
CA MET H 82 45.27 -15.23 -14.64
C MET H 82 46.77 -15.04 -14.86
N SER H 83 47.53 -15.16 -13.77
CA SER H 83 48.97 -15.10 -13.83
C SER H 83 49.58 -16.14 -12.89
N SER H 84 50.81 -16.54 -13.19
CA SER H 84 51.56 -17.47 -12.35
C SER H 84 50.76 -18.73 -12.03
N LEU H 85 50.22 -19.34 -13.08
CA LEU H 85 49.47 -20.59 -12.95
C LEU H 85 50.34 -21.70 -12.38
N ARG H 86 49.77 -22.47 -11.45
CA ARG H 86 50.42 -23.65 -10.88
C ARG H 86 49.78 -24.91 -11.44
N SER H 87 50.41 -26.05 -11.15
CA SER H 87 49.89 -27.33 -11.62
C SER H 87 48.48 -27.62 -11.12
N GLU H 88 48.17 -27.24 -9.88
CA GLU H 88 46.82 -27.48 -9.36
C GLU H 88 45.75 -26.69 -10.11
N ASP H 89 46.13 -25.67 -10.86
CA ASP H 89 45.14 -24.85 -11.55
C ASP H 89 44.50 -25.54 -12.74
N THR H 90 44.99 -26.70 -13.18
CA THR H 90 44.29 -27.45 -14.22
C THR H 90 42.97 -28.03 -13.71
N ALA H 91 41.89 -27.70 -14.40
CA ALA H 91 40.54 -28.09 -14.01
C ALA H 91 39.59 -27.79 -15.16
N MET H 92 38.36 -28.30 -15.04
CA MET H 92 37.20 -27.70 -15.69
C MET H 92 36.77 -26.42 -14.97
N TYR H 93 36.38 -25.40 -15.74
CA TYR H 93 35.89 -24.14 -15.19
C TYR H 93 34.51 -23.81 -15.74
N TYR H 94 33.66 -23.21 -14.89
CA TYR H 94 32.37 -22.65 -15.31
C TYR H 94 32.20 -21.24 -14.74
N CYS H 95 31.67 -20.33 -15.55
CA CYS H 95 31.04 -19.13 -15.02
C CYS H 95 29.62 -19.42 -14.56
N ALA H 96 29.12 -18.62 -13.62
CA ALA H 96 27.76 -18.81 -13.10
C ALA H 96 27.14 -17.48 -12.70
N ARG H 97 25.81 -17.50 -12.66
CA ARG H 97 24.98 -16.30 -12.57
C ARG H 97 24.38 -16.10 -11.16
N GLY H 98 24.45 -14.87 -10.68
CA GLY H 98 23.96 -14.48 -9.37
C GLY H 98 22.47 -14.27 -9.22
N ASP H 99 22.05 -13.17 -8.60
CA ASP H 99 20.66 -13.05 -8.22
C ASP H 99 20.17 -11.60 -8.28
N TYR H 100 18.86 -11.49 -8.36
CA TYR H 100 18.12 -10.28 -8.73
C TYR H 100 18.50 -9.02 -7.95
N TYR H 101 19.00 -9.15 -6.74
CA TYR H 101 19.44 -7.98 -5.97
C TYR H 101 20.90 -7.60 -6.18
N GLY H 102 21.68 -8.47 -6.80
CA GLY H 102 23.05 -8.17 -7.15
C GLY H 102 24.10 -8.39 -6.07
N SER H 103 23.72 -8.68 -4.84
CA SER H 103 24.71 -9.08 -3.86
C SER H 103 25.25 -10.46 -4.20
N VAL H 104 26.51 -10.68 -3.88
CA VAL H 104 27.06 -12.03 -4.03
C VAL H 104 26.37 -13.01 -3.10
N TYR H 105 25.82 -12.53 -1.99
CA TYR H 105 25.18 -13.40 -1.01
C TYR H 105 23.87 -13.96 -1.55
N SER H 106 23.99 -15.05 -2.33
CA SER H 106 22.81 -15.78 -2.78
C SER H 106 23.24 -17.16 -3.26
N ALA H 107 22.27 -18.06 -3.34
CA ALA H 107 22.40 -19.19 -4.26
C ALA H 107 22.51 -18.74 -5.71
N MET H 108 22.92 -19.67 -6.57
CA MET H 108 23.26 -19.39 -7.95
C MET H 108 22.34 -20.16 -8.90
N ASP H 109 21.75 -19.46 -9.88
CA ASP H 109 20.61 -20.00 -10.62
C ASP H 109 20.95 -20.66 -11.97
N TYR H 110 22.04 -20.29 -12.65
CA TYR H 110 22.38 -20.95 -13.91
C TYR H 110 23.89 -21.04 -14.10
N TRP H 111 24.28 -21.97 -14.96
CA TRP H 111 25.68 -22.36 -15.13
C TRP H 111 26.05 -22.37 -16.61
N GLY H 112 27.24 -21.87 -16.93
CA GLY H 112 27.78 -21.95 -18.28
C GLY H 112 28.22 -23.35 -18.68
N GLN H 113 28.43 -23.54 -19.98
CA GLN H 113 28.88 -24.84 -20.48
C GLN H 113 30.33 -25.16 -20.15
N GLY H 114 31.15 -24.16 -19.87
CA GLY H 114 32.48 -24.37 -19.31
C GLY H 114 33.57 -24.89 -20.25
N THR H 115 34.82 -24.84 -19.80
CA THR H 115 35.97 -25.40 -20.53
C THR H 115 37.00 -25.94 -19.55
N SER H 116 37.78 -26.92 -20.00
CA SER H 116 39.02 -27.30 -19.35
C SER H 116 40.14 -26.29 -19.58
N LEU H 117 41.11 -26.32 -18.66
CA LEU H 117 42.41 -25.67 -18.82
C LEU H 117 43.52 -26.59 -18.33
N THR H 118 44.65 -26.62 -19.05
CA THR H 118 45.71 -27.62 -18.83
C THR H 118 47.09 -26.98 -18.77
N VAL H 119 48.02 -27.67 -18.11
CA VAL H 119 49.34 -27.16 -17.75
C VAL H 119 50.39 -28.26 -17.88
N SER H 120 51.58 -27.90 -18.35
CA SER H 120 52.74 -28.80 -18.39
C SER H 120 54.07 -28.04 -18.40
N GLU I 1 36.65 -21.16 8.24
CA GLU I 1 35.96 -21.74 7.10
C GLU I 1 34.92 -22.76 7.54
N ILE I 2 33.73 -22.65 6.96
CA ILE I 2 32.67 -23.62 7.20
C ILE I 2 33.00 -24.94 6.51
N ARG I 3 33.18 -25.98 7.29
CA ARG I 3 33.26 -27.35 6.79
C ARG I 3 31.88 -27.99 6.77
N MET I 4 31.63 -28.81 5.74
CA MET I 4 30.44 -29.67 5.70
C MET I 4 30.83 -31.06 5.21
N THR I 5 29.98 -32.02 5.48
CA THR I 5 30.12 -33.36 4.91
C THR I 5 28.77 -33.94 4.52
N GLN I 6 28.72 -34.53 3.33
CA GLN I 6 27.58 -35.33 2.88
C GLN I 6 27.79 -36.77 3.34
N SER I 7 26.96 -37.23 4.30
CA SER I 7 27.29 -38.45 5.03
C SER I 7 27.27 -39.72 4.17
N PRO I 8 26.19 -40.06 3.43
CA PRO I 8 26.24 -41.27 2.61
C PRO I 8 27.07 -41.07 1.36
N SER I 9 28.25 -41.70 1.33
CA SER I 9 29.19 -41.51 0.22
C SER I 9 28.58 -41.91 -1.12
N SER I 10 27.93 -43.07 -1.17
CA SER I 10 27.16 -43.48 -2.34
C SER I 10 25.98 -44.33 -1.91
N MET I 11 24.95 -44.37 -2.76
CA MET I 11 23.77 -45.20 -2.50
C MET I 11 23.26 -45.83 -3.80
N TYR I 12 22.68 -47.02 -3.66
CA TYR I 12 22.07 -47.77 -4.75
C TYR I 12 20.55 -47.79 -4.59
N ALA I 13 19.83 -47.37 -5.64
CA ALA I 13 18.41 -47.06 -5.53
C ALA I 13 17.67 -47.46 -6.81
N SER I 14 16.33 -47.47 -6.73
CA SER I 14 15.49 -47.91 -7.83
C SER I 14 14.30 -46.97 -8.02
N LEU I 15 13.68 -47.08 -9.19
CA LEU I 15 12.48 -46.31 -9.54
C LEU I 15 11.39 -46.45 -8.48
N GLY I 16 10.80 -45.30 -8.10
CA GLY I 16 9.79 -45.24 -7.06
C GLY I 16 10.30 -45.09 -5.64
N GLU I 17 11.60 -45.25 -5.43
CA GLU I 17 12.19 -45.23 -4.10
C GLU I 17 12.25 -43.82 -3.51
N ARG I 18 12.24 -43.75 -2.19
CA ARG I 18 12.58 -42.56 -1.43
C ARG I 18 14.06 -42.61 -1.06
N VAL I 19 14.77 -41.51 -1.32
CA VAL I 19 16.18 -41.38 -0.98
C VAL I 19 16.39 -40.08 -0.22
N THR I 20 17.21 -40.13 0.85
CA THR I 20 17.27 -39.07 1.85
C THR I 20 18.72 -38.73 2.20
N VAL I 21 19.46 -38.20 1.22
CA VAL I 21 20.83 -37.77 1.47
C VAL I 21 20.85 -36.64 2.49
N THR I 22 21.74 -36.76 3.47
CA THR I 22 21.83 -35.78 4.56
C THR I 22 23.23 -35.18 4.67
N CYS I 23 23.26 -33.94 5.15
CA CYS I 23 24.50 -33.18 5.34
C CYS I 23 24.55 -32.57 6.73
N LYS I 24 25.76 -32.44 7.26
CA LYS I 24 26.02 -31.80 8.54
C LYS I 24 27.09 -30.74 8.38
N ALA I 25 26.91 -29.61 9.08
CA ALA I 25 27.80 -28.46 8.97
C ALA I 25 28.51 -28.16 10.28
N SER I 26 29.62 -27.43 10.18
CA SER I 26 30.40 -27.03 11.34
C SER I 26 29.84 -25.81 12.07
N GLN I 27 28.82 -25.15 11.51
CA GLN I 27 28.24 -23.96 12.10
C GLN I 27 26.75 -24.01 11.87
N ASP I 28 25.97 -23.43 12.77
CA ASP I 28 24.54 -23.26 12.49
C ASP I 28 24.30 -22.05 11.59
N ILE I 29 24.49 -22.29 10.29
CA ILE I 29 24.12 -21.35 9.25
C ILE I 29 22.62 -21.09 9.27
N ASN I 30 22.23 -19.90 8.84
CA ASN I 30 20.80 -19.56 8.79
C ASN I 30 20.07 -20.17 7.60
N SER I 31 20.30 -21.45 7.34
CA SER I 31 19.69 -22.18 6.22
C SER I 31 20.03 -21.62 4.84
N TYR I 32 21.11 -20.86 4.71
CA TYR I 32 21.59 -20.41 3.41
C TYR I 32 22.29 -21.56 2.67
N LEU I 33 21.50 -22.58 2.32
CA LEU I 33 22.04 -23.84 1.83
C LEU I 33 21.26 -24.31 0.61
N SER I 34 21.95 -24.97 -0.32
CA SER I 34 21.37 -25.31 -1.61
C SER I 34 21.92 -26.64 -2.11
N TRP I 35 21.12 -27.32 -2.94
CA TRP I 35 21.47 -28.63 -3.50
C TRP I 35 21.60 -28.60 -5.02
N LEU I 36 22.74 -29.08 -5.51
CA LEU I 36 23.08 -29.11 -6.93
C LEU I 36 23.16 -30.53 -7.45
N GLN I 37 22.69 -30.75 -8.67
CA GLN I 37 22.75 -32.04 -9.34
C GLN I 37 23.61 -31.92 -10.60
N GLN I 38 24.38 -32.96 -10.89
CA GLN I 38 25.06 -33.06 -12.19
C GLN I 38 24.93 -34.46 -12.76
N LYS I 39 24.63 -34.54 -14.07
CA LYS I 39 24.55 -35.69 -14.97
C LYS I 39 25.80 -35.75 -15.84
N PRO I 40 26.37 -36.93 -16.03
CA PRO I 40 27.69 -37.03 -16.70
C PRO I 40 27.74 -36.36 -18.06
N GLY I 41 28.74 -35.50 -18.23
CA GLY I 41 28.97 -34.75 -19.46
C GLY I 41 28.16 -33.49 -19.65
N LYS I 42 27.23 -33.19 -18.77
CA LYS I 42 26.39 -32.00 -18.88
C LYS I 42 26.85 -30.93 -17.92
N SER I 43 26.34 -29.71 -18.13
CA SER I 43 26.52 -28.68 -17.12
C SER I 43 25.65 -28.98 -15.89
N PRO I 44 26.15 -28.68 -14.69
CA PRO I 44 25.34 -28.87 -13.48
C PRO I 44 24.06 -28.05 -13.48
N LYS I 45 23.13 -28.46 -12.61
CA LYS I 45 21.81 -27.84 -12.48
C LYS I 45 21.49 -27.54 -11.02
N THR I 46 20.88 -26.39 -10.77
CA THR I 46 20.44 -26.00 -9.43
C THR I 46 18.94 -26.23 -9.25
N LEU I 47 18.57 -26.96 -8.20
CA LEU I 47 17.17 -27.24 -7.90
C LEU I 47 16.65 -26.51 -6.67
N ILE I 48 17.22 -26.79 -5.50
CA ILE I 48 16.76 -26.20 -4.24
C ILE I 48 17.75 -25.11 -3.80
N TYR I 49 17.23 -23.91 -3.55
CA TYR I 49 18.08 -22.73 -3.43
C TYR I 49 18.11 -22.11 -2.04
N ARG I 50 16.97 -21.88 -1.41
CA ARG I 50 16.93 -21.87 0.06
C ARG I 50 16.49 -23.23 0.56
N ALA I 51 16.76 -23.47 1.85
CA ALA I 51 16.85 -24.83 2.34
C ALA I 51 15.63 -25.68 2.05
N ASN I 52 14.46 -25.09 1.84
CA ASN I 52 13.37 -25.80 1.19
C ASN I 52 12.61 -24.88 0.24
N ARG I 53 13.28 -24.41 -0.81
CA ARG I 53 12.63 -23.59 -1.82
C ARG I 53 13.16 -23.96 -3.20
N LEU I 54 12.26 -23.92 -4.19
CA LEU I 54 12.46 -24.60 -5.46
C LEU I 54 12.22 -23.66 -6.64
N PHE I 55 13.11 -23.74 -7.63
CA PHE I 55 13.02 -22.89 -8.81
C PHE I 55 11.77 -23.11 -9.63
N ASP I 56 11.48 -22.12 -10.47
CA ASP I 56 10.43 -22.24 -11.46
C ASP I 56 10.70 -23.42 -12.40
N GLY I 57 9.64 -24.12 -12.77
CA GLY I 57 9.69 -25.20 -13.74
C GLY I 57 10.31 -26.52 -13.33
N VAL I 58 11.05 -26.55 -12.25
CA VAL I 58 11.70 -27.79 -11.82
C VAL I 58 10.66 -28.80 -11.36
N PRO I 59 10.78 -30.07 -11.73
CA PRO I 59 9.78 -31.07 -11.35
C PRO I 59 9.62 -31.21 -9.84
N SER I 60 8.40 -31.52 -9.41
CA SER I 60 7.98 -31.48 -8.02
C SER I 60 8.51 -32.61 -7.15
N ARG I 61 9.19 -33.60 -7.71
CA ARG I 61 9.54 -34.79 -6.93
C ARG I 61 10.54 -34.53 -5.80
N PHE I 62 11.28 -33.43 -5.83
CA PHE I 62 12.22 -33.09 -4.76
C PHE I 62 11.59 -32.22 -3.68
N SER I 63 12.12 -32.34 -2.44
CA SER I 63 12.02 -31.28 -1.45
C SER I 63 13.21 -31.35 -0.48
N GLY I 64 13.49 -30.20 0.17
CA GLY I 64 14.54 -30.08 1.15
C GLY I 64 14.04 -30.01 2.59
N SER I 65 14.96 -30.19 3.53
CA SER I 65 14.59 -30.16 4.94
C SER I 65 15.81 -29.95 5.83
N GLY I 66 15.56 -29.50 7.06
CA GLY I 66 16.58 -29.33 8.07
C GLY I 66 16.51 -27.99 8.77
N SER I 67 17.45 -27.76 9.67
CA SER I 67 17.60 -26.51 10.41
C SER I 67 18.98 -26.46 11.04
N GLY I 68 19.40 -25.24 11.38
CA GLY I 68 20.65 -25.05 12.09
C GLY I 68 21.83 -25.64 11.34
N GLN I 69 22.35 -26.75 11.83
CA GLN I 69 23.50 -27.41 11.22
C GLN I 69 23.16 -28.79 10.68
N ASP I 70 21.89 -29.19 10.69
CA ASP I 70 21.43 -30.49 10.23
C ASP I 70 20.43 -30.33 9.09
N TYR I 71 20.70 -30.95 7.94
CA TYR I 71 19.82 -30.84 6.78
C TYR I 71 19.81 -32.14 6.01
N SER I 72 18.75 -32.36 5.23
CA SER I 72 18.74 -33.45 4.26
C SER I 72 17.85 -33.13 3.07
N LEU I 73 18.20 -33.74 1.93
CA LEU I 73 17.42 -33.70 0.71
C LEU I 73 16.65 -35.01 0.54
N THR I 74 15.34 -34.92 0.33
CA THR I 74 14.51 -36.08 -0.01
C THR I 74 14.00 -36.00 -1.43
N ILE I 75 14.14 -37.09 -2.17
CA ILE I 75 13.37 -37.32 -3.38
C ILE I 75 12.22 -38.27 -3.05
N SER I 76 10.99 -37.78 -3.21
CA SER I 76 9.82 -38.55 -2.77
C SER I 76 9.56 -39.79 -3.62
N SER I 77 10.09 -39.83 -4.85
CA SER I 77 9.96 -41.03 -5.68
C SER I 77 10.98 -40.90 -6.81
N LEU I 78 11.98 -41.77 -6.80
CA LEU I 78 13.08 -41.70 -7.77
C LEU I 78 12.62 -42.10 -9.17
N GLU I 79 13.18 -41.42 -10.17
CA GLU I 79 12.91 -41.68 -11.57
C GLU I 79 14.22 -41.61 -12.38
N TYR I 80 14.21 -42.24 -13.55
CA TYR I 80 15.43 -42.48 -14.31
C TYR I 80 16.19 -41.21 -14.66
N GLU I 81 15.49 -40.10 -14.81
CA GLU I 81 16.08 -38.84 -15.24
C GLU I 81 17.00 -38.20 -14.21
N ASP I 82 17.14 -38.77 -13.01
CA ASP I 82 17.76 -38.05 -11.90
C ASP I 82 18.94 -38.75 -11.21
N MET I 83 19.35 -39.94 -11.65
CA MET I 83 20.60 -40.50 -11.13
C MET I 83 21.80 -39.61 -11.47
N GLY I 84 22.88 -39.79 -10.71
CA GLY I 84 24.13 -39.07 -10.92
C GLY I 84 24.78 -38.52 -9.67
N ILE I 85 25.20 -37.26 -9.70
CA ILE I 85 25.91 -36.62 -8.60
C ILE I 85 25.00 -35.63 -7.88
N PHE I 86 25.13 -35.59 -6.56
CA PHE I 86 24.66 -34.46 -5.75
C PHE I 86 25.81 -33.77 -5.02
N TYR I 87 25.74 -32.45 -4.94
CA TYR I 87 26.62 -31.62 -4.15
C TYR I 87 25.84 -30.71 -3.23
N CYS I 88 26.37 -30.47 -2.03
CA CYS I 88 25.71 -29.68 -1.00
C CYS I 88 26.45 -28.35 -0.84
N LEU I 89 25.82 -27.27 -1.30
CA LEU I 89 26.44 -25.96 -1.33
C LEU I 89 25.92 -25.08 -0.21
N GLN I 90 26.83 -24.46 0.55
CA GLN I 90 26.48 -23.43 1.52
C GLN I 90 27.12 -22.11 1.14
N TYR I 91 26.46 -21.01 1.47
CA TYR I 91 26.89 -19.69 1.03
C TYR I 91 26.76 -18.64 2.13
N ASP I 92 27.01 -19.02 3.38
CA ASP I 92 26.79 -18.11 4.49
C ASP I 92 27.94 -17.15 4.74
N GLU I 93 29.17 -17.56 4.45
CA GLU I 93 30.34 -16.74 4.77
C GLU I 93 31.31 -16.76 3.60
N PHE I 94 32.16 -15.74 3.56
CA PHE I 94 33.01 -15.47 2.39
C PHE I 94 33.66 -16.69 1.76
N PRO I 95 34.33 -17.57 2.49
CA PRO I 95 34.76 -18.82 1.86
C PRO I 95 33.62 -19.79 1.64
N PHE I 96 32.98 -19.68 0.49
CA PHE I 96 32.00 -20.66 0.03
C PHE I 96 32.63 -22.05 0.02
N THR I 97 31.81 -23.08 0.28
CA THR I 97 32.28 -24.46 0.23
C THR I 97 31.19 -25.40 -0.26
N PHE I 98 31.62 -26.50 -0.88
CA PHE I 98 30.71 -27.47 -1.48
C PHE I 98 30.66 -28.81 -0.78
N GLY I 99 31.49 -29.03 0.23
CA GLY I 99 31.76 -30.38 0.71
C GLY I 99 32.27 -31.29 -0.40
N SER I 100 32.05 -32.59 -0.25
CA SER I 100 32.30 -33.56 -1.31
C SER I 100 31.02 -34.23 -1.79
N GLY I 101 30.81 -34.21 -3.10
CA GLY I 101 29.61 -34.79 -3.68
C GLY I 101 29.51 -36.29 -3.48
N THR I 102 28.30 -36.80 -3.68
CA THR I 102 27.96 -38.21 -3.43
C THR I 102 27.16 -38.76 -4.60
N LYS I 103 27.31 -40.06 -4.87
CA LYS I 103 26.76 -40.69 -6.07
C LYS I 103 25.51 -41.51 -5.76
N LEU I 104 24.46 -41.27 -6.54
CA LEU I 104 23.22 -42.05 -6.50
C LEU I 104 23.04 -42.76 -7.83
N GLU I 105 22.93 -44.09 -7.79
CA GLU I 105 22.92 -44.92 -8.98
C GLU I 105 21.74 -45.87 -8.99
N LEU I 106 21.15 -46.05 -10.18
CA LEU I 106 20.06 -47.02 -10.37
C LEU I 106 20.57 -48.44 -10.19
N LYS I 107 19.96 -49.18 -9.26
CA LYS I 107 20.43 -50.53 -8.94
C LYS I 107 19.59 -51.57 -9.67
C1 NAG J . -34.45 -11.13 28.44
C2 NAG J . -34.14 -12.44 27.70
C3 NAG J . -34.77 -13.62 28.42
C4 NAG J . -34.34 -13.63 29.88
C5 NAG J . -34.69 -12.31 30.54
C6 NAG J . -34.22 -12.21 31.98
C7 NAG J . -34.32 -13.24 25.38
C8 NAG J . -34.92 -12.99 24.04
N2 NAG J . -34.64 -12.36 26.33
O3 NAG J . -34.36 -14.84 27.81
O4 NAG J . -35.00 -14.69 30.56
O5 NAG J . -34.06 -11.25 29.82
O6 NAG J . -34.79 -11.09 32.64
O7 NAG J . -33.57 -14.18 25.59
C1 NAG K . 18.44 17.75 -59.28
C2 NAG K . 19.69 18.23 -60.00
C3 NAG K . 19.72 17.64 -61.39
C4 NAG K . 19.64 16.13 -61.34
C5 NAG K . 18.46 15.66 -60.47
C6 NAG K . 18.49 14.17 -60.21
C7 NAG K . 20.28 20.40 -59.06
C8 NAG K . 20.29 21.88 -59.26
N2 NAG K . 19.76 19.68 -60.04
O3 NAG K . 20.93 18.05 -62.03
O4 NAG K . 19.50 15.59 -62.65
O5 NAG K . 18.45 16.33 -59.20
O6 NAG K . 18.50 13.45 -61.43
O7 NAG K . 20.71 19.89 -58.03
C1 NAG L . 0.48 -20.86 75.23
C2 NAG L . -0.78 -21.02 76.05
C3 NAG L . -0.68 -22.28 76.90
C4 NAG L . -0.40 -23.48 76.01
C5 NAG L . 0.83 -23.24 75.15
C6 NAG L . 1.07 -24.35 74.16
C7 NAG L . -1.72 -18.80 76.51
C8 NAG L . -1.86 -17.70 77.52
N2 NAG L . -1.01 -19.86 76.90
O3 NAG L . -1.90 -22.45 77.59
O4 NAG L . -0.20 -24.65 76.81
O5 NAG L . 0.69 -22.01 74.41
O6 NAG L . 1.15 -25.61 74.82
O7 NAG L . -2.21 -18.72 75.38
#